data_2O32
#
_entry.id   2O32
#
_cell.length_a   1.000
_cell.length_b   1.000
_cell.length_c   1.000
_cell.angle_alpha   90.00
_cell.angle_beta   90.00
_cell.angle_gamma   90.00
#
_symmetry.space_group_name_H-M   'P 1'
#
_entity_poly.entity_id   1
_entity_poly.type   'polyribonucleotide'
_entity_poly.pdbx_seq_one_letter_code
;(PSU)CUC(OMG)(OMG)CC(PSU)UUU(OMG)GCUAA(OMG)A
;
_entity_poly.pdbx_strand_id   A
#
loop_
_chem_comp.id
_chem_comp.type
_chem_comp.name
_chem_comp.formula
A RNA linking ADENOSINE-5'-MONOPHOSPHATE 'C10 H14 N5 O7 P'
C RNA linking CYTIDINE-5'-MONOPHOSPHATE 'C9 H14 N3 O8 P'
G RNA linking GUANOSINE-5'-MONOPHOSPHATE 'C10 H14 N5 O8 P'
OMG RNA linking O2'-METHYLGUANOSINE-5'-MONOPHOSPHATE 'C11 H16 N5 O8 P'
PSU RNA linking PSEUDOURIDINE-5'-MONOPHOSPHATE 'C9 H13 N2 O9 P'
U RNA linking URIDINE-5'-MONOPHOSPHATE 'C9 H13 N2 O9 P'
#
# COMPACT_ATOMS: atom_id res chain seq x y z
N1 PSU A 1 8.23 0.15 -10.58
C2 PSU A 1 7.79 -1.13 -10.86
N3 PSU A 1 6.83 -1.21 -11.84
C4 PSU A 1 6.29 -0.16 -12.56
C5 PSU A 1 6.81 1.13 -12.21
C6 PSU A 1 7.74 1.24 -11.26
O2 PSU A 1 8.20 -2.12 -10.28
O4 PSU A 1 5.44 -0.39 -13.41
C1' PSU A 1 6.27 2.34 -12.96
C2' PSU A 1 5.07 2.98 -12.28
O2' PSU A 1 4.30 3.64 -13.26
C3' PSU A 1 5.75 3.97 -11.34
C4' PSU A 1 6.93 4.46 -12.17
O3' PSU A 1 4.88 5.04 -10.97
O4' PSU A 1 7.28 3.33 -13.02
C5' PSU A 1 8.14 4.87 -11.38
O5' PSU A 1 8.47 3.89 -10.40
HN1 PSU A 1 8.93 0.28 -9.88
HN3 PSU A 1 6.49 -2.12 -12.06
H6 PSU A 1 8.12 2.23 -11.00
H1' PSU A 1 6.05 2.05 -13.99
H2' PSU A 1 4.49 2.25 -11.71
HO2' PSU A 1 4.89 3.86 -13.98
H3' PSU A 1 6.07 3.51 -10.41
H4' PSU A 1 6.58 5.34 -12.73
H5' PSU A 1 8.98 5.01 -12.06
H5'' PSU A 1 7.93 5.82 -10.88
HO5' PSU A 1 7.94 4.07 -9.62
P OMG A 5 -7.04 0.19 -0.54
OP1 OMG A 5 -8.26 0.61 0.18
OP2 OMG A 5 -5.75 0.88 -0.27
O5' OMG A 5 -6.82 -1.38 -0.30
C5' OMG A 5 -7.56 -2.07 0.71
C4' OMG A 5 -7.05 -3.49 0.84
O4' OMG A 5 -6.10 -3.72 -0.24
C3' OMG A 5 -6.30 -3.79 2.12
O3' OMG A 5 -7.15 -4.34 3.12
C2' OMG A 5 -5.22 -4.78 1.68
O2' OMG A 5 -5.75 -6.08 1.54
CM2 OMG A 5 -4.82 -7.06 1.23
C1' OMG A 5 -4.89 -4.23 0.30
N9 OMG A 5 -3.90 -3.16 0.31
C8 OMG A 5 -4.12 -1.83 0.07
N7 OMG A 5 -3.04 -1.10 0.15
C5 OMG A 5 -2.04 -2.02 0.45
C6 OMG A 5 -0.65 -1.83 0.66
O6 OMG A 5 0.00 -0.77 0.62
N1 OMG A 5 0.00 -3.02 0.95
C2 OMG A 5 -0.61 -4.26 1.02
N2 OMG A 5 0.18 -5.29 1.30
N3 OMG A 5 -1.91 -4.45 0.82
C4 OMG A 5 -2.56 -3.30 0.55
H5' OMG A 5 -8.61 -2.08 0.45
H5'' OMG A 5 -7.44 -1.56 1.67
H4' OMG A 5 -7.92 -4.15 0.82
H3' OMG A 5 -5.87 -2.89 2.57
H2' OMG A 5 -4.36 -4.73 2.34
HM21 OMG A 5 -3.85 -6.83 1.65
HM22 OMG A 5 -4.70 -7.15 0.14
HM23 OMG A 5 -5.13 -8.04 1.60
H1' OMG A 5 -4.54 -5.02 -0.39
H8 OMG A 5 -5.10 -1.42 -0.14
HN1 OMG A 5 0.99 -3.00 1.11
HN21 OMG A 5 1.16 -5.14 1.45
HN22 OMG A 5 -0.21 -6.23 1.38
P OMG A 6 -6.67 -4.39 4.65
OP1 OMG A 6 -7.30 -5.58 5.30
OP2 OMG A 6 -6.89 -3.04 5.23
O5' OMG A 6 -5.10 -4.65 4.55
C5' OMG A 6 -4.57 -5.97 4.65
C4' OMG A 6 -3.13 -5.90 5.12
O4' OMG A 6 -2.30 -5.39 4.04
C3' OMG A 6 -2.85 -4.97 6.27
O3' OMG A 6 -3.12 -5.58 7.53
C2' OMG A 6 -1.38 -4.65 6.10
O2' OMG A 6 -0.56 -5.70 6.58
CM2 OMG A 6 0.81 -5.47 6.53
C1' OMG A 6 -1.26 -4.59 4.58
N9 OMG A 6 -1.39 -3.25 4.03
C8 OMG A 6 -2.53 -2.64 3.57
N7 OMG A 6 -2.32 -1.42 3.14
C5 OMG A 6 -0.98 -1.22 3.34
C6 OMG A 6 -0.16 -0.08 3.06
O6 OMG A 6 -0.50 1.01 2.58
N1 OMG A 6 1.17 -0.30 3.42
C2 OMG A 6 1.66 -1.45 3.97
N2 OMG A 6 2.97 -1.47 4.25
N3 OMG A 6 0.92 -2.52 4.22
C4 OMG A 6 -0.37 -2.33 3.88
H5' OMG A 6 -4.61 -6.46 3.69
H5'' OMG A 6 -5.15 -6.54 5.38
H4' OMG A 6 -2.85 -6.91 5.45
H3' OMG A 6 -3.48 -4.07 6.24
H2' OMG A 6 -1.12 -3.69 6.55
HM21 OMG A 6 1.33 -6.02 7.32
HM22 OMG A 6 1.23 -5.77 5.57
HM23 OMG A 6 1.02 -4.41 6.67
H1' OMG A 6 -0.32 -5.01 4.22
H8 OMG A 6 -3.49 -3.12 3.55
HN1 OMG A 6 1.83 0.45 3.27
HN21 OMG A 6 3.54 -0.65 4.04
HN22 OMG A 6 3.39 -2.30 4.65
N1 PSU A 9 -2.56 5.20 11.58
C2 PSU A 9 -3.16 5.68 10.44
N3 PSU A 9 -2.69 6.89 10.00
C4 PSU A 9 -1.70 7.66 10.58
C5 PSU A 9 -1.13 7.09 11.77
C6 PSU A 9 -1.56 5.91 12.22
O2 PSU A 9 -4.04 5.07 9.85
O4 PSU A 9 -1.38 8.73 10.07
C1' PSU A 9 -0.04 7.87 12.48
C2' PSU A 9 -0.55 8.63 13.71
O2' PSU A 9 0.15 9.85 13.81
C3' PSU A 9 -0.15 7.68 14.83
C4' PSU A 9 1.18 7.15 14.35
O3' PSU A 9 -0.04 8.34 16.08
O4' PSU A 9 0.97 6.97 12.93
C5' PSU A 9 1.62 5.84 14.96
O5' PSU A 9 0.52 4.95 15.08
P PSU A 9 0.46 3.86 16.24
OP1 PSU A 9 1.37 4.30 17.33
OP2 PSU A 9 -0.97 3.58 16.54
HN1 PSU A 9 -2.85 4.31 11.96
HN3 PSU A 9 -3.11 7.27 9.17
H6 PSU A 9 -1.11 5.49 13.11
H1' PSU A 9 0.44 8.54 11.77
H2' PSU A 9 -1.64 8.76 13.68
HO2' PSU A 9 0.70 9.93 13.03
H3' PSU A 9 -0.87 6.88 14.98
H4' PSU A 9 1.93 7.90 14.59
H5' PSU A 9 2.40 5.39 14.33
H5'' PSU A 9 2.04 6.05 15.95
P OMG A 13 -3.96 10.60 1.21
OP1 OMG A 13 -3.54 11.26 -0.05
OP2 OMG A 13 -4.20 9.13 1.21
O5' OMG A 13 -2.87 10.91 2.32
C5' OMG A 13 -1.90 11.95 2.13
C4' OMG A 13 -0.62 11.59 2.85
O4' OMG A 13 -0.94 11.20 4.21
C3' OMG A 13 0.14 10.41 2.27
O3' OMG A 13 1.03 10.81 1.23
C2' OMG A 13 0.88 9.87 3.48
O2' OMG A 13 2.01 10.67 3.78
CM2 OMG A 13 2.68 10.38 4.97
C1' OMG A 13 -0.16 10.07 4.57
N9 OMG A 13 -1.05 8.93 4.75
C8 OMG A 13 -2.21 8.66 4.07
N7 OMG A 13 -2.79 7.55 4.45
C5 OMG A 13 -1.96 7.06 5.45
C6 OMG A 13 -2.08 5.90 6.25
O6 OMG A 13 -2.96 5.03 6.24
N1 OMG A 13 -1.02 5.79 7.15
C2 OMG A 13 0.02 6.69 7.26
N2 OMG A 13 0.95 6.40 8.18
N3 OMG A 13 0.14 7.77 6.52
C4 OMG A 13 -0.88 7.90 5.65
H5' OMG A 13 -2.28 12.89 2.51
H5'' OMG A 13 -1.68 12.05 1.06
H4' OMG A 13 0.04 12.46 2.79
H3' OMG A 13 -0.53 9.67 1.83
H2' OMG A 13 1.14 8.82 3.35
HM21 OMG A 13 2.35 11.03 5.78
HM22 OMG A 13 3.76 10.53 4.85
HM23 OMG A 13 2.52 9.35 5.27
H1' OMG A 13 0.29 10.29 5.54
H8 OMG A 13 -2.59 9.29 3.28
HN1 OMG A 13 -1.00 5.00 7.76
HN21 OMG A 13 0.87 5.56 8.74
HN22 OMG A 13 1.74 7.02 8.30
P OMG A 19 3.48 -12.08 -7.79
OP1 OMG A 19 3.61 -13.56 -7.88
OP2 OMG A 19 4.70 -11.24 -7.65
O5' OMG A 19 2.68 -11.58 -9.08
C5' OMG A 19 1.59 -12.34 -9.60
C4' OMG A 19 0.80 -11.50 -10.57
O4' OMG A 19 0.39 -10.27 -9.90
C3' OMG A 19 1.55 -11.02 -11.80
O3' OMG A 19 1.52 -12.00 -12.84
C2' OMG A 19 0.81 -9.76 -12.18
O2' OMG A 19 -0.38 -10.05 -12.88
CM2 OMG A 19 -1.22 -8.98 -13.19
C1' OMG A 19 0.45 -9.19 -10.81
N9 OMG A 19 1.40 -8.21 -10.30
C8 OMG A 19 2.44 -8.44 -9.43
N7 OMG A 19 3.13 -7.37 -9.16
C5 OMG A 19 2.51 -6.37 -9.89
C6 OMG A 19 2.81 -4.99 -9.99
O6 OMG A 19 3.71 -4.35 -9.44
N1 OMG A 19 1.92 -4.34 -10.85
C2 OMG A 19 0.89 -4.93 -11.51
N2 OMG A 19 0.15 -4.13 -12.30
N3 OMG A 19 0.59 -6.22 -11.43
C4 OMG A 19 1.44 -6.87 -10.60
H5' OMG A 19 0.94 -12.66 -8.79
H5'' OMG A 19 1.97 -13.22 -10.11
H4' OMG A 19 -0.04 -12.11 -10.92
H3' OMG A 19 2.61 -10.84 -11.58
H2' OMG A 19 1.46 -9.07 -12.74
HM21 OMG A 19 -1.70 -9.11 -14.15
HM22 OMG A 19 -2.01 -8.87 -12.44
HM23 OMG A 19 -0.66 -8.04 -13.20
H1' OMG A 19 -0.54 -8.72 -10.81
H8 OMG A 19 2.66 -9.42 -9.03
HN1 OMG A 19 2.06 -3.34 -10.98
HN21 OMG A 19 0.36 -3.15 -12.36
HN22 OMG A 19 -0.63 -4.52 -12.81
N1 PSU A 1 8.04 -1.13 -11.18
C2 PSU A 1 7.61 -2.42 -11.47
N3 PSU A 1 6.78 -2.52 -12.56
C4 PSU A 1 6.35 -1.49 -13.37
C5 PSU A 1 6.84 -0.20 -13.00
C6 PSU A 1 7.64 -0.06 -11.95
O2 PSU A 1 7.93 -3.39 -10.81
O4 PSU A 1 5.60 -1.74 -14.32
C1' PSU A 1 6.40 1.00 -13.83
C2' PSU A 1 5.26 1.78 -13.19
O2' PSU A 1 4.44 2.30 -14.23
C3' PSU A 1 6.01 2.90 -12.48
C4' PSU A 1 7.17 3.18 -13.41
O3' PSU A 1 5.19 4.06 -12.30
O4' PSU A 1 7.50 1.89 -13.98
C5' PSU A 1 8.41 3.75 -12.75
O5' PSU A 1 8.69 3.05 -11.53
HN1 PSU A 1 8.65 -0.98 -10.38
HN3 PSU A 1 6.45 -3.45 -12.80
H6 PSU A 1 8.01 0.92 -11.67
H1' PSU A 1 6.14 0.65 -14.83
H2' PSU A 1 4.70 1.18 -12.48
HO2' PSU A 1 4.24 1.57 -14.81
H3' PSU A 1 6.34 2.62 -11.48
H4' PSU A 1 6.83 3.91 -14.15
H5' PSU A 1 9.26 3.64 -13.42
H5'' PSU A 1 8.25 4.80 -12.54
HO5' PSU A 1 8.02 3.32 -10.89
P OMG A 5 -6.78 -1.53 -2.65
OP1 OMG A 5 -8.10 -1.43 -2.00
OP2 OMG A 5 -5.68 -0.61 -2.25
O5' OMG A 5 -6.25 -3.03 -2.49
C5' OMG A 5 -7.03 -4.01 -1.82
C4' OMG A 5 -6.13 -5.08 -1.25
O4' OMG A 5 -4.87 -5.06 -1.97
C3' OMG A 5 -5.77 -4.90 0.21
O3' OMG A 5 -6.70 -5.53 1.07
C2' OMG A 5 -4.39 -5.54 0.29
O2' OMG A 5 -4.49 -6.96 0.33
CM2 OMG A 5 -3.36 -7.61 0.81
C1' OMG A 5 -3.80 -5.13 -1.05
N9 OMG A 5 -3.13 -3.83 -1.02
C8 OMG A 5 -3.51 -2.69 -1.68
N7 OMG A 5 -2.72 -1.67 -1.47
C5 OMG A 5 -1.75 -2.18 -0.61
C6 OMG A 5 -0.63 -1.54 -0.03
O6 OMG A 5 -0.25 -0.38 -0.16
N1 OMG A 5 0.10 -2.42 0.77
C2 OMG A 5 -0.23 -3.74 0.99
N2 OMG A 5 0.59 -4.42 1.81
N3 OMG A 5 -1.28 -4.34 0.46
C4 OMG A 5 -1.99 -3.50 -0.32
H5' OMG A 5 -7.74 -4.46 -2.53
H5'' OMG A 5 -7.59 -3.54 -1.02
H4' OMG A 5 -6.66 -6.03 -1.33
H3' OMG A 5 -5.76 -3.84 0.50
H2' OMG A 5 -3.81 -5.13 1.13
HM21 OMG A 5 -3.34 -8.65 0.46
HM22 OMG A 5 -3.36 -7.63 1.90
HM23 OMG A 5 -2.45 -7.12 0.47
H1' OMG A 5 -3.09 -5.86 -1.44
H8 OMG A 5 -4.38 -2.64 -2.33
HN1 OMG A 5 0.92 -2.07 1.24
HN21 OMG A 5 1.39 -3.97 2.22
HN22 OMG A 5 0.41 -5.40 2.01
P OMG A 6 -7.03 -4.88 2.51
OP1 OMG A 6 -7.94 -5.79 3.24
OP2 OMG A 6 -7.42 -3.46 2.29
O5' OMG A 6 -5.62 -4.90 3.26
C5' OMG A 6 -5.22 -6.01 4.05
C4' OMG A 6 -3.76 -5.89 4.42
O4' OMG A 6 -3.02 -5.38 3.28
C3' OMG A 6 -3.44 -4.91 5.53
O3' OMG A 6 -3.61 -5.49 6.82
C2' OMG A 6 -1.97 -4.57 5.26
O2' OMG A 6 -1.11 -5.59 5.73
CM2 OMG A 6 0.24 -5.31 5.62
C1' OMG A 6 -1.95 -4.57 3.72
N9 OMG A 6 -2.10 -3.24 3.14
C8 OMG A 6 -3.19 -2.74 2.48
N7 OMG A 6 -3.03 -1.52 2.06
C5 OMG A 6 -1.74 -1.19 2.48
C6 OMG A 6 -1.01 0.02 2.33
O6 OMG A 6 -1.35 1.07 1.77
N1 OMG A 6 0.25 -0.07 2.91
C2 OMG A 6 0.74 -1.18 3.55
N2 OMG A 6 1.99 -1.08 4.05
N3 OMG A 6 0.07 -2.31 3.71
C4 OMG A 6 -1.16 -2.24 3.15
H5' OMG A 6 -5.38 -6.93 3.50
H5'' OMG A 6 -5.81 -6.04 4.97
H4' OMG A 6 -3.43 -6.87 4.75
H3' OMG A 6 -4.08 -4.03 5.50
H2' OMG A 6 -1.73 -3.58 5.66
HM21 OMG A 6 0.44 -4.25 5.74
HM22 OMG A 6 0.82 -5.84 6.38
HM23 OMG A 6 0.64 -5.61 4.65
H1' OMG A 6 -1.03 -5.01 3.34
H8 OMG A 6 -4.09 -3.31 2.31
HN1 OMG A 6 0.85 0.73 2.85
HN21 OMG A 6 2.51 -0.21 3.93
HN22 OMG A 6 2.40 -1.86 4.54
N1 PSU A 9 -3.10 4.80 12.19
C2 PSU A 9 -3.84 5.36 11.17
N3 PSU A 9 -3.35 6.54 10.69
C4 PSU A 9 -2.23 7.23 11.12
C5 PSU A 9 -1.53 6.58 12.19
C6 PSU A 9 -1.97 5.42 12.67
O2 PSU A 9 -4.84 4.83 10.72
O4 PSU A 9 -1.92 8.28 10.59
C1' PSU A 9 -0.29 7.27 12.73
C2' PSU A 9 -0.59 8.17 13.94
O2' PSU A 9 0.09 9.41 13.73
C3' PSU A 9 0.02 7.40 15.10
C4' PSU A 9 1.19 6.67 14.45
O3' PSU A 9 0.47 8.26 16.14
O4' PSU A 9 0.64 6.28 13.16
C5' PSU A 9 1.69 5.46 15.18
O5' PSU A 9 0.62 4.54 15.39
P PSU A 9 0.77 3.32 16.41
OP1 PSU A 9 1.89 3.63 17.34
OP2 PSU A 9 -0.57 3.01 16.96
HN1 PSU A 9 -3.39 3.93 12.60
HN3 PSU A 9 -3.88 6.99 9.93
H6 PSU A 9 -1.42 4.94 13.49
H1' PSU A 9 0.20 7.81 11.93
H2' PSU A 9 -1.66 8.30 14.07
HO2' PSU A 9 -0.53 10.10 13.97
H3' PSU A 9 -0.68 6.70 15.55
H4' PSU A 9 2.02 7.38 14.37
H5' PSU A 9 2.48 4.97 14.59
H5'' PSU A 9 2.10 5.76 16.14
P OMG A 13 -5.72 11.36 3.52
OP1 OMG A 13 -6.32 12.70 3.77
OP2 OMG A 13 -5.79 10.78 2.16
O5' OMG A 13 -4.20 11.41 3.96
C5' OMG A 13 -3.39 12.54 3.66
C4' OMG A 13 -2.03 12.40 4.30
O4' OMG A 13 -2.22 12.04 5.70
C3' OMG A 13 -1.15 11.30 3.72
O3' OMG A 13 -0.34 11.78 2.66
C2' OMG A 13 -0.32 10.85 4.93
O2' OMG A 13 0.73 11.77 5.19
CM2 OMG A 13 1.47 11.54 6.34
C1' OMG A 13 -1.35 10.98 6.04
N9 OMG A 13 -2.17 9.77 6.23
C8 OMG A 13 -3.40 9.52 5.70
N7 OMG A 13 -3.88 8.35 6.05
C5 OMG A 13 -2.89 7.81 6.86
C6 OMG A 13 -2.83 6.57 7.54
O6 OMG A 13 -3.68 5.66 7.57
N1 OMG A 13 -1.64 6.42 8.24
C2 OMG A 13 -0.63 7.36 8.29
N2 OMG A 13 0.43 7.04 9.03
N3 OMG A 13 -0.68 8.52 7.67
C4 OMG A 13 -1.83 8.67 6.97
H5' OMG A 13 -3.87 13.46 4.02
H5'' OMG A 13 -3.25 12.63 2.58
H4' OMG A 13 -1.49 13.34 4.15
H3' OMG A 13 -1.75 10.49 3.30
H2' OMG A 13 0.02 9.83 4.80
HM21 OMG A 13 1.08 12.14 7.16
HM22 OMG A 13 2.52 11.81 6.19
HM23 OMG A 13 1.42 10.50 6.65
H1' OMG A 13 -0.90 11.22 7.00
H8 OMG A 13 -3.94 10.21 5.05
HN1 OMG A 13 -1.49 5.58 8.76
HN21 OMG A 13 0.48 6.15 9.51
HN22 OMG A 13 1.22 7.67 9.10
P OMG A 19 4.41 -11.96 -8.20
OP1 OMG A 19 4.98 -13.32 -8.32
OP2 OMG A 19 5.31 -10.80 -7.99
O5' OMG A 19 3.52 -11.67 -9.51
C5' OMG A 19 2.66 -12.67 -10.03
C4' OMG A 19 1.69 -12.05 -11.01
O4' OMG A 19 0.99 -10.95 -10.34
C3' OMG A 19 2.32 -11.42 -12.24
O3' OMG A 19 2.45 -12.36 -13.30
C2' OMG A 19 1.35 -10.30 -12.58
O2' OMG A 19 0.19 -10.81 -13.23
CM2 OMG A 19 -0.77 -9.87 -13.58
C1' OMG A 19 0.96 -9.83 -11.19
N9 OMG A 19 1.86 -8.81 -10.65
C8 OMG A 19 2.84 -8.99 -9.70
N7 OMG A 19 3.48 -7.89 -9.41
C5 OMG A 19 2.89 -6.93 -10.21
C6 OMG A 19 3.17 -5.54 -10.35
O6 OMG A 19 4.02 -4.88 -9.75
N1 OMG A 19 2.34 -4.94 -11.28
C2 OMG A 19 1.37 -5.59 -12.00
N2 OMG A 19 0.67 -4.83 -12.86
N3 OMG A 19 1.09 -6.88 -11.89
C4 OMG A 19 1.90 -7.48 -10.99
H5' OMG A 19 2.10 -13.14 -9.22
H5'' OMG A 19 3.24 -13.44 -10.55
H4' OMG A 19 1.02 -12.84 -11.36
H3' OMG A 19 3.33 -11.05 -12.05
H2' OMG A 19 1.85 -9.51 -13.16
HM21 OMG A 19 -0.30 -8.89 -13.78
HM22 OMG A 19 -1.30 -10.17 -14.49
HM23 OMG A 19 -1.50 -9.73 -12.79
H1' OMG A 19 -0.05 -9.43 -11.15
H8 OMG A 19 3.05 -9.95 -9.23
HN1 OMG A 19 2.46 -3.96 -11.45
HN21 OMG A 19 0.88 -3.84 -12.95
HN22 OMG A 19 -0.06 -5.24 -13.42
N1 PSU A 1 7.45 -0.23 -13.62
C2 PSU A 1 7.20 -1.59 -13.73
N3 PSU A 1 6.18 -1.91 -14.59
C4 PSU A 1 5.41 -1.03 -15.34
C5 PSU A 1 5.75 0.35 -15.15
C6 PSU A 1 6.72 0.70 -14.32
O2 PSU A 1 7.83 -2.43 -13.12
O4 PSU A 1 4.53 -1.47 -16.07
C1' PSU A 1 4.95 1.37 -15.94
C2' PSU A 1 3.75 1.92 -15.18
O2' PSU A 1 2.77 2.33 -16.12
C3' PSU A 1 4.36 3.12 -14.46
C4' PSU A 1 5.35 3.65 -15.47
O3' PSU A 1 3.39 4.09 -14.12
O4' PSU A 1 5.79 2.48 -16.23
C5' PSU A 1 6.58 4.32 -14.89
O5' PSU A 1 7.16 3.52 -13.87
HN1 PSU A 1 8.19 0.09 -13.00
HN3 PSU A 1 5.97 -2.89 -14.70
H6 PSU A 1 6.95 1.75 -14.19
H1' PSU A 1 4.67 0.94 -16.90
H2' PSU A 1 3.36 1.19 -14.47
HO2' PSU A 1 3.22 2.89 -16.76
H3' PSU A 1 4.85 2.83 -13.52
H4' PSU A 1 4.82 4.38 -16.08
H5' PSU A 1 7.30 4.50 -15.68
H5'' PSU A 1 6.27 5.28 -14.47
HO5' PSU A 1 8.02 3.89 -13.66
P OMG A 5 -6.04 -0.45 -2.50
OP1 OMG A 5 -7.09 0.38 -1.86
OP2 OMG A 5 -4.69 0.13 -2.75
O5' OMG A 5 -5.85 -1.79 -1.66
C5' OMG A 5 -6.55 -2.97 -2.00
C4' OMG A 5 -5.90 -4.17 -1.34
O4' OMG A 5 -4.57 -4.35 -1.92
C3' OMG A 5 -5.66 -4.02 0.17
O3' OMG A 5 -6.75 -4.55 0.92
C2' OMG A 5 -4.37 -4.81 0.38
O2' OMG A 5 -4.61 -6.20 0.41
CM2 OMG A 5 -3.61 -6.96 1.01
C1' OMG A 5 -3.61 -4.47 -0.90
N9 OMG A 5 -2.86 -3.22 -0.82
C8 OMG A 5 -3.13 -2.06 -1.49
N7 OMG A 5 -2.29 -1.10 -1.22
C5 OMG A 5 -1.42 -1.66 -0.31
C6 OMG A 5 -0.28 -1.11 0.35
O6 OMG A 5 0.18 0.03 0.25
N1 OMG A 5 0.33 -2.04 1.18
C2 OMG A 5 -0.09 -3.33 1.36
N2 OMG A 5 0.64 -4.07 2.21
N3 OMG A 5 -1.14 -3.87 0.75
C4 OMG A 5 -1.75 -2.98 -0.06
H5' OMG A 5 -6.54 -3.11 -3.08
H5'' OMG A 5 -7.59 -2.91 -1.66
H4' OMG A 5 -6.56 -5.02 -1.47
H3' OMG A 5 -5.56 -2.98 0.46
H2' OMG A 5 -3.85 -4.45 1.27
HM21 OMG A 5 -3.60 -7.97 0.62
HM22 OMG A 5 -3.75 -7.01 2.09
HM23 OMG A 5 -2.63 -6.52 0.82
H1' OMG A 5 -2.92 -5.27 -1.19
H8 OMG A 5 -3.95 -1.95 -2.19
HN1 OMG A 5 1.15 -1.74 1.69
HN21 OMG A 5 1.44 -3.68 2.68
HN22 OMG A 5 0.38 -5.04 2.39
P OMG A 6 -7.10 -3.92 2.36
OP1 OMG A 6 -8.14 -4.76 2.99
OP2 OMG A 6 -7.34 -2.47 2.15
O5' OMG A 6 -5.75 -4.07 3.18
C5' OMG A 6 -5.46 -5.29 3.88
C4' OMG A 6 -4.02 -5.28 4.36
O4' OMG A 6 -3.16 -4.77 3.30
C3' OMG A 6 -3.74 -4.37 5.54
O3' OMG A 6 -4.07 -4.99 6.77
C2' OMG A 6 -2.24 -4.12 5.40
O2' OMG A 6 -1.49 -5.21 5.89
CM2 OMG A 6 -0.11 -5.04 5.89
C1' OMG A 6 -2.07 -4.07 3.88
N9 OMG A 6 -2.08 -2.71 3.34
C8 OMG A 6 -3.07 -2.09 2.64
N7 OMG A 6 -2.77 -0.86 2.29
C5 OMG A 6 -1.50 -0.66 2.80
C6 OMG A 6 -0.65 0.47 2.75
O6 OMG A 6 -0.86 1.57 2.22
N1 OMG A 6 0.55 0.24 3.41
C2 OMG A 6 0.90 -0.93 4.03
N2 OMG A 6 2.11 -0.96 4.61
N3 OMG A 6 0.12 -1.99 4.10
C4 OMG A 6 -1.06 -1.80 3.46
H5' OMG A 6 -5.61 -6.14 3.21
H5'' OMG A 6 -6.12 -5.40 4.73
H4' OMG A 6 -3.77 -6.30 4.67
H3' OMG A 6 -4.33 -3.45 5.49
H2' OMG A 6 -1.96 -3.17 5.86
HM21 OMG A 6 0.16 -4.00 6.02
HM22 OMG A 6 0.36 -5.61 6.69
HM23 OMG A 6 0.32 -5.38 4.95
H1' OMG A 6 -1.17 -4.56 3.55
H8 OMG A 6 -4.01 -2.57 2.39
HN1 OMG A 6 1.23 0.99 3.43
HN21 OMG A 6 2.71 -0.14 4.57
HN22 OMG A 6 2.42 -1.79 5.09
N1 PSU A 9 -2.96 5.27 12.81
C2 PSU A 9 -3.56 5.85 11.71
N3 PSU A 9 -3.03 7.05 11.32
C4 PSU A 9 -1.97 7.71 11.91
C5 PSU A 9 -1.39 7.04 13.03
C6 PSU A 9 -1.89 5.87 13.44
O2 PSU A 9 -4.52 5.34 11.13
O4 PSU A 9 -1.59 8.79 11.44
C1' PSU A 9 -0.23 7.70 13.74
C2' PSU A 9 -0.65 8.39 15.04
O2' PSU A 9 0.14 9.56 15.20
C3' PSU A 9 -0.28 7.34 16.08
C4' PSU A 9 1.00 6.76 15.50
O3' PSU A 9 -0.07 7.90 17.38
O4' PSU A 9 0.74 6.72 14.07
C5' PSU A 9 1.38 5.38 15.99
O5' PSU A 9 0.21 4.56 16.04
P PSU A 9 0.13 3.34 17.07
OP1 PSU A 9 1.19 3.51 18.09
OP2 PSU A 9 -1.29 3.19 17.49
HN1 PSU A 9 -3.30 4.38 13.15
HN3 PSU A 9 -3.45 7.50 10.52
H6 PSU A 9 -1.45 5.37 14.29
H1' PSU A 9 0.26 8.39 13.05
H2' PSU A 9 -1.72 8.60 15.06
HO2' PSU A 9 0.65 9.67 14.40
H3' PSU A 9 -1.04 6.57 16.19
H4' PSU A 9 1.81 7.44 15.77
H5' PSU A 9 2.11 4.94 15.32
H5'' PSU A 9 1.82 5.46 16.98
P OMG A 13 -3.52 12.11 2.82
OP1 OMG A 13 -4.02 13.50 2.96
OP2 OMG A 13 -3.33 11.54 1.46
O5' OMG A 13 -2.15 11.98 3.62
C5' OMG A 13 -1.44 13.14 4.02
C4' OMG A 13 -0.22 12.75 4.83
O4' OMG A 13 -0.65 12.38 6.17
C3' OMG A 13 0.54 11.53 4.31
O3' OMG A 13 1.54 11.90 3.38
C2' OMG A 13 1.13 10.94 5.59
O2' OMG A 13 2.27 11.65 6.00
CM2 OMG A 13 2.81 11.31 7.23
C1' OMG A 13 -0.01 11.19 6.57
N9 OMG A 13 -0.99 10.13 6.63
C8 OMG A 13 -2.18 10.05 5.94
N7 OMG A 13 -2.86 8.96 6.21
C5 OMG A 13 -2.07 8.29 7.13
C6 OMG A 13 -2.28 7.05 7.79
O6 OMG A 13 -3.24 6.27 7.69
N1 OMG A 13 -1.23 6.73 8.64
C2 OMG A 13 -0.11 7.52 8.83
N2 OMG A 13 0.80 7.04 9.70
N3 OMG A 13 0.09 8.67 8.23
C4 OMG A 13 -0.91 8.99 7.40
H5' OMG A 13 -2.07 13.79 4.62
H5'' OMG A 13 -1.10 13.70 3.14
H4' OMG A 13 0.48 13.58 4.81
H3' OMG A 13 -0.12 10.83 3.79
H2' OMG A 13 1.32 9.87 5.46
HM21 OMG A 13 2.56 10.28 7.50
HM22 OMG A 13 2.43 11.96 8.02
HM23 OMG A 13 3.90 11.39 7.22
H1' OMG A 13 0.36 11.36 7.59
H8 OMG A 13 -2.52 10.80 5.25
HN1 OMG A 13 -1.27 5.88 9.16
HN21 OMG A 13 0.64 6.16 10.16
HN22 OMG A 13 1.64 7.57 9.88
P OMG A 19 5.27 -11.61 -8.59
OP1 OMG A 19 6.03 -12.90 -8.60
OP2 OMG A 19 6.03 -10.33 -8.67
O5' OMG A 19 4.21 -11.64 -9.78
C5' OMG A 19 3.36 -12.76 -9.97
C4' OMG A 19 2.25 -12.41 -10.92
O4' OMG A 19 1.56 -11.23 -10.40
C3' OMG A 19 2.68 -12.03 -12.33
O3' OMG A 19 2.74 -13.17 -13.18
C2' OMG A 19 1.61 -11.04 -12.77
O2' OMG A 19 0.43 -11.72 -13.18
CM2 OMG A 19 -0.66 -10.91 -13.49
C1' OMG A 19 1.33 -10.32 -11.46
N9 OMG A 19 2.17 -9.14 -11.24
C8 OMG A 19 3.31 -9.08 -10.49
N7 OMG A 19 3.85 -7.89 -10.47
C5 OMG A 19 3.00 -7.12 -11.26
C6 OMG A 19 3.06 -5.75 -11.61
O6 OMG A 19 3.91 -4.90 -11.28
N1 OMG A 19 2.00 -5.37 -12.42
C2 OMG A 19 1.00 -6.21 -12.84
N2 OMG A 19 0.05 -5.67 -13.62
N3 OMG A 19 0.93 -7.50 -12.53
C4 OMG A 19 1.96 -7.88 -11.74
H5' OMG A 19 2.94 -13.07 -9.01
H5'' OMG A 19 3.93 -13.59 -10.39
H4' OMG A 19 1.60 -13.28 -11.01
H3' OMG A 19 3.68 -11.59 -12.34
H2' OMG A 19 1.99 -10.36 -13.53
HM21 OMG A 19 -1.32 -10.79 -12.64
HM22 OMG A 19 -0.34 -9.91 -13.80
HM23 OMG A 19 -1.24 -11.33 -14.31
H1' OMG A 19 0.28 -10.00 -11.38
H8 OMG A 19 3.74 -9.92 -9.98
HN1 OMG A 19 1.95 -4.41 -12.71
HN21 OMG A 19 0.11 -4.69 -13.87
HN22 OMG A 19 -0.71 -6.24 -13.97
N1 PSU A 1 7.54 0.32 -11.27
C2 PSU A 1 7.07 -0.95 -11.49
N3 PSU A 1 6.07 -1.05 -12.44
C4 PSU A 1 5.52 -0.01 -13.17
C5 PSU A 1 6.07 1.28 -12.87
C6 PSU A 1 7.03 1.41 -11.95
O2 PSU A 1 7.49 -1.93 -10.90
O4 PSU A 1 4.62 -0.25 -13.98
C1' PSU A 1 5.51 2.48 -13.62
C2' PSU A 1 4.38 3.19 -12.88
O2' PSU A 1 3.57 3.85 -13.84
C3' PSU A 1 5.15 4.18 -12.03
C4' PSU A 1 6.30 4.59 -12.96
O3' PSU A 1 4.36 5.30 -11.66
O4' PSU A 1 6.55 3.43 -13.80
C5' PSU A 1 7.58 4.96 -12.25
O5' PSU A 1 7.90 4.00 -11.24
HN1 PSU A 1 8.27 0.47 -10.59
HN3 PSU A 1 5.71 -1.96 -12.62
H6 PSU A 1 7.43 2.40 -11.75
H1' PSU A 1 5.22 2.16 -14.62
H2' PSU A 1 3.82 2.49 -12.25
HO2' PSU A 1 4.07 3.92 -14.64
H3' PSU A 1 5.52 3.75 -11.11
H4' PSU A 1 5.96 5.47 -13.50
H5' PSU A 1 8.39 5.00 -12.98
H5'' PSU A 1 7.47 5.94 -11.79
HO5' PSU A 1 8.86 3.89 -11.24
P OMG A 5 -7.67 -0.80 -1.48
OP1 OMG A 5 -7.71 -1.89 -2.49
OP2 OMG A 5 -8.91 -0.41 -0.76
O5' OMG A 5 -6.57 -1.16 -0.38
C5' OMG A 5 -6.93 -1.87 0.80
C4' OMG A 5 -6.32 -3.25 0.78
O4' OMG A 5 -5.30 -3.29 -0.25
C3' OMG A 5 -5.61 -3.67 2.06
O3' OMG A 5 -6.50 -4.32 2.96
C2' OMG A 5 -4.51 -4.59 1.56
O2' OMG A 5 -5.02 -5.88 1.25
CM2 OMG A 5 -4.06 -6.86 1.09
C1' OMG A 5 -4.12 -3.90 0.26
N9 OMG A 5 -3.10 -2.86 0.42
C8 OMG A 5 -3.27 -1.51 0.29
N7 OMG A 5 -2.18 -0.83 0.48
C5 OMG A 5 -1.23 -1.80 0.78
C6 OMG A 5 0.15 -1.68 1.08
O6 OMG A 5 0.83 -0.64 1.17
N1 OMG A 5 0.74 -2.91 1.32
C2 OMG A 5 0.09 -4.11 1.25
N2 OMG A 5 0.83 -5.20 1.51
N3 OMG A 5 -1.19 -4.25 0.97
C4 OMG A 5 -1.79 -3.06 0.74
H5' OMG A 5 -8.02 -1.95 0.87
H5'' OMG A 5 -6.57 -1.33 1.68
H4' OMG A 5 -7.13 -3.96 0.62
H3' OMG A 5 -5.22 -2.81 2.61
H2' OMG A 5 -3.67 -4.62 2.26
HM21 OMG A 5 -4.49 -7.85 1.28
HM22 OMG A 5 -3.23 -6.72 1.78
HM23 OMG A 5 -3.66 -6.85 0.08
H1' OMG A 5 -3.78 -4.60 -0.50
H8 OMG A 5 -4.22 -1.05 0.04
HN1 OMG A 5 1.72 -2.92 1.56
HN21 OMG A 5 1.81 -5.10 1.73
HN22 OMG A 5 0.41 -6.12 1.48
P OMG A 6 -6.31 -4.14 4.54
OP1 OMG A 6 -7.10 -5.19 5.23
OP2 OMG A 6 -6.56 -2.72 4.86
O5' OMG A 6 -4.76 -4.44 4.78
C5' OMG A 6 -4.25 -5.77 4.74
C4' OMG A 6 -2.83 -5.81 5.24
O4' OMG A 6 -1.96 -5.30 4.20
C3' OMG A 6 -2.54 -4.93 6.45
O3' OMG A 6 -2.86 -5.59 7.67
C2' OMG A 6 -1.05 -4.66 6.31
O2' OMG A 6 -0.29 -5.77 6.76
CM2 OMG A 6 1.07 -5.52 6.89
C1' OMG A 6 -0.91 -4.56 4.79
N9 OMG A 6 -0.96 -3.18 4.31
C8 OMG A 6 -2.05 -2.54 3.76
N7 OMG A 6 -1.80 -1.31 3.41
C5 OMG A 6 -0.46 -1.13 3.73
C6 OMG A 6 0.38 0.00 3.58
O6 OMG A 6 0.10 1.11 3.11
N1 OMG A 6 1.66 -0.25 4.03
C2 OMG A 6 2.09 -1.45 4.56
N2 OMG A 6 3.38 -1.49 4.94
N3 OMG A 6 1.32 -2.51 4.72
C4 OMG A 6 0.07 -2.28 4.28
H5' OMG A 6 -4.29 -6.15 3.71
H5'' OMG A 6 -4.87 -6.42 5.37
H4' OMG A 6 -2.61 -6.84 5.54
H3' OMG A 6 -3.14 -4.02 6.43
H2' OMG A 6 -0.78 -3.74 6.81
HM21 OMG A 6 1.58 -5.65 5.94
HM22 OMG A 6 1.25 -4.51 7.24
HM23 OMG A 6 1.52 -6.21 7.61
H1' OMG A 6 0.03 -5.00 4.44
H8 OMG A 6 -3.02 -3.01 3.65
HN1 OMG A 6 2.34 0.50 3.97
HN21 OMG A 6 3.97 -0.68 4.83
HN22 OMG A 6 3.76 -2.34 5.35
N1 PSU A 9 -2.54 4.89 10.94
C2 PSU A 9 -3.11 5.37 9.77
N3 PSU A 9 -2.68 6.61 9.38
C4 PSU A 9 -1.75 7.40 10.03
C5 PSU A 9 -1.22 6.85 11.23
C6 PSU A 9 -1.62 5.64 11.63
O2 PSU A 9 -3.94 4.73 9.13
O4 PSU A 9 -1.46 8.51 9.56
C1' PSU A 9 -0.20 7.66 12.01
C2' PSU A 9 -0.85 8.55 13.08
O2' PSU A 9 -0.19 9.80 13.07
C3' PSU A 9 -0.54 7.78 14.36
C4' PSU A 9 0.83 7.19 14.05
O3' PSU A 9 -0.52 8.61 15.50
O4' PSU A 9 0.70 6.79 12.67
C5' PSU A 9 1.23 6.01 14.90
O5' PSU A 9 0.14 5.11 15.05
P PSU A 9 -0.01 4.20 16.35
OP1 PSU A 9 0.84 4.79 17.42
OP2 PSU A 9 -1.45 3.98 16.60
HN1 PSU A 9 -2.81 3.98 11.29
HN3 PSU A 9 -3.07 6.98 8.53
H6 PSU A 9 -1.19 5.22 12.55
H1' PSU A 9 0.39 8.24 11.31
H2' PSU A 9 -1.92 8.65 12.93
HO2' PSU A 9 0.73 9.64 13.25
H3' PSU A 9 -1.27 6.99 14.56
H4' PSU A 9 1.56 7.99 14.22
H5' PSU A 9 2.08 5.51 14.43
H5'' PSU A 9 1.55 6.38 15.88
P OMG A 13 -2.40 10.60 0.83
OP1 OMG A 13 -3.33 11.74 0.96
OP2 OMG A 13 -1.44 10.55 -0.31
O5' OMG A 13 -1.55 10.48 2.18
C5' OMG A 13 -1.30 11.63 2.98
C4' OMG A 13 0.01 11.47 3.71
O4' OMG A 13 -0.27 11.06 5.08
C3' OMG A 13 0.94 10.39 3.16
O3' OMG A 13 1.80 10.91 2.16
C2' OMG A 13 1.69 9.93 4.39
O2' OMG A 13 2.72 10.85 4.73
CM2 OMG A 13 3.38 10.63 5.94
C1' OMG A 13 0.59 10.00 5.45
N9 OMG A 13 -0.20 8.78 5.55
C8 OMG A 13 -1.27 8.42 4.79
N7 OMG A 13 -1.79 7.26 5.12
C5 OMG A 13 -1.00 6.84 6.18
C6 OMG A 13 -1.06 5.66 6.96
O6 OMG A 13 -1.86 4.71 6.87
N1 OMG A 13 -0.07 5.64 7.93
C2 OMG A 13 0.88 6.62 8.13
N2 OMG A 13 1.76 6.41 9.11
N3 OMG A 13 0.95 7.72 7.40
C4 OMG A 13 -0.01 7.76 6.45
H5' OMG A 13 -2.11 11.76 3.71
H5'' OMG A 13 -1.25 12.52 2.35
H4' OMG A 13 0.54 12.42 3.64
H3' OMG A 13 0.38 9.59 2.69
H2' OMG A 13 2.07 8.91 4.26
HM21 OMG A 13 2.93 11.21 6.74
HM22 OMG A 13 4.43 10.91 5.86
HM23 OMG A 13 3.33 9.57 6.22
H1' OMG A 13 0.99 10.22 6.44
H8 OMG A 13 -1.66 9.02 3.97
HN1 OMG A 13 -0.02 4.84 8.54
HN21 OMG A 13 1.71 5.56 9.66
HN22 OMG A 13 2.48 7.10 9.30
P OMG A 19 2.81 -11.78 -7.77
OP1 OMG A 19 2.89 -13.26 -7.80
OP2 OMG A 19 4.06 -10.98 -7.71
O5' OMG A 19 1.97 -11.29 -9.03
C5' OMG A 19 0.85 -12.02 -9.50
C4' OMG A 19 0.04 -11.18 -10.45
O4' OMG A 19 -0.31 -9.93 -9.81
C3' OMG A 19 0.76 -10.77 -11.72
O3' OMG A 19 0.66 -11.77 -12.73
C2' OMG A 19 0.03 -9.49 -12.12
O2' OMG A 19 -1.20 -9.78 -12.77
CM2 OMG A 19 -2.03 -8.70 -13.06
C1' OMG A 19 -0.28 -8.87 -10.76
N9 OMG A 19 0.72 -7.90 -10.32
C8 OMG A 19 1.80 -8.13 -9.49
N7 OMG A 19 2.51 -7.06 -9.28
C5 OMG A 19 1.87 -6.06 -10.02
C6 OMG A 19 2.19 -4.69 -10.17
O6 OMG A 19 3.13 -4.05 -9.67
N1 OMG A 19 1.27 -4.05 -10.99
C2 OMG A 19 0.19 -4.65 -11.59
N2 OMG A 19 -0.57 -3.86 -12.36
N3 OMG A 19 -0.11 -5.93 -11.45
C4 OMG A 19 0.77 -6.57 -10.66
H5' OMG A 19 0.21 -12.30 -8.64
H5'' OMG A 19 1.17 -12.92 -10.01
H4' OMG A 19 -0.84 -11.77 -10.75
H3' OMG A 19 1.82 -10.61 -11.56
H2' OMG A 19 0.67 -8.84 -12.72
HM21 OMG A 19 -1.45 -7.78 -13.12
HM22 OMG A 19 -2.54 -8.85 -14.01
HM23 OMG A 19 -2.78 -8.56 -12.29
H1' OMG A 19 -1.24 -8.39 -10.73
H8 OMG A 19 2.04 -9.09 -9.07
HN1 OMG A 19 1.40 -3.06 -11.17
HN21 OMG A 19 -0.35 -2.88 -12.47
HN22 OMG A 19 -1.38 -4.23 -12.83
N1 PSU A 1 6.86 0.97 -11.41
C2 PSU A 1 6.67 -0.37 -11.70
N3 PSU A 1 5.73 -0.64 -12.66
C4 PSU A 1 4.97 0.29 -13.35
C5 PSU A 1 5.24 1.66 -13.00
C6 PSU A 1 6.14 1.94 -12.06
O2 PSU A 1 7.29 -1.27 -11.14
O4 PSU A 1 4.16 -0.10 -14.19
C1' PSU A 1 4.46 2.74 -13.72
C2' PSU A 1 3.27 3.27 -12.92
O2' PSU A 1 2.28 3.72 -13.82
C3' PSU A 1 3.90 4.43 -12.17
C4' PSU A 1 4.88 4.99 -13.19
O3' PSU A 1 2.94 5.40 -11.78
O4' PSU A 1 5.31 3.85 -13.96
C5' PSU A 1 6.11 5.65 -12.59
O5' PSU A 1 6.76 4.78 -11.67
HN1 PSU A 1 7.54 1.24 -10.71
HN3 PSU A 1 5.57 -1.61 -12.88
H6 PSU A 1 6.32 2.99 -11.81
H1' PSU A 1 4.15 2.36 -14.70
H2' PSU A 1 2.89 2.51 -12.22
HO2' PSU A 1 2.28 4.67 -13.78
H3' PSU A 1 4.40 4.12 -11.25
H4' PSU A 1 4.35 5.74 -13.76
H5' PSU A 1 6.80 5.91 -13.40
H5'' PSU A 1 5.80 6.56 -12.08
HO5' PSU A 1 7.49 5.26 -11.29
P OMG A 5 -9.07 -1.59 -1.64
OP1 OMG A 5 -10.55 -1.43 -1.48
OP2 OMG A 5 -8.19 -0.40 -1.48
O5' OMG A 5 -8.58 -2.71 -0.62
C5' OMG A 5 -7.45 -2.49 0.23
C4' OMG A 5 -6.60 -3.73 0.31
O4' OMG A 5 -5.53 -3.63 -0.67
C3' OMG A 5 -5.91 -3.96 1.65
O3' OMG A 5 -6.73 -4.70 2.54
C2' OMG A 5 -4.66 -4.72 1.25
O2' OMG A 5 -4.94 -6.09 1.00
CM2 OMG A 5 -3.82 -6.91 0.81
C1' OMG A 5 -4.32 -4.05 -0.08
N9 OMG A 5 -3.44 -2.89 0.06
C8 OMG A 5 -3.76 -1.58 -0.22
N7 OMG A 5 -2.78 -0.76 0.01
C5 OMG A 5 -1.74 -1.56 0.47
C6 OMG A 5 -0.43 -1.24 0.88
O6 OMG A 5 0.12 -0.12 0.92
N1 OMG A 5 0.28 -2.36 1.27
C2 OMG A 5 -0.21 -3.65 1.27
N2 OMG A 5 0.63 -4.60 1.69
N3 OMG A 5 -1.43 -3.97 0.90
C4 OMG A 5 -2.14 -2.89 0.51
H5' OMG A 5 -7.79 -2.22 1.23
H5'' OMG A 5 -6.84 -1.67 -0.17
H4' OMG A 5 -7.27 -4.59 0.14
H3' OMG A 5 -5.69 -3.02 2.15
H2' OMG A 5 -3.86 -4.58 1.99
HM21 OMG A 5 -3.02 -6.63 1.50
HM22 OMG A 5 -3.46 -6.82 -0.21
HM23 OMG A 5 -4.07 -7.95 0.99
H1' OMG A 5 -3.84 -4.74 -0.78
H8 OMG A 5 -4.72 -1.26 -0.57
HN1 OMG A 5 1.23 -2.24 1.59
HN21 OMG A 5 1.57 -4.37 1.99
HN22 OMG A 5 0.33 -5.57 1.72
P OMG A 6 -6.52 -4.54 4.13
OP1 OMG A 6 -7.14 -5.71 4.80
OP2 OMG A 6 -6.94 -3.17 4.51
O5' OMG A 6 -4.94 -4.64 4.31
C5' OMG A 6 -4.28 -5.91 4.33
C4' OMG A 6 -2.89 -5.76 4.90
O4' OMG A 6 -2.04 -5.08 3.93
C3' OMG A 6 -2.78 -4.90 6.14
O3' OMG A 6 -3.11 -5.62 7.32
C2' OMG A 6 -1.31 -4.48 6.12
O2' OMG A 6 -0.47 -5.49 6.63
CM2 OMG A 6 0.89 -5.27 6.56
C1' OMG A 6 -1.05 -4.35 4.62
N9 OMG A 6 -1.09 -2.96 4.14
C8 OMG A 6 -2.16 -2.31 3.58
N7 OMG A 6 -1.89 -1.07 3.24
C5 OMG A 6 -0.56 -0.90 3.62
C6 OMG A 6 0.28 0.23 3.51
O6 OMG A 6 0.03 1.34 3.06
N1 OMG A 6 1.56 -0.04 4.02
C2 OMG A 6 1.96 -1.24 4.55
N2 OMG A 6 3.23 -1.30 4.98
N3 OMG A 6 1.18 -2.30 4.66
C4 OMG A 6 -0.06 -2.06 4.18
H5' OMG A 6 -4.22 -6.30 3.31
H5'' OMG A 6 -4.84 -6.61 4.94
H4' OMG A 6 -2.54 -6.76 5.17
H3' OMG A 6 -3.46 -4.05 6.10
H2' OMG A 6 -1.18 -3.53 6.63
HM21 OMG A 6 1.39 -5.65 7.44
HM22 OMG A 6 1.33 -5.76 5.68
HM23 OMG A 6 1.11 -4.20 6.49
H1' OMG A 6 -0.08 -4.76 4.33
H8 OMG A 6 -3.13 -2.77 3.42
HN1 OMG A 6 2.24 0.71 3.99
HN21 OMG A 6 3.83 -0.49 4.90
HN22 OMG A 6 3.58 -2.16 5.39
N1 PSU A 9 -2.79 4.79 10.00
C2 PSU A 9 -2.74 5.64 8.92
N3 PSU A 9 -1.98 6.77 9.11
C4 PSU A 9 -1.28 7.12 10.23
C5 PSU A 9 -1.38 6.18 11.31
C6 PSU A 9 -2.11 5.07 11.17
O2 PSU A 9 -3.33 5.42 7.88
O4 PSU A 9 -0.64 8.17 10.25
C1' PSU A 9 -0.65 6.51 12.61
C2' PSU A 9 -0.93 7.93 13.11
O2' PSU A 9 0.23 8.39 13.77
C3' PSU A 9 -2.07 7.67 14.08
C4' PSU A 9 -1.65 6.37 14.73
O3' PSU A 9 -2.20 8.72 15.05
O4' PSU A 9 -1.09 5.61 13.63
C5' PSU A 9 -2.76 5.58 15.38
O5' PSU A 9 -2.43 4.19 15.40
P PSU A 9 -2.04 3.47 16.76
OP1 PSU A 9 -1.23 4.40 17.58
OP2 PSU A 9 -3.28 2.89 17.34
HN1 PSU A 9 -3.35 3.95 9.95
HN3 PSU A 9 -1.93 7.41 8.32
H6 PSU A 9 -2.15 4.36 11.99
H1' PSU A 9 0.42 6.33 12.47
H2' PSU A 9 -1.25 8.58 12.29
HO2' PSU A 9 0.99 7.96 13.38
H3' PSU A 9 -3.03 7.59 13.59
H4' PSU A 9 -0.92 6.61 15.50
H5' PSU A 9 -2.91 5.93 16.39
H5'' PSU A 9 -3.68 5.72 14.81
P OMG A 13 -1.91 10.63 1.51
OP1 OMG A 13 -2.67 11.91 1.48
OP2 OMG A 13 -1.05 10.25 0.37
O5' OMG A 13 -1.01 10.63 2.83
C5' OMG A 13 -0.75 11.84 3.53
C4' OMG A 13 0.55 11.71 4.30
O4' OMG A 13 0.25 11.18 5.62
C3' OMG A 13 1.57 10.75 3.71
O3' OMG A 13 2.44 11.40 2.79
C2' OMG A 13 2.30 10.24 4.94
O2' OMG A 13 3.24 11.20 5.41
CM2 OMG A 13 3.84 10.94 6.64
C1' OMG A 13 1.15 10.14 5.93
N9 OMG A 13 0.42 8.87 5.87
C8 OMG A 13 -0.45 8.45 4.90
N7 OMG A 13 -0.95 7.27 5.13
C5 OMG A 13 -0.36 6.88 6.33
C6 OMG A 13 -0.51 5.69 7.07
O6 OMG A 13 -1.22 4.71 6.83
N1 OMG A 13 0.27 5.71 8.23
C2 OMG A 13 1.10 6.73 8.61
N2 OMG A 13 1.78 6.57 9.75
N3 OMG A 13 1.25 7.85 7.91
C4 OMG A 13 0.50 7.85 6.80
H5' OMG A 13 -1.56 12.06 4.22
H5'' OMG A 13 -0.65 12.66 2.83
H4' OMG A 13 1.02 12.70 4.32
H3' OMG A 13 1.09 9.94 3.15
H2' OMG A 13 2.75 9.27 4.74
HM21 OMG A 13 3.30 11.43 7.44
HM22 OMG A 13 4.86 11.30 6.64
HM23 OMG A 13 3.86 9.87 6.83
H1' OMG A 13 1.48 10.29 6.97
H8 OMG A 13 -0.71 9.05 4.04
HN1 OMG A 13 0.24 4.90 8.83
HN21 OMG A 13 1.66 5.71 10.28
HN22 OMG A 13 2.39 7.28 10.08
P OMG A 19 4.57 -11.48 -8.26
OP1 OMG A 19 5.06 -12.87 -8.34
OP2 OMG A 19 5.53 -10.37 -8.06
O5' OMG A 19 3.72 -11.17 -9.58
C5' OMG A 19 2.85 -12.16 -10.13
C4' OMG A 19 1.91 -11.52 -11.13
O4' OMG A 19 1.20 -10.43 -10.47
C3' OMG A 19 2.57 -10.89 -12.34
O3' OMG A 19 2.79 -11.83 -13.38
C2' OMG A 19 1.57 -9.81 -12.74
O2' OMG A 19 0.48 -10.38 -13.45
CM2 OMG A 19 -0.57 -9.52 -13.76
C1' OMG A 19 1.07 -9.35 -11.38
N9 OMG A 19 1.82 -8.21 -10.84
C8 OMG A 19 2.87 -8.25 -9.97
N7 OMG A 19 3.33 -7.06 -9.66
C5 OMG A 19 2.53 -6.20 -10.39
C6 OMG A 19 2.56 -4.78 -10.47
O6 OMG A 19 3.31 -3.99 -9.90
N1 OMG A 19 1.58 -4.30 -11.34
C2 OMG A 19 0.69 -5.08 -12.03
N2 OMG A 19 -0.18 -4.42 -12.81
N3 OMG A 19 0.65 -6.40 -11.96
C4 OMG A 19 1.59 -6.89 -11.13
H5' OMG A 19 2.27 -12.63 -9.34
H5'' OMG A 19 3.43 -12.92 -10.64
H4' OMG A 19 1.25 -12.31 -11.50
H3' OMG A 19 3.55 -10.47 -12.10
H2' OMG A 19 2.06 -9.01 -13.29
HM21 OMG A 19 -0.24 -8.48 -13.79
HM22 OMG A 19 -1.00 -9.76 -14.73
HM23 OMG A 19 -1.36 -9.59 -13.01
H1' OMG A 19 0.02 -9.08 -11.40
H8 OMG A 19 3.27 -9.16 -9.56
HN1 OMG A 19 1.51 -3.30 -11.46
HN21 OMG A 19 -0.17 -3.42 -12.86
HN22 OMG A 19 -0.87 -4.94 -13.35
N1 PSU A 1 7.41 1.00 -10.22
C2 PSU A 1 7.20 -0.33 -10.53
N3 PSU A 1 6.33 -0.55 -11.58
C4 PSU A 1 5.68 0.41 -12.32
C5 PSU A 1 5.95 1.76 -11.94
C6 PSU A 1 6.79 2.01 -10.92
O2 PSU A 1 7.73 -1.25 -9.93
O4 PSU A 1 4.93 0.06 -13.23
C1' PSU A 1 5.27 2.87 -12.70
C2' PSU A 1 3.97 3.35 -12.06
O2' PSU A 1 3.13 3.87 -13.07
C3' PSU A 1 4.47 4.45 -11.14
C4' PSU A 1 5.59 5.08 -11.95
O3' PSU A 1 3.45 5.38 -10.81
O4' PSU A 1 6.13 4.00 -12.76
C5' PSU A 1 6.71 5.68 -11.14
O5' PSU A 1 6.85 5.02 -9.89
HN1 PSU A 1 8.03 1.24 -9.46
HN3 PSU A 1 6.16 -1.52 -11.82
H6 PSU A 1 6.98 3.05 -10.64
H1' PSU A 1 5.12 2.55 -13.74
H2' PSU A 1 3.49 2.55 -11.49
HO2' PSU A 1 3.63 3.88 -13.88
H3' PSU A 1 4.84 4.05 -10.18
H4' PSU A 1 5.14 5.88 -12.54
H5' PSU A 1 7.64 5.62 -11.70
H5'' PSU A 1 6.49 6.74 -10.97
HO5' PSU A 1 7.69 5.30 -9.51
P OMG A 5 -8.21 -1.72 -1.90
OP1 OMG A 5 -9.58 -1.21 -1.58
OP2 OMG A 5 -7.03 -0.90 -1.53
O5' OMG A 5 -8.05 -3.16 -1.21
C5' OMG A 5 -7.53 -3.28 0.11
C4' OMG A 5 -6.72 -4.55 0.23
O4' OMG A 5 -5.70 -4.55 -0.80
C3' OMG A 5 -5.97 -4.72 1.55
O3' OMG A 5 -6.77 -5.40 2.52
C2' OMG A 5 -4.76 -5.53 1.14
O2' OMG A 5 -5.07 -6.90 0.98
CM2 OMG A 5 -4.03 -7.72 0.58
C1' OMG A 5 -4.46 -4.93 -0.24
N9 OMG A 5 -3.60 -3.76 -0.19
C8 OMG A 5 -3.93 -2.47 -0.53
N7 OMG A 5 -2.95 -1.63 -0.39
C5 OMG A 5 -1.89 -2.40 0.07
C6 OMG A 5 -0.57 -2.04 0.42
O6 OMG A 5 -0.03 -0.93 0.37
N1 OMG A 5 0.17 -3.15 0.84
C2 OMG A 5 -0.31 -4.43 0.93
N2 OMG A 5 0.55 -5.36 1.37
N3 OMG A 5 -1.55 -4.77 0.62
C4 OMG A 5 -2.28 -3.72 0.20
H5' OMG A 5 -8.35 -3.31 0.82
H5'' OMG A 5 -6.89 -2.43 0.33
H4' OMG A 5 -7.42 -5.39 0.15
H3' OMG A 5 -5.72 -3.76 1.98
H2' OMG A 5 -3.93 -5.36 1.83
HM21 OMG A 5 -3.99 -7.82 -0.51
HM22 OMG A 5 -4.14 -8.72 1.00
HM23 OMG A 5 -3.07 -7.33 0.91
H1' OMG A 5 -4.01 -5.65 -0.91
H8 OMG A 5 -4.91 -2.18 -0.86
HN1 OMG A 5 1.13 -2.99 1.12
HN21 OMG A 5 1.50 -5.09 1.61
HN22 OMG A 5 0.26 -6.31 1.45
P OMG A 6 -6.30 -5.42 4.05
OP1 OMG A 6 -6.78 -6.68 4.67
OP2 OMG A 6 -6.68 -4.12 4.65
O5' OMG A 6 -4.71 -5.48 3.97
C5' OMG A 6 -4.01 -6.72 4.07
C4' OMG A 6 -2.65 -6.51 4.69
O4' OMG A 6 -1.78 -5.89 3.71
C3' OMG A 6 -2.61 -5.55 5.87
O3' OMG A 6 -2.94 -6.21 7.09
C2' OMG A 6 -1.17 -5.07 5.86
O2' OMG A 6 -0.30 -6.03 6.44
CM2 OMG A 6 1.06 -5.72 6.42
C1' OMG A 6 -0.88 -5.01 4.36
N9 OMG A 6 -1.05 -3.67 3.79
C8 OMG A 6 -2.19 -3.15 3.21
N7 OMG A 6 -2.03 -1.93 2.80
C5 OMG A 6 -0.73 -1.61 3.14
C6 OMG A 6 0.02 -0.41 2.94
O6 OMG A 6 -0.35 0.64 2.41
N1 OMG A 6 1.32 -0.54 3.43
C2 OMG A 6 1.84 -1.65 4.04
N2 OMG A 6 3.11 -1.57 4.44
N3 OMG A 6 1.16 -2.77 4.22
C4 OMG A 6 -0.10 -2.68 3.75
H5' OMG A 6 -3.90 -7.16 3.08
H5'' OMG A 6 -4.58 -7.41 4.70
H4' OMG A 6 -2.29 -7.47 5.04
H3' OMG A 6 -3.33 -4.74 5.76
H2' OMG A 6 -1.09 -4.09 6.33
HM21 OMG A 6 1.55 -6.19 5.57
HM22 OMG A 6 1.21 -4.64 6.34
HM23 OMG A 6 1.55 -6.06 7.33
H1' OMG A 6 0.13 -5.34 4.12
H8 OMG A 6 -3.11 -3.70 3.11
HN1 OMG A 6 1.92 0.27 3.34
HN21 OMG A 6 3.63 -0.72 4.29
HN22 OMG A 6 3.54 -2.35 4.89
N1 PSU A 9 -2.51 5.08 10.39
C2 PSU A 9 -3.71 5.60 9.94
N3 PSU A 9 -4.00 6.86 10.39
C4 PSU A 9 -3.22 7.63 11.22
C5 PSU A 9 -1.99 7.02 11.65
C6 PSU A 9 -1.69 5.79 11.22
O2 PSU A 9 -4.46 4.98 9.20
O4 PSU A 9 -3.61 8.76 11.55
C1' PSU A 9 -1.08 7.79 12.58
C2' PSU A 9 -1.83 8.43 13.74
O2' PSU A 9 -1.16 9.63 14.11
C3' PSU A 9 -1.65 7.36 14.81
C4' PSU A 9 -0.23 6.90 14.57
O3' PSU A 9 -1.83 7.87 16.14
O4' PSU A 9 -0.12 6.91 13.12
C5' PSU A 9 0.10 5.52 15.10
O5' PSU A 9 -0.95 4.61 14.79
P PSU A 9 -1.37 3.47 15.83
OP1 PSU A 9 -0.85 3.84 17.17
OP2 PSU A 9 -2.83 3.21 15.66
HN1 PSU A 9 -2.26 4.13 10.13
HN3 PSU A 9 -4.86 7.26 10.05
H6 PSU A 9 -0.75 5.36 11.53
H1' PSU A 9 -0.53 8.53 11.99
H2' PSU A 9 -2.88 8.58 13.52
HO2' PSU A 9 -0.92 10.07 13.30
H3' PSU A 9 -2.37 6.54 14.71
H4' PSU A 9 0.42 7.61 15.07
H5' PSU A 9 1.03 5.18 14.64
H5'' PSU A 9 0.24 5.58 16.17
P OMG A 13 -4.59 10.80 1.24
OP1 OMG A 13 -4.86 12.26 1.28
OP2 OMG A 13 -4.88 10.04 0.00
O5' OMG A 13 -3.07 10.55 1.62
C5' OMG A 13 -2.13 11.63 1.61
C4' OMG A 13 -0.97 11.31 2.53
O4' OMG A 13 -1.49 10.82 3.80
C3' OMG A 13 -0.04 10.21 2.05
O3' OMG A 13 0.96 10.72 1.18
C2' OMG A 13 0.54 9.68 3.36
O2' OMG A 13 1.55 10.55 3.85
CM2 OMG A 13 2.06 10.24 5.12
C1' OMG A 13 -0.67 9.75 4.27
N9 OMG A 13 -1.47 8.54 4.30
C8 OMG A 13 -2.48 8.17 3.44
N7 OMG A 13 -3.01 7.02 3.72
C5 OMG A 13 -2.31 6.60 4.84
C6 OMG A 13 -2.44 5.41 5.61
O6 OMG A 13 -3.23 4.46 5.45
N1 OMG A 13 -1.53 5.38 6.67
C2 OMG A 13 -0.61 6.37 6.95
N2 OMG A 13 0.17 6.16 8.01
N3 OMG A 13 -0.49 7.47 6.24
C4 OMG A 13 -1.36 7.52 5.21
H5' OMG A 13 -2.61 12.54 1.94
H5'' OMG A 13 -1.74 11.77 0.60
H4' OMG A 13 -0.37 12.22 2.64
H3' OMG A 13 -0.58 9.45 1.50
H2' OMG A 13 0.88 8.65 3.23
HM21 OMG A 13 1.92 9.19 5.35
HM22 OMG A 13 1.55 10.83 5.88
HM23 OMG A 13 3.12 10.47 5.16
H1' OMG A 13 -0.40 10.00 5.29
H8 OMG A 13 -2.79 8.78 2.60
HN1 OMG A 13 -1.53 4.58 7.28
HN21 OMG A 13 0.08 5.31 8.55
HN22 OMG A 13 0.87 6.83 8.27
P OMG A 19 4.43 -11.83 -7.77
OP1 OMG A 19 4.83 -13.26 -7.83
OP2 OMG A 19 5.46 -10.80 -7.51
O5' OMG A 19 3.71 -11.46 -9.15
C5' OMG A 19 2.83 -12.39 -9.79
C4' OMG A 19 2.01 -11.69 -10.84
O4' OMG A 19 1.33 -10.56 -10.23
C3' OMG A 19 2.80 -11.08 -11.99
O3' OMG A 19 3.05 -12.03 -13.02
C2' OMG A 19 1.90 -9.94 -12.45
O2' OMG A 19 0.84 -10.43 -13.26
CM2 OMG A 19 -0.13 -9.51 -13.63
C1' OMG A 19 1.31 -9.46 -11.12
N9 OMG A 19 2.05 -8.36 -10.52
C8 OMG A 19 3.03 -8.45 -9.57
N7 OMG A 19 3.52 -7.29 -9.22
C5 OMG A 19 2.80 -6.37 -9.99
C6 OMG A 19 2.89 -4.96 -10.04
O6 OMG A 19 3.61 -4.20 -9.40
N1 OMG A 19 1.98 -4.44 -10.97
C2 OMG A 19 1.12 -5.18 -11.74
N2 OMG A 19 0.33 -4.48 -12.56
N3 OMG A 19 1.03 -6.50 -11.69
C4 OMG A 19 1.90 -7.03 -10.80
H5' OMG A 19 2.16 -12.83 -9.05
H5'' OMG A 19 3.42 -13.19 -10.26
H4' OMG A 19 1.33 -12.42 -11.28
H3' OMG A 19 3.79 -10.73 -11.67
H2' OMG A 19 2.48 -9.16 -12.94
HM21 OMG A 19 -0.99 -9.56 -12.98
HM22 OMG A 19 0.25 -8.50 -13.61
HM23 OMG A 19 -0.48 -9.71 -14.65
H1' OMG A 19 0.27 -9.15 -11.23
H8 OMG A 19 3.38 -9.38 -9.15
HN1 OMG A 19 1.96 -3.44 -11.09
HN21 OMG A 19 0.40 -3.48 -12.60
HN22 OMG A 19 -0.32 -4.97 -13.16
N1 PSU A 1 8.01 -1.90 -12.02
C2 PSU A 1 7.60 -3.20 -12.24
N3 PSU A 1 6.73 -3.36 -13.29
C4 PSU A 1 6.26 -2.37 -14.12
C5 PSU A 1 6.72 -1.06 -13.82
C6 PSU A 1 7.57 -0.87 -12.80
O2 PSU A 1 7.97 -4.14 -11.56
O4 PSU A 1 5.48 -2.66 -15.04
C1' PSU A 1 6.25 0.10 -14.68
C2' PSU A 1 5.15 0.93 -14.01
O2' PSU A 1 4.27 1.41 -15.02
C3' PSU A 1 5.95 2.06 -13.39
C4' PSU A 1 7.06 2.28 -14.41
O3' PSU A 1 5.16 3.23 -13.21
O4' PSU A 1 7.34 0.97 -14.95
C5' PSU A 1 8.34 2.86 -13.84
O5' PSU A 1 8.80 2.06 -12.74
HN1 PSU A 1 8.64 -1.71 -11.25
HN3 PSU A 1 6.41 -4.30 -13.48
H6 PSU A 1 7.92 0.14 -12.59
H1' PSU A 1 5.92 -0.30 -15.64
H2' PSU A 1 4.63 0.35 -13.24
HO2' PSU A 1 4.69 2.17 -15.42
H3' PSU A 1 6.34 1.81 -12.41
H4' PSU A 1 6.68 2.99 -15.14
H5' PSU A 1 9.09 2.88 -14.62
H5'' PSU A 1 8.16 3.88 -13.51
HO5' PSU A 1 9.26 1.31 -13.11
P OMG A 5 -7.15 -0.13 -3.00
OP1 OMG A 5 -8.45 0.38 -2.49
OP2 OMG A 5 -6.01 0.81 -3.16
O5' OMG A 5 -6.67 -1.33 -2.07
C5' OMG A 5 -7.60 -2.30 -1.59
C4' OMG A 5 -6.88 -3.56 -1.19
O4' OMG A 5 -5.68 -3.69 -2.03
C3' OMG A 5 -6.37 -3.58 0.25
O3' OMG A 5 -7.30 -4.18 1.13
C2' OMG A 5 -5.08 -4.39 0.14
O2' OMG A 5 -5.35 -5.77 0.07
CM2 OMG A 5 -4.26 -6.60 0.33
C1' OMG A 5 -4.55 -3.91 -1.20
N9 OMG A 5 -3.79 -2.67 -1.14
C8 OMG A 5 -4.14 -1.45 -1.66
N7 OMG A 5 -3.24 -0.52 -1.43
C5 OMG A 5 -2.25 -1.17 -0.70
C6 OMG A 5 -1.04 -0.68 -0.16
O6 OMG A 5 -0.58 0.47 -0.22
N1 OMG A 5 -0.33 -1.68 0.50
C2 OMG A 5 -0.74 -2.98 0.63
N2 OMG A 5 0.08 -3.79 1.30
N3 OMG A 5 -1.87 -3.45 0.13
C4 OMG A 5 -2.57 -2.50 -0.52
H5' OMG A 5 -8.32 -2.53 -2.39
H5'' OMG A 5 -8.15 -1.91 -0.74
H4' OMG A 5 -7.58 -4.39 -1.29
H3' OMG A 5 -6.21 -2.57 0.63
H2' OMG A 5 -4.39 -4.13 0.95
HM21 OMG A 5 -4.36 -7.55 -0.18
HM22 OMG A 5 -4.16 -6.79 1.39
HM23 OMG A 5 -3.33 -6.14 -0.03
H1' OMG A 5 -3.95 -4.66 -1.70
H8 OMG A 5 -5.04 -1.29 -2.23
HN1 OMG A 5 0.56 -1.42 0.92
HN21 OMG A 5 0.95 -3.43 1.68
HN22 OMG A 5 -0.16 -4.76 1.44
P OMG A 6 -7.29 -3.79 2.69
OP1 OMG A 6 -8.16 -4.76 3.42
OP2 OMG A 6 -7.57 -2.34 2.79
O5' OMG A 6 -5.78 -4.04 3.14
C5' OMG A 6 -5.43 -5.21 3.87
C4' OMG A 6 -3.95 -5.17 4.21
O4' OMG A 6 -3.21 -4.64 3.08
C3' OMG A 6 -3.57 -4.26 5.37
O3' OMG A 6 -3.76 -4.88 6.63
C2' OMG A 6 -2.10 -3.97 5.08
O2' OMG A 6 -1.29 -5.05 5.48
CM2 OMG A 6 0.09 -4.85 5.36
C1' OMG A 6 -2.10 -3.88 3.56
N9 OMG A 6 -2.21 -2.52 3.06
C8 OMG A 6 -3.31 -1.93 2.49
N7 OMG A 6 -3.11 -0.69 2.14
C5 OMG A 6 -1.79 -0.45 2.49
C6 OMG A 6 -1.00 0.72 2.35
O6 OMG A 6 -1.32 1.81 1.88
N1 OMG A 6 0.28 0.53 2.85
C2 OMG A 6 0.76 -0.63 3.40
N2 OMG A 6 2.03 -0.62 3.81
N3 OMG A 6 0.03 -1.73 3.53
C4 OMG A 6 -1.22 -1.57 3.06
H5' OMG A 6 -5.63 -6.09 3.28
H5'' OMG A 6 -6.00 -5.25 4.79
H4' OMG A 6 -3.65 -6.17 4.50
H3' OMG A 6 -4.17 -3.34 5.38
H2' OMG A 6 -1.79 -3.03 5.54
HM21 OMG A 6 0.34 -3.79 5.54
HM22 OMG A 6 0.64 -5.45 6.09
HM23 OMG A 6 0.44 -5.11 4.36
H1' OMG A 6 -1.21 -4.32 3.13
H8 OMG A 6 -4.26 -2.44 2.36
HN1 OMG A 6 0.93 1.31 2.79
HN21 OMG A 6 2.58 0.22 3.71
HN22 OMG A 6 2.44 -1.45 4.23
N1 PSU A 9 -2.65 4.99 12.58
C2 PSU A 9 -3.50 5.49 11.62
N3 PSU A 9 -3.21 6.76 11.18
C4 PSU A 9 -2.16 7.56 11.60
C5 PSU A 9 -1.33 6.97 12.61
C6 PSU A 9 -1.58 5.74 13.04
O2 PSU A 9 -4.44 4.86 11.19
O4 PSU A 9 -2.03 8.69 11.11
C1' PSU A 9 -0.16 7.79 13.12
C2' PSU A 9 -0.44 8.43 14.49
O2' PSU A 9 0.20 9.68 14.55
C3' PSU A 9 0.22 7.43 15.43
C4' PSU A 9 1.46 7.03 14.65
O3' PSU A 9 0.54 7.99 16.69
O4' PSU A 9 0.98 6.95 13.28
C5' PSU A 9 2.07 5.71 15.04
O5' PSU A 9 1.05 4.74 15.28
P PSU A 9 1.29 3.54 16.30
OP1 PSU A 9 2.49 3.84 17.10
OP2 PSU A 9 -0.01 3.27 16.98
HN1 PSU A 9 -2.79 4.07 12.95
HN3 PSU A 9 -3.81 7.16 10.48
H6 PSU A 9 -0.93 5.31 13.80
H1' PSU A 9 0.10 8.54 12.38
H2' PSU A 9 -1.52 8.50 14.68
HO2' PSU A 9 0.40 9.94 13.64
H3' PSU A 9 -0.42 6.56 15.63
H4' PSU A 9 2.19 7.81 14.81
H5' PSU A 9 2.74 5.37 14.24
H5'' PSU A 9 2.66 5.86 15.95
P OMG A 13 -4.91 12.15 3.62
OP1 OMG A 13 -5.44 13.48 3.99
OP2 OMG A 13 -4.98 11.68 2.21
O5' OMG A 13 -3.39 12.06 4.09
C5' OMG A 13 -2.45 13.07 3.71
C4' OMG A 13 -1.11 12.81 4.35
O4' OMG A 13 -1.32 12.44 5.75
C3' OMG A 13 -0.32 11.64 3.76
O3' OMG A 13 0.51 12.07 2.69
C2' OMG A 13 0.48 11.13 4.95
O2' OMG A 13 1.61 11.95 5.19
CM2 OMG A 13 2.34 11.68 6.34
C1' OMG A 13 -0.53 11.32 6.08
N9 OMG A 13 -1.39 10.18 6.29
C8 OMG A 13 -2.67 9.99 5.81
N7 OMG A 13 -3.20 8.86 6.18
C5 OMG A 13 -2.22 8.25 6.96
C6 OMG A 13 -2.21 7.02 7.63
O6 OMG A 13 -3.11 6.16 7.69
N1 OMG A 13 -1.01 6.80 8.30
C2 OMG A 13 0.05 7.68 8.32
N2 OMG A 13 1.12 7.29 9.02
N3 OMG A 13 0.06 8.84 7.69
C4 OMG A 13 -1.10 9.07 7.03
H5' OMG A 13 -2.81 14.05 4.03
H5'' OMG A 13 -2.33 13.08 2.63
H4' OMG A 13 -0.50 13.69 4.23
H3' OMG A 13 -0.99 10.89 3.35
H2' OMG A 13 0.74 10.08 4.81
HM21 OMG A 13 2.21 10.64 6.65
HM22 OMG A 13 2.01 12.32 7.16
HM23 OMG A 13 3.39 11.85 6.18
H1' OMG A 13 -0.03 11.55 7.03
H8 OMG A 13 -3.18 10.71 5.18
HN1 OMG A 13 -0.90 5.95 8.82
HN21 OMG A 13 1.12 6.40 9.50
HN22 OMG A 13 1.93 7.88 9.06
P OMG A 19 4.57 -12.24 -8.57
OP1 OMG A 19 5.18 -13.59 -8.64
OP2 OMG A 19 5.46 -11.05 -8.55
O5' OMG A 19 3.56 -12.08 -9.78
C5' OMG A 19 2.74 -13.18 -10.20
C4' OMG A 19 1.69 -12.70 -11.18
O4' OMG A 19 0.94 -11.60 -10.56
C3' OMG A 19 2.23 -12.12 -12.48
O3' OMG A 19 2.34 -13.13 -13.49
C2' OMG A 19 1.19 -11.07 -12.85
O2' OMG A 19 0.03 -11.64 -13.39
CM2 OMG A 19 -0.94 -10.74 -13.82
C1' OMG A 19 0.86 -10.52 -11.46
N9 OMG A 19 1.78 -9.48 -11.00
C8 OMG A 19 2.79 -9.60 -10.09
N7 OMG A 19 3.44 -8.48 -9.88
C5 OMG A 19 2.81 -7.57 -10.71
C6 OMG A 19 3.08 -6.19 -10.91
O6 OMG A 19 3.94 -5.48 -10.39
N1 OMG A 19 2.20 -5.63 -11.85
C2 OMG A 19 1.20 -6.32 -12.50
N2 OMG A 19 0.47 -5.61 -13.37
N3 OMG A 19 0.95 -7.61 -12.31
C4 OMG A 19 1.78 -8.16 -11.42
H5' OMG A 19 2.24 -13.61 -9.33
H5'' OMG A 19 3.35 -13.94 -10.69
H4' OMG A 19 1.06 -13.55 -11.44
H3' OMG A 19 3.23 -11.71 -12.36
H2' OMG A 19 1.64 -10.29 -13.48
HM21 OMG A 19 -1.53 -11.17 -14.63
HM22 OMG A 19 -1.61 -10.47 -13.00
HM23 OMG A 19 -0.48 -9.83 -14.19
H1' OMG A 19 -0.15 -10.13 -11.39
H8 OMG A 19 3.03 -10.52 -9.58
HN1 OMG A 19 2.31 -4.66 -12.07
HN21 OMG A 19 0.67 -4.63 -13.50
HN22 OMG A 19 -0.28 -6.06 -13.88
N1 PSU A 1 7.27 0.64 -10.53
C2 PSU A 1 6.93 -0.67 -10.84
N3 PSU A 1 5.96 -0.79 -11.82
C4 PSU A 1 5.33 0.24 -12.49
C5 PSU A 1 5.74 1.55 -12.10
C6 PSU A 1 6.68 1.71 -11.16
O2 PSU A 1 7.43 -1.63 -10.30
O4 PSU A 1 4.49 -0.04 -13.35
C1' PSU A 1 5.09 2.73 -12.80
C2' PSU A 1 3.90 3.30 -12.04
O2' PSU A 1 3.02 3.91 -12.97
C3' PSU A 1 4.58 4.34 -11.16
C4' PSU A 1 5.68 4.89 -12.05
O3' PSU A 1 3.68 5.36 -10.74
O4' PSU A 1 6.04 3.78 -12.92
C5' PSU A 1 6.91 5.38 -11.34
O5' PSU A 1 7.40 4.38 -10.43
HN1 PSU A 1 7.97 0.81 -9.82
HN3 PSU A 1 5.71 -1.73 -12.07
H6 PSU A 1 6.97 2.71 -10.87
H1' PSU A 1 4.83 2.44 -13.81
H2' PSU A 1 3.41 2.54 -11.43
HO2' PSU A 1 3.20 4.86 -12.94
H3' PSU A 1 4.98 3.91 -10.24
H4' PSU A 1 5.25 5.74 -12.59
H5' PSU A 1 7.68 5.61 -12.08
H5'' PSU A 1 6.66 6.28 -10.79
HO5' PSU A 1 7.43 4.78 -9.56
P OMG A 5 -8.41 -0.76 -0.98
OP1 OMG A 5 -9.75 -0.26 -0.59
OP2 OMG A 5 -7.21 0.10 -0.78
O5' OMG A 5 -8.15 -2.14 -0.23
C5' OMG A 5 -7.28 -2.22 0.89
C4' OMG A 5 -6.53 -3.54 0.89
O4' OMG A 5 -5.57 -3.52 -0.21
C3' OMG A 5 -5.71 -3.82 2.13
O3' OMG A 5 -6.48 -4.50 3.12
C2' OMG A 5 -4.57 -4.68 1.60
O2' OMG A 5 -4.99 -6.01 1.38
CM2 OMG A 5 -3.99 -6.89 0.98
C1' OMG A 5 -4.32 -4.02 0.24
N9 OMG A 5 -3.38 -2.92 0.29
C8 OMG A 5 -3.63 -1.59 0.05
N7 OMG A 5 -2.57 -0.83 0.16
C5 OMG A 5 -1.56 -1.72 0.51
C6 OMG A 5 -0.19 -1.47 0.77
O6 OMG A 5 0.43 -0.40 0.75
N1 OMG A 5 0.49 -2.65 1.09
C2 OMG A 5 -0.08 -3.90 1.14
N2 OMG A 5 0.73 -4.92 1.46
N3 OMG A 5 -1.36 -4.14 0.90
C4 OMG A 5 -2.03 -3.01 0.59
H5' OMG A 5 -7.85 -2.13 1.81
H5'' OMG A 5 -6.55 -1.41 0.85
H4' OMG A 5 -7.27 -4.33 0.80
H3' OMG A 5 -5.36 -2.90 2.61
H2' OMG A 5 -3.69 -4.60 2.25
HM21 OMG A 5 -4.21 -7.90 1.30
HM22 OMG A 5 -3.02 -6.61 1.40
HM23 OMG A 5 -3.89 -6.90 -0.10
H1' OMG A 5 -3.98 -4.74 -0.51
H8 OMG A 5 -4.61 -1.21 -0.21
HN1 OMG A 5 1.48 -2.58 1.29
HN21 OMG A 5 1.71 -4.74 1.65
HN22 OMG A 5 0.37 -5.86 1.53
P OMG A 6 -5.96 -4.56 4.64
OP1 OMG A 6 -6.51 -5.77 5.29
OP2 OMG A 6 -6.22 -3.23 5.24
O5' OMG A 6 -4.38 -4.73 4.50
C5' OMG A 6 -3.80 -6.03 4.48
C4' OMG A 6 -2.38 -5.97 4.99
O4' OMG A 6 -1.53 -5.37 3.97
C3' OMG A 6 -2.16 -5.08 6.21
O3' OMG A 6 -2.45 -5.77 7.42
C2' OMG A 6 -0.68 -4.72 6.10
O2' OMG A 6 0.14 -5.78 6.55
CM2 OMG A 6 1.52 -5.54 6.50
C1' OMG A 6 -0.51 -4.60 4.58
N9 OMG A 6 -0.63 -3.22 4.10
C8 OMG A 6 -1.75 -2.60 3.64
N7 OMG A 6 -1.54 -1.36 3.28
C5 OMG A 6 -0.19 -1.16 3.51
C6 OMG A 6 0.63 -0.01 3.32
O6 OMG A 6 0.31 1.09 2.88
N1 OMG A 6 1.95 -0.25 3.70
C2 OMG A 6 2.42 -1.45 4.20
N2 OMG A 6 3.73 -1.47 4.51
N3 OMG A 6 1.67 -2.52 4.39
C4 OMG A 6 0.39 -2.30 4.02
H5' OMG A 6 -3.80 -6.42 3.47
H5'' OMG A 6 -4.36 -6.71 5.12
H4' OMG A 6 -2.07 -6.97 5.27
H3' OMG A 6 -2.80 -4.20 6.19
H2' OMG A 6 -0.47 -3.78 6.60
HM21 OMG A 6 2.03 -6.05 7.32
HM22 OMG A 6 1.93 -5.92 5.56
HM23 OMG A 6 1.74 -4.48 6.56
H1' OMG A 6 0.45 -5.00 4.25
H8 OMG A 6 -2.72 -3.07 3.58
HN1 OMG A 6 2.61 0.50 3.60
HN21 OMG A 6 4.30 -0.65 4.36
HN22 OMG A 6 4.13 -2.32 4.88
N1 PSU A 9 -2.15 4.77 9.79
C2 PSU A 9 -2.16 5.61 8.70
N3 PSU A 9 -1.38 6.74 8.83
C4 PSU A 9 -0.61 7.08 9.92
C5 PSU A 9 -0.65 6.15 11.01
C6 PSU A 9 -1.40 5.04 10.91
O2 PSU A 9 -2.81 5.40 7.70
O4 PSU A 9 0.05 8.13 9.89
C1' PSU A 9 0.15 6.46 12.26
C2' PSU A 9 -0.09 7.89 12.78
O2' PSU A 9 1.10 8.37 13.35
C3' PSU A 9 -1.16 7.63 13.84
C4' PSU A 9 -0.68 6.32 14.45
O3' PSU A 9 -1.21 8.67 14.82
O4' PSU A 9 -0.22 5.57 13.30
C5' PSU A 9 -1.73 5.53 15.18
O5' PSU A 9 -1.37 4.15 15.22
P PSU A 9 -0.65 3.53 16.50
OP1 PSU A 9 0.42 4.46 16.93
OP2 PSU A 9 -1.71 3.13 17.47
HN1 PSU A 9 -2.72 3.94 9.78
HN3 PSU A 9 -1.37 7.38 8.05
H6 PSU A 9 -1.39 4.33 11.73
H1' PSU A 9 1.21 6.30 12.05
H2' PSU A 9 -0.48 8.54 12.00
HO2' PSU A 9 1.21 7.94 14.19
H3' PSU A 9 -2.15 7.54 13.42
H4' PSU A 9 0.11 6.56 15.16
H5' PSU A 9 -1.82 5.90 16.20
H5'' PSU A 9 -2.69 5.64 14.66
P OMG A 13 -2.51 10.24 1.41
OP1 OMG A 13 -3.10 11.53 0.99
OP2 OMG A 13 -1.85 9.38 0.39
O5' OMG A 13 -1.47 10.53 2.58
C5' OMG A 13 -0.74 11.76 2.64
C4' OMG A 13 0.54 11.55 3.39
O4' OMG A 13 0.24 11.04 4.73
C3' OMG A 13 1.49 10.53 2.78
O3' OMG A 13 2.35 11.10 1.82
C2' OMG A 13 2.26 10.03 4.01
O2' OMG A 13 3.23 10.96 4.42
CM2 OMG A 13 3.87 10.71 5.63
C1' OMG A 13 1.13 9.99 5.05
N9 OMG A 13 0.38 8.74 5.05
C8 OMG A 13 -0.57 8.33 4.15
N7 OMG A 13 -1.07 7.16 4.42
C5 OMG A 13 -0.41 6.77 5.59
C6 OMG A 13 -0.54 5.59 6.37
O6 OMG A 13 -1.28 4.62 6.18
N1 OMG A 13 0.32 5.61 7.45
C2 OMG A 13 1.19 6.63 7.76
N2 OMG A 13 1.94 6.46 8.87
N3 OMG A 13 1.32 7.73 7.05
C4 OMG A 13 0.49 7.74 5.98
H5' OMG A 13 -1.34 12.50 3.15
H5'' OMG A 13 -0.52 12.10 1.63
H4' OMG A 13 1.08 12.51 3.40
H3' OMG A 13 0.96 9.73 2.27
H2' OMG A 13 2.67 9.04 3.82
HM21 OMG A 13 3.85 9.64 5.87
HM22 OMG A 13 3.38 11.24 6.44
HM23 OMG A 13 4.90 11.03 5.60
H1' OMG A 13 1.50 10.17 6.06
H8 OMG A 13 -0.87 8.91 3.29
HN1 OMG A 13 0.31 4.82 8.08
HN21 OMG A 13 1.84 5.62 9.42
HN22 OMG A 13 2.60 7.17 9.14
P OMG A 19 3.65 -12.15 -8.27
OP1 OMG A 19 3.91 -13.61 -8.42
OP2 OMG A 19 4.80 -11.23 -8.05
O5' OMG A 19 2.85 -11.65 -9.53
C5' OMG A 19 1.83 -12.45 -10.13
C4' OMG A 19 0.98 -11.62 -11.06
O4' OMG A 19 0.47 -10.47 -10.33
C3' OMG A 19 1.72 -11.01 -12.25
O3' OMG A 19 1.78 -11.93 -13.34
C2' OMG A 19 0.87 -9.79 -12.57
O2' OMG A 19 -0.29 -10.15 -13.31
CM2 OMG A 19 -1.21 -9.13 -13.55
C1' OMG A 19 0.44 -9.34 -11.18
N9 OMG A 19 1.31 -8.32 -10.60
C8 OMG A 19 2.36 -8.51 -9.74
N7 OMG A 19 2.95 -7.41 -9.38
C5 OMG A 19 2.25 -6.42 -10.06
C6 OMG A 19 2.43 -5.01 -10.07
O6 OMG A 19 3.27 -4.33 -9.47
N1 OMG A 19 1.50 -4.38 -10.89
C2 OMG A 19 0.52 -5.03 -11.60
N2 OMG A 19 -0.28 -4.24 -12.34
N3 OMG A 19 0.34 -6.34 -11.60
C4 OMG A 19 1.24 -6.96 -10.82
H5' OMG A 19 1.19 -12.87 -9.35
H5'' OMG A 19 2.29 -13.27 -10.70
H4' OMG A 19 0.20 -12.27 -11.47
H3' OMG A 19 2.75 -10.76 -12.00
H2' OMG A 19 1.47 -9.02 -13.08
HM21 OMG A 19 -2.02 -9.16 -12.81
HM22 OMG A 19 -0.74 -8.16 -13.51
HM23 OMG A 19 -1.66 -9.25 -14.54
H1' OMG A 19 -0.58 -8.95 -11.17
H8 OMG A 19 2.67 -9.49 -9.39
HN1 OMG A 19 1.55 -3.37 -10.97
HN21 OMG A 19 -0.16 -3.24 -12.34
HN22 OMG A 19 -1.03 -4.65 -12.89
N1 PSU A 1 8.60 -1.60 -12.13
C2 PSU A 1 8.25 -2.92 -12.35
N3 PSU A 1 7.35 -3.11 -13.37
C4 PSU A 1 6.77 -2.14 -14.17
C5 PSU A 1 7.19 -0.81 -13.87
C6 PSU A 1 8.06 -0.58 -12.89
O2 PSU A 1 8.70 -3.84 -11.70
O4 PSU A 1 5.98 -2.48 -15.04
C1' PSU A 1 6.60 0.31 -14.70
C2' PSU A 1 5.48 1.08 -13.99
O2' PSU A 1 4.54 1.53 -14.96
C3' PSU A 1 6.24 2.25 -13.38
C4' PSU A 1 7.30 2.54 -14.43
O3' PSU A 1 5.40 3.37 -13.16
O4' PSU A 1 7.63 1.25 -15.01
C5' PSU A 1 8.57 3.17 -13.92
O5' PSU A 1 9.24 2.29 -13.01
HN1 PSU A 1 9.25 -1.38 -11.39
HN3 PSU A 1 7.08 -4.07 -13.56
H6 PSU A 1 8.35 0.45 -12.68
H1' PSU A 1 6.26 -0.09 -15.65
H2' PSU A 1 5.02 0.47 -13.21
HO2' PSU A 1 4.99 1.51 -15.81
H3' PSU A 1 6.69 2.01 -12.42
H4' PSU A 1 6.86 3.24 -15.15
H5' PSU A 1 9.24 3.40 -14.76
H5'' PSU A 1 8.32 4.10 -13.40
HO5' PSU A 1 10.04 2.73 -12.70
P OMG A 5 -7.60 -1.02 -3.26
OP1 OMG A 5 -9.05 -0.92 -2.98
OP2 OMG A 5 -6.76 0.21 -3.33
O5' OMG A 5 -6.94 -2.00 -2.18
C5' OMG A 5 -7.75 -2.88 -1.40
C4' OMG A 5 -6.97 -4.13 -1.06
O4' OMG A 5 -5.82 -4.20 -1.94
C3' OMG A 5 -6.42 -4.17 0.36
O3' OMG A 5 -7.31 -4.81 1.26
C2' OMG A 5 -5.12 -4.95 0.19
O2' OMG A 5 -5.36 -6.34 0.09
CM2 OMG A 5 -4.23 -7.13 0.24
C1' OMG A 5 -4.66 -4.44 -1.17
N9 OMG A 5 -3.90 -3.18 -1.10
C8 OMG A 5 -4.27 -1.96 -1.59
N7 OMG A 5 -3.39 -1.02 -1.38
C5 OMG A 5 -2.36 -1.68 -0.70
C6 OMG A 5 -1.13 -1.18 -0.20
O6 OMG A 5 -0.68 -0.02 -0.27
N1 OMG A 5 -0.39 -2.18 0.41
C2 OMG A 5 -0.78 -3.49 0.54
N2 OMG A 5 0.08 -4.30 1.17
N3 OMG A 5 -1.92 -3.96 0.08
C4 OMG A 5 -2.66 -3.01 -0.52
H5' OMG A 5 -8.64 -3.15 -1.97
H5'' OMG A 5 -8.06 -2.38 -0.49
H4' OMG A 5 -7.66 -4.97 -1.15
H3' OMG A 5 -6.26 -3.17 0.75
H2' OMG A 5 -4.41 -4.70 0.98
HM21 OMG A 5 -4.03 -7.33 1.29
HM22 OMG A 5 -3.35 -6.65 -0.18
HM23 OMG A 5 -4.36 -8.09 -0.26
H1' OMG A 5 -4.06 -5.16 -1.71
H8 OMG A 5 -5.21 -1.79 -2.10
HN1 OMG A 5 0.50 -1.92 0.80
HN21 OMG A 5 0.95 -3.94 1.53
HN22 OMG A 5 -0.15 -5.28 1.30
P OMG A 6 -7.25 -4.44 2.82
OP1 OMG A 6 -8.06 -5.45 3.56
OP2 OMG A 6 -7.59 -3.00 2.96
O5' OMG A 6 -5.72 -4.63 3.21
C5' OMG A 6 -5.29 -5.80 3.90
C4' OMG A 6 -3.83 -5.68 4.26
O4' OMG A 6 -3.10 -5.14 3.14
C3' OMG A 6 -3.51 -4.72 5.41
O3' OMG A 6 -3.68 -5.33 6.68
C2' OMG A 6 -2.06 -4.35 5.13
O2' OMG A 6 -1.18 -5.37 5.56
CM2 OMG A 6 0.17 -5.05 5.47
C1' OMG A 6 -2.05 -4.30 3.60
N9 OMG A 6 -2.25 -2.96 3.06
C8 OMG A 6 -3.38 -2.45 2.48
N7 OMG A 6 -3.25 -1.22 2.09
C5 OMG A 6 -1.94 -0.89 2.42
C6 OMG A 6 -1.21 0.33 2.24
O6 OMG A 6 -1.60 1.38 1.74
N1 OMG A 6 0.09 0.22 2.74
C2 OMG A 6 0.62 -0.90 3.32
N2 OMG A 6 1.89 -0.80 3.73
N3 OMG A 6 -0.05 -2.03 3.49
C4 OMG A 6 -1.31 -1.95 3.02
H5' OMG A 6 -5.43 -6.68 3.27
H5'' OMG A 6 -5.87 -5.93 4.82
H4' OMG A 6 -3.48 -6.66 4.58
H3' OMG A 6 -4.18 -3.85 5.39
H2' OMG A 6 -1.82 -3.38 5.56
HM21 OMG A 6 0.74 -5.62 6.20
HM22 OMG A 6 0.57 -5.27 4.49
HM23 OMG A 6 0.33 -3.99 5.68
H1' OMG A 6 -1.12 -4.70 3.19
H8 OMG A 6 -4.29 -3.02 2.37
HN1 OMG A 6 0.68 1.03 2.66
HN21 OMG A 6 2.39 0.06 3.60
HN22 OMG A 6 2.35 -1.59 4.17
N1 PSU A 9 -2.34 4.98 13.11
C2 PSU A 9 -3.32 5.60 12.36
N3 PSU A 9 -3.18 6.96 12.26
C4 PSU A 9 -2.20 7.74 12.83
C5 PSU A 9 -1.22 7.02 13.58
C6 PSU A 9 -1.32 5.69 13.70
O2 PSU A 9 -4.23 5.00 11.82
O4 PSU A 9 -2.22 8.96 12.65
C1' PSU A 9 -0.10 7.80 14.24
C2' PSU A 9 -0.15 7.75 15.76
O2' PSU A 9 0.24 9.02 16.26
C3' PSU A 9 0.90 6.70 16.09
C4' PSU A 9 1.93 6.90 14.98
O3' PSU A 9 1.49 6.90 17.37
O4' PSU A 9 1.15 7.26 13.82
C5' PSU A 9 2.76 5.67 14.65
O5' PSU A 9 2.09 4.50 15.08
P PSU A 9 2.89 3.24 15.63
OP1 PSU A 9 4.28 3.30 15.10
OP2 PSU A 9 2.68 3.18 17.10
HN1 PSU A 9 -2.37 3.97 13.22
HN3 PSU A 9 -3.89 7.44 11.72
H6 PSU A 9 -0.58 5.15 14.28
H1' PSU A 9 -0.13 8.82 13.88
H2' PSU A 9 -1.12 7.44 16.13
HO2' PSU A 9 1.10 9.22 15.90
H3' PSU A 9 0.51 5.69 16.10
H4' PSU A 9 2.62 7.68 15.31
H5' PSU A 9 2.93 5.63 13.58
H5'' PSU A 9 3.72 5.76 15.16
P OMG A 13 -6.18 12.00 4.48
OP1 OMG A 13 -6.35 13.46 4.63
OP2 OMG A 13 -6.94 11.28 3.43
O5' OMG A 13 -4.63 11.71 4.24
C5' OMG A 13 -3.79 12.67 3.61
C4' OMG A 13 -2.38 12.51 4.10
O4' OMG A 13 -2.41 12.23 5.53
C3' OMG A 13 -1.59 11.37 3.47
O3' OMG A 13 -0.87 11.79 2.32
C2' OMG A 13 -0.66 10.94 4.60
O2' OMG A 13 0.43 11.83 4.73
CM2 OMG A 13 1.26 11.65 5.83
C1' OMG A 13 -1.58 11.11 5.80
N9 OMG A 13 -2.43 9.97 6.07
C8 OMG A 13 -3.72 9.75 5.63
N7 OMG A 13 -4.23 8.62 6.05
C5 OMG A 13 -3.21 8.06 6.80
C6 OMG A 13 -3.16 6.82 7.50
O6 OMG A 13 -4.05 5.97 7.60
N1 OMG A 13 -1.94 6.64 8.13
C2 OMG A 13 -0.89 7.52 8.09
N2 OMG A 13 0.21 7.16 8.76
N3 OMG A 13 -0.91 8.66 7.44
C4 OMG A 13 -2.10 8.87 6.83
H5' OMG A 13 -4.15 13.68 3.84
H5'' OMG A 13 -3.82 12.53 2.53
H4' OMG A 13 -1.84 13.43 3.85
H3' OMG A 13 -2.24 10.57 3.15
H2' OMG A 13 -0.35 9.90 4.48
HM21 OMG A 13 1.21 10.62 6.19
HM22 OMG A 13 0.95 12.29 6.66
HM23 OMG A 13 2.30 11.88 5.59
H1' OMG A 13 -1.03 11.35 6.72
H8 OMG A 13 -4.26 10.45 5.01
HN1 OMG A 13 -1.80 5.79 8.66
HN21 OMG A 13 0.23 6.28 9.26
HN22 OMG A 13 1.02 7.76 8.77
P OMG A 19 4.64 -12.92 -8.35
OP1 OMG A 19 5.10 -14.33 -8.40
OP2 OMG A 19 5.63 -11.81 -8.24
O5' OMG A 19 3.75 -12.64 -9.64
C5' OMG A 19 2.83 -13.62 -10.11
C4' OMG A 19 1.91 -13.02 -11.16
O4' OMG A 19 1.27 -11.85 -10.59
C3' OMG A 19 2.61 -12.53 -12.42
O3' OMG A 19 2.71 -13.56 -13.39
C2' OMG A 19 1.70 -11.38 -12.87
O2' OMG A 19 0.56 -11.88 -13.53
CM2 OMG A 19 -0.40 -10.94 -13.90
C1' OMG A 19 1.28 -10.79 -11.54
N9 OMG A 19 2.16 -9.74 -11.05
C8 OMG A 19 3.14 -9.85 -10.09
N7 OMG A 19 3.76 -8.73 -9.86
C5 OMG A 19 3.16 -7.82 -10.72
C6 OMG A 19 3.43 -6.44 -10.92
O6 OMG A 19 4.26 -5.72 -10.35
N1 OMG A 19 2.58 -5.90 -11.89
C2 OMG A 19 1.62 -6.60 -12.57
N2 OMG A 19 0.91 -5.89 -13.48
N3 OMG A 19 1.37 -7.88 -12.39
C4 OMG A 19 2.18 -8.43 -11.46
H5' OMG A 19 2.23 -14.00 -9.27
H5'' OMG A 19 3.36 -14.46 -10.55
H4' OMG A 19 1.21 -13.80 -11.46
H3' OMG A 19 3.63 -12.20 -12.21
H2' OMG A 19 2.27 -10.66 -13.47
HM21 OMG A 19 -1.19 -10.88 -13.14
HM22 OMG A 19 0.04 -9.95 -14.01
HM23 OMG A 19 -0.87 -11.21 -14.84
H1' OMG A 19 0.26 -10.39 -11.57
H8 OMG A 19 3.36 -10.77 -9.57
HN1 OMG A 19 2.70 -4.92 -12.10
HN21 OMG A 19 1.10 -4.91 -13.61
HN22 OMG A 19 0.19 -6.36 -14.01
N1 PSU A 1 6.02 0.90 -12.71
C2 PSU A 1 5.95 -0.47 -12.88
N3 PSU A 1 5.02 -0.89 -13.79
C4 PSU A 1 4.17 -0.10 -14.54
C5 PSU A 1 4.32 1.30 -14.31
C6 PSU A 1 5.21 1.75 -13.43
O2 PSU A 1 6.65 -1.25 -12.25
O4 PSU A 1 3.39 -0.64 -15.32
C1' PSU A 1 3.43 2.24 -15.10
C2' PSU A 1 2.22 2.74 -14.32
O2' PSU A 1 1.17 3.01 -15.23
C3' PSU A 1 2.77 4.02 -13.71
C4' PSU A 1 3.67 4.57 -14.80
O3' PSU A 1 1.73 4.95 -13.38
O4' PSU A 1 4.18 3.38 -15.48
C5' PSU A 1 4.84 5.39 -14.33
O5' PSU A 1 5.52 4.74 -13.25
HN1 PSU A 1 6.69 1.29 -12.06
HN3 PSU A 1 4.94 -1.90 -13.92
H6 PSU A 1 5.30 2.82 -13.27
H1' PSU A 1 3.13 1.75 -16.03
H2' PSU A 1 1.93 2.04 -13.53
HO2' PSU A 1 1.54 2.97 -16.11
H3' PSU A 1 3.31 3.85 -12.78
H4' PSU A 1 3.05 5.20 -15.44
H5' PSU A 1 5.53 5.55 -15.15
H5'' PSU A 1 4.47 6.36 -13.99
HO5' PSU A 1 5.39 5.26 -12.46
P OMG A 5 -8.00 -1.42 -2.66
OP1 OMG A 5 -9.11 -2.36 -2.86
OP2 OMG A 5 -7.95 -0.16 -3.45
O5' OMG A 5 -7.95 -1.03 -1.12
C5' OMG A 5 -6.72 -1.04 -0.39
C4' OMG A 5 -6.14 -2.44 -0.38
O4' OMG A 5 -5.00 -2.48 -1.29
C3' OMG A 5 -5.59 -2.90 0.96
O3' OMG A 5 -6.59 -3.53 1.76
C2' OMG A 5 -4.48 -3.86 0.57
O2' OMG A 5 -5.01 -5.12 0.20
CM2 OMG A 5 -4.07 -6.13 0.04
C1' OMG A 5 -3.94 -3.18 -0.68
N9 OMG A 5 -2.87 -2.22 -0.40
C8 OMG A 5 -2.91 -0.86 -0.58
N7 OMG A 5 -1.80 -0.26 -0.25
C5 OMG A 5 -0.97 -1.28 0.19
C6 OMG A 5 0.36 -1.25 0.68
O6 OMG A 5 1.10 -0.27 0.83
N1 OMG A 5 0.81 -2.52 1.01
C2 OMG A 5 0.08 -3.68 0.89
N2 OMG A 5 0.70 -4.81 1.26
N3 OMG A 5 -1.16 -3.73 0.43
C4 OMG A 5 -1.62 -2.50 0.10
H5' OMG A 5 -6.89 -0.72 0.64
H5'' OMG A 5 -6.00 -0.37 -0.87
H4' OMG A 5 -6.94 -3.13 -0.64
H3' OMG A 5 -5.22 -2.06 1.56
H2' OMG A 5 -3.73 -3.93 1.35
HM21 OMG A 5 -3.61 -6.09 -0.95
HM22 OMG A 5 -4.53 -7.11 0.15
HM23 OMG A 5 -3.27 -6.05 0.78
H1' OMG A 5 -3.56 -3.89 -1.41
H8 OMG A 5 -3.77 -0.33 -0.96
HN1 OMG A 5 1.75 -2.60 1.38
HN21 OMG A 5 1.65 -4.78 1.61
HN22 OMG A 5 0.22 -5.70 1.19
P OMG A 6 -6.49 -3.47 3.36
OP1 OMG A 6 -7.37 -4.53 3.91
OP2 OMG A 6 -6.70 -2.06 3.77
O5' OMG A 6 -4.98 -3.86 3.67
C5' OMG A 6 -4.55 -5.22 3.66
C4' OMG A 6 -3.22 -5.35 4.37
O4' OMG A 6 -2.18 -4.88 3.49
C3' OMG A 6 -3.07 -4.51 5.63
O3' OMG A 6 -3.61 -5.17 6.77
C2' OMG A 6 -1.56 -4.33 5.71
O2' OMG A 6 -0.94 -5.49 6.25
CM2 OMG A 6 0.43 -5.37 6.48
C1' OMG A 6 -1.18 -4.22 4.24
N9 OMG A 6 -1.09 -2.84 3.78
C8 OMG A 6 -2.06 -2.11 3.13
N7 OMG A 6 -1.68 -0.90 2.83
C5 OMG A 6 -0.38 -0.82 3.31
C6 OMG A 6 0.55 0.26 3.28
O6 OMG A 6 0.40 1.38 2.81
N1 OMG A 6 1.75 -0.10 3.88
C2 OMG A 6 2.04 -1.32 4.43
N2 OMG A 6 3.26 -1.47 4.96
N3 OMG A 6 1.18 -2.33 4.47
C4 OMG A 6 0.00 -2.00 3.90
H5' OMG A 6 -4.46 -5.57 2.64
H5'' OMG A 6 -5.29 -5.84 4.17
H4' OMG A 6 -3.11 -6.39 4.67
H3' OMG A 6 -3.60 -3.57 5.55
H2' OMG A 6 -1.31 -3.42 6.27
HM21 OMG A 6 0.68 -4.35 6.77
HM22 OMG A 6 0.74 -6.03 7.30
HM23 OMG A 6 1.00 -5.63 5.60
H1' OMG A 6 -0.23 -4.70 4.03
H8 OMG A 6 -3.04 -2.49 2.90
HN1 OMG A 6 2.49 0.60 3.91
HN21 OMG A 6 3.92 -0.69 4.93
HN22 OMG A 6 3.52 -2.34 5.39
N1 PSU A 9 -3.22 5.11 11.07
C2 PSU A 9 -3.59 5.67 9.86
N3 PSU A 9 -3.01 6.88 9.58
C4 PSU A 9 -2.12 7.57 10.37
C5 PSU A 9 -1.80 6.93 11.62
C6 PSU A 9 -2.34 5.75 11.91
O2 PSU A 9 -4.36 5.12 9.08
O4 PSU A 9 -1.69 8.66 9.99
C1' PSU A 9 -0.84 7.64 12.55
C2' PSU A 9 -1.55 8.43 13.64
O2' PSU A 9 -0.83 9.63 13.87
C3' PSU A 9 -1.43 7.49 14.84
C4' PSU A 9 -0.07 6.89 14.63
O3' PSU A 9 -1.52 8.18 16.08
O4' PSU A 9 -0.02 6.66 13.20
C5' PSU A 9 0.19 5.58 15.35
O5' PSU A 9 -0.95 4.73 15.25
P PSU A 9 -1.29 3.67 16.40
OP1 PSU A 9 -0.57 4.07 17.62
OP2 PSU A 9 -2.77 3.49 16.43
HN1 PSU A 9 -3.61 4.22 11.33
HN3 PSU A 9 -3.25 7.30 8.70
H6 PSU A 9 -2.07 5.26 12.85
H1' PSU A 9 -0.17 8.26 11.97
H2' PSU A 9 -2.60 8.61 13.39
HO2' PSU A 9 -0.62 10.00 13.01
H3' PSU A 9 -2.21 6.73 14.85
H4' PSU A 9 0.67 7.61 14.98
H5' PSU A 9 1.05 5.09 14.91
H5'' PSU A 9 0.40 5.79 16.40
P OMG A 13 -1.90 11.36 1.74
OP1 OMG A 13 -1.15 11.84 0.56
OP2 OMG A 13 -2.43 9.96 1.77
O5' OMG A 13 -0.97 11.56 3.02
C5' OMG A 13 0.16 12.43 2.97
C4' OMG A 13 1.25 11.94 3.90
O4' OMG A 13 0.63 11.45 5.12
C3' OMG A 13 2.07 10.75 3.39
O3' OMG A 13 3.15 11.18 2.58
C2' OMG A 13 2.52 10.09 4.68
O2' OMG A 13 3.59 10.81 5.26
CM2 OMG A 13 4.01 10.39 6.53
C1' OMG A 13 1.29 10.26 5.55
N9 OMG A 13 0.34 9.15 5.45
C8 OMG A 13 -0.63 8.96 4.50
N7 OMG A 13 -1.32 7.87 4.69
C5 OMG A 13 -0.78 7.31 5.83
C6 OMG A 13 -1.11 6.12 6.52
O6 OMG A 13 -1.99 5.29 6.26
N1 OMG A 13 -0.29 5.92 7.64
C2 OMG A 13 0.71 6.76 8.03
N2 OMG A 13 1.39 6.41 9.12
N3 OMG A 13 1.03 7.88 7.39
C4 OMG A 13 0.26 8.08 6.32
H5' OMG A 13 -0.13 13.43 3.26
H5'' OMG A 13 0.55 12.45 1.95
H4' OMG A 13 1.94 12.75 4.06
H3' OMG A 13 1.46 10.09 2.76
H2' OMG A 13 2.75 9.04 4.50
HM21 OMG A 13 3.74 9.35 6.70
HM22 OMG A 13 3.53 10.99 7.30
HM23 OMG A 13 5.09 10.48 6.64
H1' OMG A 13 1.53 10.40 6.60
H8 OMG A 13 -0.81 9.64 3.68
HN1 OMG A 13 -0.45 5.11 8.19
HN21 OMG A 13 1.15 5.55 9.61
HN22 OMG A 13 2.15 6.98 9.47
P OMG A 19 4.81 -11.69 -8.20
OP1 OMG A 19 5.34 -13.07 -8.22
OP2 OMG A 19 5.76 -10.55 -8.09
O5' OMG A 19 3.93 -11.47 -9.51
C5' OMG A 19 3.05 -12.49 -9.97
C4' OMG A 19 2.10 -11.93 -10.99
O4' OMG A 19 1.41 -10.77 -10.43
C3' OMG A 19 2.73 -11.40 -12.27
O3' OMG A 19 2.96 -12.44 -13.21
C2' OMG A 19 1.70 -10.39 -12.76
O2' OMG A 19 0.62 -11.05 -13.42
CM2 OMG A 19 -0.45 -10.25 -13.79
C1' OMG A 19 1.20 -9.81 -11.44
N9 OMG A 19 1.87 -8.58 -11.06
C8 OMG A 19 2.96 -8.46 -10.23
N7 OMG A 19 3.35 -7.22 -10.07
C5 OMG A 19 2.46 -6.48 -10.84
C6 OMG A 19 2.39 -5.08 -11.06
O6 OMG A 19 3.10 -4.18 -10.60
N1 OMG A 19 1.34 -4.76 -11.92
C2 OMG A 19 0.47 -5.67 -12.48
N2 OMG A 19 -0.47 -5.16 -13.29
N3 OMG A 19 0.53 -6.97 -12.29
C4 OMG A 19 1.55 -7.31 -11.46
H5' OMG A 19 2.48 -12.89 -9.13
H5'' OMG A 19 3.63 -13.30 -10.42
H4' OMG A 19 1.42 -12.73 -11.29
H3' OMG A 19 3.70 -10.94 -12.08
H2' OMG A 19 2.17 -9.63 -13.39
HM21 OMG A 19 -1.24 -10.29 -13.04
HM22 OMG A 19 -0.15 -9.21 -13.90
HM23 OMG A 19 -0.87 -10.59 -14.74
H1' OMG A 19 0.12 -9.61 -11.46
H8 OMG A 19 3.45 -9.29 -9.76
HN1 OMG A 19 1.19 -3.79 -12.14
HN21 OMG A 19 -0.53 -4.16 -13.44
HN22 OMG A 19 -1.14 -5.77 -13.74
N1 PSU A 1 5.99 1.14 -12.20
C2 PSU A 1 5.91 -0.22 -12.44
N3 PSU A 1 5.01 -0.59 -13.41
C4 PSU A 1 4.18 0.24 -14.13
C5 PSU A 1 4.32 1.63 -13.82
C6 PSU A 1 5.19 2.03 -12.88
O2 PSU A 1 6.60 -1.03 -11.85
O4 PSU A 1 3.42 -0.24 -14.96
C1' PSU A 1 3.45 2.63 -14.57
C2' PSU A 1 2.27 3.13 -13.76
O2' PSU A 1 1.20 3.41 -14.65
C3' PSU A 1 2.82 4.40 -13.15
C4' PSU A 1 3.74 4.94 -14.25
O3' PSU A 1 1.80 5.34 -12.82
O4' PSU A 1 4.24 3.75 -14.93
C5' PSU A 1 4.91 5.77 -13.78
O5' PSU A 1 5.17 5.51 -12.40
HN1 PSU A 1 6.64 1.48 -11.51
HN3 PSU A 1 4.94 -1.58 -13.59
H6 PSU A 1 5.28 3.09 -12.65
H1' PSU A 1 3.14 2.17 -15.51
H2' PSU A 1 1.98 2.43 -12.98
HO2' PSU A 1 1.49 3.15 -15.53
H3' PSU A 1 3.38 4.22 -12.23
H4' PSU A 1 3.12 5.57 -14.89
H5' PSU A 1 5.78 5.51 -14.37
H5'' PSU A 1 4.67 6.81 -13.92
HO5' PSU A 1 5.81 6.16 -12.11
P OMG A 5 -8.71 -1.22 -1.80
OP1 OMG A 5 -10.18 -0.96 -1.90
OP2 OMG A 5 -7.78 -0.06 -1.80
O5' OMG A 5 -8.44 -2.07 -0.49
C5' OMG A 5 -7.23 -1.92 0.25
C4' OMG A 5 -6.49 -3.24 0.29
O4' OMG A 5 -5.41 -3.21 -0.67
C3' OMG A 5 -5.82 -3.54 1.63
O3' OMG A 5 -6.69 -4.24 2.51
C2' OMG A 5 -4.63 -4.40 1.21
O2' OMG A 5 -5.02 -5.73 0.94
CM2 OMG A 5 -3.97 -6.63 0.74
C1' OMG A 5 -4.22 -3.72 -0.09
N9 OMG A 5 -3.27 -2.63 0.08
C8 OMG A 5 -3.50 -1.29 -0.17
N7 OMG A 5 -2.46 -0.54 0.08
C5 OMG A 5 -1.50 -1.43 0.54
C6 OMG A 5 -0.16 -1.20 0.96
O6 OMG A 5 0.45 -0.13 1.03
N1 OMG A 5 0.46 -2.39 1.34
C2 OMG A 5 -0.11 -3.64 1.31
N2 OMG A 5 0.66 -4.66 1.71
N3 OMG A 5 -1.35 -3.86 0.91
C4 OMG A 5 -1.99 -2.73 0.54
H5' OMG A 5 -7.44 -1.59 1.26
H5'' OMG A 5 -6.59 -1.18 -0.24
H4' OMG A 5 -7.21 -4.03 0.12
H3' OMG A 5 -5.52 -2.64 2.15
H2' OMG A 5 -3.83 -4.34 1.96
HM21 OMG A 5 -3.63 -6.61 -0.29
HM22 OMG A 5 -4.28 -7.64 0.97
HM23 OMG A 5 -3.12 -6.38 1.38
H1' OMG A 5 -3.79 -4.42 -0.81
H8 OMG A 5 -4.43 -0.90 -0.54
HN1 OMG A 5 1.41 -2.33 1.67
HN21 OMG A 5 1.60 -4.48 2.01
HN22 OMG A 5 0.29 -5.59 1.70
P OMG A 6 -6.46 -4.16 4.10
OP1 OMG A 6 -7.15 -5.31 4.73
OP2 OMG A 6 -6.81 -2.77 4.52
O5' OMG A 6 -4.89 -4.34 4.27
C5' OMG A 6 -4.31 -5.64 4.30
C4' OMG A 6 -2.93 -5.57 4.93
O4' OMG A 6 -2.01 -4.96 3.99
C3' OMG A 6 -2.81 -4.72 6.17
O3' OMG A 6 -3.23 -5.42 7.33
C2' OMG A 6 -1.33 -4.39 6.20
O2' OMG A 6 -0.59 -5.46 6.75
CM2 OMG A 6 0.81 -5.32 6.73
C1' OMG A 6 -1.00 -4.28 4.71
N9 OMG A 6 -0.95 -2.90 4.23
C8 OMG A 6 -1.95 -2.17 3.64
N7 OMG A 6 -1.59 -0.96 3.32
C5 OMG A 6 -0.26 -0.89 3.71
C6 OMG A 6 0.66 0.18 3.62
O6 OMG A 6 0.49 1.32 3.15
N1 OMG A 6 1.91 -0.17 4.15
C2 OMG A 6 2.22 -1.38 4.68
N2 OMG A 6 3.46 -1.53 5.14
N3 OMG A 6 1.36 -2.39 4.78
C4 OMG A 6 0.15 -2.08 4.28
H5' OMG A 6 -4.23 -6.04 3.29
H5'' OMG A 6 -4.94 -6.31 4.89
H4' OMG A 6 -2.66 -6.59 5.21
H3' OMG A 6 -3.44 -3.83 6.10
H2' OMG A 6 -1.15 -3.44 6.72
HM21 OMG A 6 1.25 -5.73 7.63
HM22 OMG A 6 1.23 -5.84 5.87
HM23 OMG A 6 1.10 -4.27 6.66
H1' OMG A 6 -0.06 -4.75 4.46
H8 OMG A 6 -2.94 -2.57 3.47
HN1 OMG A 6 2.64 0.53 4.13
HN21 OMG A 6 4.12 -0.77 5.07
HN22 OMG A 6 3.75 -2.40 5.55
N1 PSU A 9 -2.43 5.12 9.97
C2 PSU A 9 -2.22 5.99 8.93
N3 PSU A 9 -1.35 7.02 9.20
C4 PSU A 9 -0.70 7.26 10.40
C5 PSU A 9 -0.97 6.31 11.42
C6 PSU A 9 -1.80 5.29 11.18
O2 PSU A 9 -2.75 5.88 7.84
O4 PSU A 9 0.06 8.23 10.49
C1' PSU A 9 -0.31 6.50 12.77
C2' PSU A 9 -0.48 7.93 13.33
O2' PSU A 9 0.70 8.28 14.03
C3' PSU A 9 -1.66 7.74 14.28
C4' PSU A 9 -1.38 6.37 14.85
O3' PSU A 9 -1.70 8.74 15.28
O4' PSU A 9 -0.89 5.62 13.71
C5' PSU A 9 -2.57 5.66 15.45
O5' PSU A 9 -2.34 4.26 15.50
P PSU A 9 -1.65 3.58 16.77
OP1 PSU A 9 -0.45 4.37 17.12
OP2 PSU A 9 -2.70 3.35 17.79
HN1 PSU A 9 -3.07 4.35 9.85
HN3 PSU A 9 -1.17 7.67 8.45
H6 PSU A 9 -1.99 4.57 11.98
H1' PSU A 9 0.74 6.23 12.69
H2' PSU A 9 -0.73 8.63 12.52
HO2' PSU A 9 1.22 8.82 13.44
H3' PSU A 9 -2.61 7.77 13.76
H4' PSU A 9 -0.64 6.49 15.64
H5' PSU A 9 -2.75 6.04 16.46
H5'' PSU A 9 -3.46 5.87 14.85
P OMG A 13 -0.87 10.81 1.89
OP1 OMG A 13 -1.33 12.17 1.54
OP2 OMG A 13 -0.11 10.01 0.91
O5' OMG A 13 -0.02 10.91 3.23
C5' OMG A 13 0.67 12.10 3.58
C4' OMG A 13 1.89 11.78 4.43
O4' OMG A 13 1.44 11.25 5.71
C3' OMG A 13 2.80 10.70 3.86
O3' OMG A 13 3.78 11.25 2.98
C2' OMG A 13 3.41 10.10 5.10
O2' OMG A 13 4.43 10.93 5.62
CM2 OMG A 13 4.94 10.59 6.87
C1' OMG A 13 2.21 10.12 6.05
N9 OMG A 13 1.36 8.93 5.95
C8 OMG A 13 0.49 8.61 4.94
N7 OMG A 13 -0.14 7.49 5.15
C5 OMG A 13 0.35 7.03 6.36
C6 OMG A 13 0.04 5.87 7.10
O6 OMG A 13 -0.75 4.96 6.82
N1 OMG A 13 0.77 5.80 8.28
C2 OMG A 13 1.68 6.74 8.70
N2 OMG A 13 2.29 6.50 9.87
N3 OMG A 13 1.98 7.83 8.02
C4 OMG A 13 1.29 7.92 6.87
H5' OMG A 13 0.00 12.76 4.15
H5'' OMG A 13 0.99 12.62 2.69
H4' OMG A 13 2.48 12.69 4.51
H3' OMG A 13 2.24 9.97 3.26
H2' OMG A 13 3.75 9.08 4.90
HM21 OMG A 13 4.81 9.53 7.07
HM22 OMG A 13 4.43 11.14 7.66
HM23 OMG A 13 6.01 10.82 6.93
H1' OMG A 13 2.51 10.23 7.10
H8 OMG A 13 0.34 9.23 4.08
HN1 OMG A 13 0.63 5.01 8.88
HN21 OMG A 13 2.07 5.65 10.39
HN22 OMG A 13 2.97 7.14 10.23
P OMG A 19 4.95 -11.33 -8.28
OP1 OMG A 19 5.55 -12.70 -8.38
OP2 OMG A 19 5.82 -10.16 -8.07
O5' OMG A 19 4.08 -11.07 -9.59
C5' OMG A 19 3.24 -12.10 -10.13
C4' OMG A 19 2.28 -11.50 -11.13
O4' OMG A 19 1.55 -10.40 -10.50
C3' OMG A 19 2.90 -10.86 -12.36
O3' OMG A 19 3.19 -11.84 -13.37
C2' OMG A 19 1.84 -9.87 -12.79
O2' OMG A 19 0.78 -10.52 -13.48
CM2 OMG A 19 -0.30 -9.73 -13.83
C1' OMG A 19 1.32 -9.38 -11.45
N9 OMG A 19 1.96 -8.16 -10.98
C8 OMG A 19 3.03 -8.07 -10.12
N7 OMG A 19 3.38 -6.84 -9.88
C5 OMG A 19 2.49 -6.07 -10.63
C6 OMG A 19 2.39 -4.66 -10.78
O6 OMG A 19 3.08 -3.78 -10.24
N1 OMG A 19 1.35 -4.31 -11.63
C2 OMG A 19 0.52 -5.20 -12.27
N2 OMG A 19 -0.42 -4.67 -13.05
N3 OMG A 19 0.61 -6.51 -12.14
C4 OMG A 19 1.61 -6.88 -11.31
H5' OMG A 19 2.68 -12.57 -9.33
H5'' OMG A 19 3.85 -12.84 -10.63
H4' OMG A 19 1.63 -12.30 -11.48
H3' OMG A 19 3.85 -10.39 -12.13
H2' OMG A 19 2.29 -9.06 -13.37
HM21 OMG A 19 -0.72 -10.03 -14.79
HM22 OMG A 19 -1.10 -9.83 -13.08
HM23 OMG A 19 -0.03 -8.68 -13.88
H1' OMG A 19 0.24 -9.21 -11.46
H8 OMG A 19 3.53 -8.92 -9.70
HN1 OMG A 19 1.19 -3.33 -11.80
HN21 OMG A 19 -0.50 -3.67 -13.15
HN22 OMG A 19 -1.07 -5.27 -13.55
N1 PSU A 1 6.79 0.76 -11.56
C2 PSU A 1 6.45 -0.56 -11.77
N3 PSU A 1 5.41 -0.75 -12.65
C4 PSU A 1 4.70 0.22 -13.32
C5 PSU A 1 5.12 1.56 -13.04
C6 PSU A 1 6.13 1.79 -12.19
O2 PSU A 1 7.01 -1.48 -11.22
O4 PSU A 1 3.78 -0.11 -14.08
C1' PSU A 1 4.40 2.70 -13.75
C2' PSU A 1 3.28 3.32 -12.91
O2' PSU A 1 2.31 3.86 -13.78
C3' PSU A 1 4.04 4.41 -12.17
C4' PSU A 1 5.03 4.90 -13.21
O3' PSU A 1 3.17 5.45 -11.74
O4' PSU A 1 5.33 3.74 -14.03
C5' PSU A 1 6.32 5.44 -12.66
O5' PSU A 1 6.95 4.48 -11.81
HN1 PSU A 1 7.55 0.98 -10.93
HN3 PSU A 1 5.13 -1.70 -12.82
H6 PSU A 1 6.43 2.81 -11.99
H1' PSU A 1 4.03 2.34 -14.70
H2' PSU A 1 2.86 2.60 -12.20
HO2' PSU A 1 2.77 4.44 -14.38
H3' PSU A 1 4.54 4.04 -11.27
H4' PSU A 1 4.54 5.70 -13.75
H5' PSU A 1 6.99 5.69 -13.48
H5'' PSU A 1 6.11 6.36 -12.09
HO5' PSU A 1 6.41 4.41 -11.01
P OMG A 5 -7.29 -1.62 -1.28
OP1 OMG A 5 -6.57 -2.87 -1.61
OP2 OMG A 5 -8.51 -1.26 -2.03
O5' OMG A 5 -7.64 -1.64 0.27
C5' OMG A 5 -6.63 -1.81 1.26
C4' OMG A 5 -6.03 -3.19 1.16
O4' OMG A 5 -5.05 -3.19 0.09
C3' OMG A 5 -5.26 -3.65 2.39
O3' OMG A 5 -6.12 -4.32 3.31
C2' OMG A 5 -4.21 -4.58 1.82
O2' OMG A 5 -4.75 -5.85 1.50
CM2 OMG A 5 -3.83 -6.86 1.25
C1' OMG A 5 -3.87 -3.86 0.50
N9 OMG A 5 -2.80 -2.88 0.63
C8 OMG A 5 -2.90 -1.52 0.48
N7 OMG A 5 -1.77 -0.90 0.66
C5 OMG A 5 -0.86 -1.91 0.94
C6 OMG A 5 0.53 -1.85 1.23
O6 OMG A 5 1.26 -0.86 1.28
N1 OMG A 5 1.06 -3.11 1.46
C2 OMG A 5 0.34 -4.29 1.44
N2 OMG A 5 1.04 -5.41 1.69
N3 OMG A 5 -0.95 -4.36 1.16
C4 OMG A 5 -1.49 -3.14 0.94
H5' OMG A 5 -7.06 -1.67 2.26
H5'' OMG A 5 -5.85 -1.07 1.11
H4' OMG A 5 -6.84 -3.90 1.01
H3' OMG A 5 -4.83 -2.81 2.94
H2' OMG A 5 -3.34 -4.65 2.47
HM21 OMG A 5 -4.30 -7.83 1.28
HM22 OMG A 5 -3.03 -6.85 2.00
HM23 OMG A 5 -3.38 -6.73 0.27
H1' OMG A 5 -3.60 -4.56 -0.29
H8 OMG A 5 -3.83 -1.01 0.25
HN1 OMG A 5 2.05 -3.18 1.68
HN21 OMG A 5 2.02 -5.36 1.89
HN22 OMG A 5 0.57 -6.30 1.68
P OMG A 6 -5.85 -4.19 4.89
OP1 OMG A 6 -6.64 -5.23 5.59
OP2 OMG A 6 -6.05 -2.75 5.25
O5' OMG A 6 -4.31 -4.52 5.06
C5' OMG A 6 -3.85 -5.87 4.96
C4' OMG A 6 -2.42 -5.97 5.45
O4' OMG A 6 -1.54 -5.48 4.41
C3' OMG A 6 -2.09 -5.11 6.66
O3' OMG A 6 -2.40 -5.77 7.88
C2' OMG A 6 -0.59 -4.87 6.50
O2' OMG A 6 0.15 -6.00 6.94
CM2 OMG A 6 1.53 -5.81 6.98
C1' OMG A 6 -0.46 -4.76 4.99
N9 OMG A 6 -0.52 -3.39 4.50
C8 OMG A 6 -1.63 -2.72 4.03
N7 OMG A 6 -1.36 -1.49 3.66
C5 OMG A 6 0.00 -1.35 3.90
C6 OMG A 6 0.85 -0.24 3.70
O6 OMG A 6 0.57 0.88 3.25
N1 OMG A 6 2.16 -0.52 4.08
C2 OMG A 6 2.60 -1.71 4.59
N2 OMG A 6 3.90 -1.80 4.89
N3 OMG A 6 1.80 -2.76 4.78
C4 OMG A 6 0.54 -2.51 4.42
H5' OMG A 6 -3.89 -6.20 3.92
H5'' OMG A 6 -4.47 -6.52 5.57
H4' OMG A 6 -2.24 -7.00 5.73
H3' OMG A 6 -2.67 -4.18 6.66
H2' OMG A 6 -0.29 -3.95 7.01
HM21 OMG A 6 1.77 -4.79 7.27
HM22 OMG A 6 1.99 -6.48 7.70
HM23 OMG A 6 1.98 -6.01 6.01
H1' OMG A 6 0.46 -5.21 4.61
H8 OMG A 6 -2.61 -3.15 3.97
HN1 OMG A 6 2.85 0.21 3.97
HN21 OMG A 6 4.50 -1.00 4.75
HN22 OMG A 6 4.27 -2.65 5.27
N1 PSU A 9 -1.95 4.48 10.08
C2 PSU A 9 -2.04 5.29 8.97
N3 PSU A 9 -1.25 6.42 9.00
C4 PSU A 9 -0.42 6.82 10.02
C5 PSU A 9 -0.40 5.93 11.15
C6 PSU A 9 -1.14 4.82 11.14
O2 PSU A 9 -2.75 5.02 8.01
O4 PSU A 9 0.22 7.86 9.91
C1' PSU A 9 0.48 6.30 12.32
C2' PSU A 9 0.30 7.75 12.77
O2' PSU A 9 1.52 8.22 13.30
C3' PSU A 9 -0.75 7.58 13.87
C4' PSU A 9 -0.28 6.30 14.55
O3' PSU A 9 -0.79 8.67 14.77
O4' PSU A 9 0.16 5.48 13.43
C5' PSU A 9 -1.34 5.57 15.34
O5' PSU A 9 -1.06 4.17 15.36
P PSU A 9 -0.65 3.44 16.71
OP1 PSU A 9 0.07 4.40 17.57
OP2 PSU A 9 -1.86 2.75 17.25
HN1 PSU A 9 -2.52 3.65 10.14
HN3 PSU A 9 -1.30 7.01 8.18
H6 PSU A 9 -1.10 4.15 11.99
H1' PSU A 9 1.53 6.09 12.07
H2' PSU A 9 -0.09 8.38 11.97
HO2' PSU A 9 1.42 8.26 14.26
H3' PSU A 9 -1.75 7.48 13.47
H4' PSU A 9 0.52 6.58 15.23
H5' PSU A 9 -1.36 5.95 16.35
H5'' PSU A 9 -2.31 5.73 14.87
P OMG A 13 -2.64 9.77 2.41
OP1 OMG A 13 -2.78 8.75 1.34
OP2 OMG A 13 -3.27 9.52 3.73
O5' OMG A 13 -1.09 10.03 2.63
C5' OMG A 13 -0.61 11.31 3.06
C4' OMG A 13 0.73 11.16 3.73
O4' OMG A 13 0.52 10.69 5.09
C3' OMG A 13 1.67 10.15 3.09
O3' OMG A 13 2.47 10.74 2.07
C2' OMG A 13 2.51 9.69 4.28
O2' OMG A 13 3.48 10.65 4.62
CM2 OMG A 13 4.19 10.45 5.80
C1' OMG A 13 1.45 9.66 5.38
N9 OMG A 13 0.71 8.39 5.45
C8 OMG A 13 -0.26 7.94 4.60
N7 OMG A 13 -0.73 6.77 4.92
C5 OMG A 13 -0.02 6.43 6.07
C6 OMG A 13 -0.09 5.28 6.89
O6 OMG A 13 -0.82 4.28 6.77
N1 OMG A 13 0.81 5.33 7.95
C2 OMG A 13 1.67 6.38 8.19
N2 OMG A 13 2.47 6.25 9.26
N3 OMG A 13 1.74 7.46 7.44
C4 OMG A 13 0.88 7.43 6.41
H5' OMG A 13 -1.32 11.74 3.75
H5'' OMG A 13 -0.51 11.97 2.19
H4' OMG A 13 1.23 12.14 3.67
H3' OMG A 13 1.13 9.34 2.62
H2' OMG A 13 2.93 8.70 4.09
HM21 OMG A 13 5.22 10.79 5.70
HM22 OMG A 13 4.21 9.39 6.06
HM23 OMG A 13 3.74 11.00 6.62
H1' OMG A 13 1.87 9.86 6.36
H8 OMG A 13 -0.59 8.50 3.73
HN1 OMG A 13 0.84 4.57 8.58
HN21 OMG A 13 2.41 5.43 9.84
HN22 OMG A 13 3.12 6.99 9.49
P OMG A 19 3.53 -11.76 -8.09
OP1 OMG A 19 3.81 -13.22 -8.18
OP2 OMG A 19 4.65 -10.80 -8.02
O5' OMG A 19 2.60 -11.36 -9.31
C5' OMG A 19 1.55 -12.22 -9.75
C4' OMG A 19 0.61 -11.47 -10.66
O4' OMG A 19 0.14 -10.27 -9.98
C3' OMG A 19 1.23 -10.95 -11.96
O3' OMG A 19 1.21 -11.93 -12.98
C2' OMG A 19 0.35 -9.75 -12.29
O2' OMG A 19 -0.87 -10.18 -12.89
CM2 OMG A 19 -1.82 -9.19 -13.12
C1' OMG A 19 0.04 -9.20 -10.90
N9 OMG A 19 0.96 -8.16 -10.48
C8 OMG A 19 2.10 -8.29 -9.72
N7 OMG A 19 2.71 -7.16 -9.50
C5 OMG A 19 1.94 -6.22 -10.16
C6 OMG A 19 2.11 -4.82 -10.28
O6 OMG A 19 3.00 -4.11 -9.81
N1 OMG A 19 1.09 -4.24 -11.04
C2 OMG A 19 0.05 -4.93 -11.61
N2 OMG A 19 -0.83 -4.20 -12.31
N3 OMG A 19 -0.12 -6.23 -11.50
C4 OMG A 19 0.85 -6.81 -10.77
H5' OMG A 19 0.99 -12.59 -8.89
H5'' OMG A 19 1.98 -13.07 -10.29
H4' OMG A 19 -0.19 -12.15 -10.96
H3' OMG A 19 2.27 -10.67 -11.82
H2' OMG A 19 0.88 -9.03 -12.91
HM21 OMG A 19 -2.37 -9.38 -14.04
HM22 OMG A 19 -2.55 -9.15 -12.31
HM23 OMG A 19 -1.36 -8.21 -13.19
H1' OMG A 19 -0.97 -8.82 -10.82
H8 OMG A 19 2.44 -9.24 -9.34
HN1 OMG A 19 1.13 -3.24 -11.18
HN21 OMG A 19 -0.70 -3.20 -12.39
HN22 OMG A 19 -1.62 -4.64 -12.75
N1 PSU A 1 8.84 -1.13 -12.80
C2 PSU A 1 8.45 -2.44 -12.99
N3 PSU A 1 7.47 -2.62 -13.94
C4 PSU A 1 6.86 -1.64 -14.70
C5 PSU A 1 7.32 -0.31 -14.44
C6 PSU A 1 8.27 -0.10 -13.51
O2 PSU A 1 8.93 -3.37 -12.37
O4 PSU A 1 6.00 -1.96 -15.51
C1' PSU A 1 6.71 0.83 -15.22
C2' PSU A 1 5.53 1.49 -14.51
O2' PSU A 1 4.67 2.05 -15.48
C3' PSU A 1 6.24 2.59 -13.72
C4' PSU A 1 7.36 3.02 -14.67
O3' PSU A 1 5.38 3.66 -13.39
O4' PSU A 1 7.68 1.83 -15.44
C5' PSU A 1 8.61 3.52 -13.99
O5' PSU A 1 9.15 2.52 -13.11
HN1 PSU A 1 9.56 -0.93 -12.12
HN3 PSU A 1 7.17 -3.57 -14.10
H6 PSU A 1 8.60 0.92 -13.32
H1' PSU A 1 6.41 0.46 -16.21
H2' PSU A 1 5.02 0.80 -13.84
HO2' PSU A 1 5.19 2.24 -16.25
H3' PSU A 1 6.64 2.23 -12.77
H4' PSU A 1 6.95 3.83 -15.27
H5' PSU A 1 9.35 3.76 -14.76
H5'' PSU A 1 8.37 4.42 -13.43
HO5' PSU A 1 9.73 2.98 -12.50
P OMG A 5 -7.73 -2.11 -3.55
OP1 OMG A 5 -9.18 -1.89 -3.32
OP2 OMG A 5 -6.75 -1.10 -3.09
O5' OMG A 5 -7.33 -3.51 -2.92
C5' OMG A 5 -7.70 -3.85 -1.59
C4' OMG A 5 -6.78 -4.92 -1.05
O4' OMG A 5 -5.55 -4.92 -1.82
C3' OMG A 5 -6.34 -4.73 0.40
O3' OMG A 5 -7.22 -5.37 1.30
C2' OMG A 5 -4.95 -5.36 0.42
O2' OMG A 5 -5.02 -6.77 0.45
CM2 OMG A 5 -3.83 -7.41 0.76
C1' OMG A 5 -4.44 -4.93 -0.97
N9 OMG A 5 -3.83 -3.60 -0.97
C8 OMG A 5 -4.30 -2.48 -1.61
N7 OMG A 5 -3.55 -1.43 -1.43
C5 OMG A 5 -2.51 -1.88 -0.62
C6 OMG A 5 -1.39 -1.20 -0.09
O6 OMG A 5 -1.07 -0.01 -0.24
N1 OMG A 5 -0.59 -2.04 0.67
C2 OMG A 5 -0.84 -3.37 0.91
N2 OMG A 5 0.05 -4.02 1.66
N3 OMG A 5 -1.88 -4.02 0.41
C4 OMG A 5 -2.67 -3.23 -0.33
H5' OMG A 5 -8.72 -4.22 -1.58
H5'' OMG A 5 -7.63 -2.97 -0.96
H4' OMG A 5 -7.32 -5.87 -1.09
H3' OMG A 5 -6.33 -3.68 0.68
H2' OMG A 5 -4.35 -4.94 1.22
HM21 OMG A 5 -3.81 -8.42 0.35
HM22 OMG A 5 -3.70 -7.48 1.84
HM23 OMG A 5 -2.98 -6.86 0.37
H1' OMG A 5 -3.71 -5.64 -1.38
H8 OMG A 5 -5.19 -2.48 -2.21
HN1 OMG A 5 0.24 -1.65 1.09
HN21 OMG A 5 0.85 -3.52 2.03
HN22 OMG A 5 -0.07 -5.00 1.87
P OMG A 6 -7.42 -4.78 2.79
OP1 OMG A 6 -8.25 -5.72 3.57
OP2 OMG A 6 -7.86 -3.37 2.64
O5' OMG A 6 -5.95 -4.78 3.39
C5' OMG A 6 -5.47 -5.89 4.16
C4' OMG A 6 -4.01 -5.71 4.47
O4' OMG A 6 -3.33 -5.16 3.32
C3' OMG A 6 -3.69 -4.74 5.59
O3' OMG A 6 -3.82 -5.33 6.88
C2' OMG A 6 -2.26 -4.32 5.28
O2' OMG A 6 -1.34 -5.31 5.72
CM2 OMG A 6 0.00 -5.00 5.56
C1' OMG A 6 -2.28 -4.32 3.75
N9 OMG A 6 -2.48 -2.99 3.19
C8 OMG A 6 -3.61 -2.52 2.57
N7 OMG A 6 -3.50 -1.28 2.16
C5 OMG A 6 -2.21 -0.92 2.53
C6 OMG A 6 -1.51 0.31 2.37
O6 OMG A 6 -1.91 1.36 1.83
N1 OMG A 6 -0.23 0.25 2.91
C2 OMG A 6 0.32 -0.85 3.51
N2 OMG A 6 1.58 -0.72 3.96
N3 OMG A 6 -0.32 -2.00 3.68
C4 OMG A 6 -1.56 -1.96 3.17
H5' OMG A 6 -5.61 -6.80 3.59
H5'' OMG A 6 -6.03 -5.96 5.09
H4' OMG A 6 -3.62 -6.68 4.79
H3' OMG A 6 -4.37 -3.89 5.59
H2' OMG A 6 -2.03 -3.34 5.68
HM21 OMG A 6 0.16 -3.92 5.64
HM22 OMG A 6 0.61 -5.49 6.32
HM23 OMG A 6 0.36 -5.31 4.58
H1' OMG A 6 -1.35 -4.72 3.33
H8 OMG A 6 -4.50 -3.10 2.42
HN1 OMG A 6 0.36 1.08 2.83
HN21 OMG A 6 2.06 0.16 3.84
HN22 OMG A 6 2.03 -1.49 4.42
N1 PSU A 9 -2.83 5.28 12.72
C2 PSU A 9 -3.64 5.96 11.82
N3 PSU A 9 -3.35 7.29 11.67
C4 PSU A 9 -2.35 7.99 12.30
C5 PSU A 9 -1.56 7.22 13.21
C6 PSU A 9 -1.82 5.93 13.39
O2 PSU A 9 -4.55 5.41 11.22
O4 PSU A 9 -2.21 9.20 12.05
C1' PSU A 9 -0.44 7.93 13.96
C2' PSU A 9 -0.72 8.08 15.45
O2' PSU A 9 -0.20 9.33 15.88
C3' PSU A 9 0.09 6.92 16.04
C4' PSU A 9 1.30 6.86 15.12
O3' PSU A 9 0.47 7.16 17.38
O4' PSU A 9 0.76 7.19 13.81
C5' PSU A 9 1.99 5.52 15.06
O5' PSU A 9 1.05 4.48 15.32
P PSU A 9 1.44 3.23 16.24
OP1 PSU A 9 2.73 3.53 16.89
OP2 PSU A 9 0.26 2.89 17.07
HN1 PSU A 9 -2.99 4.30 12.88
HN3 PSU A 9 -3.92 7.80 11.01
H6 PSU A 9 -1.20 5.35 14.08
H1' PSU A 9 -0.26 8.89 13.49
H2' PSU A 9 -1.78 7.97 15.68
HO2' PSU A 9 0.55 9.15 16.45
H3' PSU A 9 -0.46 5.98 16.04
H4' PSU A 9 2.02 7.59 15.49
H5' PSU A 9 2.43 5.38 14.07
H5'' PSU A 9 2.78 5.50 15.81
P OMG A 13 -6.16 11.96 3.72
OP1 OMG A 13 -6.11 12.43 2.33
OP2 OMG A 13 -6.68 10.60 4.02
O5' OMG A 13 -4.68 12.08 4.33
C5' OMG A 13 -3.74 13.01 3.78
C4' OMG A 13 -2.36 12.74 4.34
O4' OMG A 13 -2.50 12.37 5.74
C3' OMG A 13 -1.61 11.59 3.70
O3' OMG A 13 -0.86 12.01 2.56
C2' OMG A 13 -0.70 11.13 4.83
O2' OMG A 13 0.39 12.01 5.01
CM2 OMG A 13 1.19 11.81 6.12
C1' OMG A 13 -1.64 11.27 6.02
N9 OMG A 13 -2.47 10.09 6.26
C8 OMG A 13 -3.74 9.85 5.78
N7 OMG A 13 -4.21 8.70 6.17
C5 OMG A 13 -3.20 8.15 6.94
C6 OMG A 13 -3.14 6.91 7.63
O6 OMG A 13 -4.00 6.02 7.70
N1 OMG A 13 -1.93 6.75 8.28
C2 OMG A 13 -0.90 7.67 8.28
N2 OMG A 13 0.19 7.33 8.98
N3 OMG A 13 -0.95 8.82 7.65
C4 OMG A 13 -2.12 9.00 7.00
H5' OMG A 13 -4.04 14.02 4.03
H5'' OMG A 13 -3.72 12.90 2.70
H4' OMG A 13 -1.77 13.64 4.19
H3' OMG A 13 -2.27 10.80 3.35
H2' OMG A 13 -0.40 10.09 4.69
HM21 OMG A 13 2.24 12.03 5.91
HM22 OMG A 13 1.14 10.77 6.45
HM23 OMG A 13 0.87 12.43 6.95
H1' OMG A 13 -1.12 11.51 6.95
H8 OMG A 13 -4.27 10.54 5.15
HN1 OMG A 13 -1.78 5.91 8.80
HN21 OMG A 13 0.24 6.45 9.46
HN22 OMG A 13 0.98 7.96 9.01
P OMG A 19 5.00 -12.45 -8.29
OP1 OMG A 19 5.59 -13.81 -8.38
OP2 OMG A 19 5.88 -11.26 -8.24
O5' OMG A 19 4.00 -12.26 -9.53
C5' OMG A 19 3.00 -13.24 -9.81
C4' OMG A 19 2.00 -12.68 -10.79
O4' OMG A 19 1.47 -11.43 -10.26
C3' OMG A 19 2.57 -12.31 -12.15
O3' OMG A 19 2.53 -13.42 -13.06
C2' OMG A 19 1.67 -11.17 -12.60
O2' OMG A 19 0.44 -11.65 -13.12
CM2 OMG A 19 -0.50 -10.69 -13.48
C1' OMG A 19 1.40 -10.45 -11.28
N9 OMG A 19 2.35 -9.40 -10.97
C8 OMG A 19 3.45 -9.49 -10.13
N7 OMG A 19 4.11 -8.38 -10.04
C5 OMG A 19 3.43 -7.50 -10.88
C6 OMG A 19 3.69 -6.14 -11.19
O6 OMG A 19 4.61 -5.41 -10.77
N1 OMG A 19 2.75 -5.63 -12.08
C2 OMG A 19 1.70 -6.34 -12.60
N2 OMG A 19 0.90 -5.67 -13.44
N3 OMG A 19 1.44 -7.60 -12.32
C4 OMG A 19 2.35 -8.12 -11.46
H5' OMG A 19 2.48 -13.51 -8.89
H5'' OMG A 19 3.46 -14.13 -10.24
H4' OMG A 19 1.24 -13.44 -10.96
H3' OMG A 19 3.61 -12.02 -12.09
H2' OMG A 19 2.19 -10.52 -13.31
HM21 OMG A 19 -0.02 -9.75 -13.72
HM22 OMG A 19 -1.07 -11.02 -14.34
HM23 OMG A 19 -1.20 -10.51 -12.66
H1' OMG A 19 0.40 -10.02 -11.23
H8 OMG A 19 3.72 -10.39 -9.59
HN1 OMG A 19 2.85 -4.66 -12.36
HN21 OMG A 19 1.09 -4.70 -13.67
HN22 OMG A 19 0.10 -6.13 -13.86
N1 PSU A 1 7.09 -0.28 -12.58
C2 PSU A 1 6.86 -1.61 -12.87
N3 PSU A 1 5.88 -1.82 -13.82
C4 PSU A 1 5.14 -0.86 -14.48
C5 PSU A 1 5.46 0.48 -14.12
C6 PSU A 1 6.40 0.73 -13.21
O2 PSU A 1 7.45 -2.52 -12.33
O4 PSU A 1 4.29 -1.21 -15.30
C1' PSU A 1 4.70 1.60 -14.81
C2' PSU A 1 3.56 2.18 -13.98
O2' PSU A 1 2.56 2.65 -14.85
C3' PSU A 1 4.26 3.32 -13.25
C4' PSU A 1 5.22 3.84 -14.30
O3' PSU A 1 3.34 4.32 -12.84
O4' PSU A 1 5.60 2.68 -15.07
C5' PSU A 1 6.48 4.48 -13.76
O5' PSU A 1 7.18 3.58 -12.90
HN1 PSU A 1 7.80 -0.04 -11.90
HN3 PSU A 1 5.68 -2.79 -14.05
H6 PSU A 1 6.62 1.77 -12.94
H1' PSU A 1 4.35 1.25 -15.78
H2' PSU A 1 3.19 1.44 -13.26
HO2' PSU A 1 2.96 2.73 -15.72
H3' PSU A 1 4.78 3.00 -12.35
H4' PSU A 1 4.69 4.60 -14.88
H5' PSU A 1 7.12 4.77 -14.59
H5'' PSU A 1 6.20 5.38 -13.20
HO5' PSU A 1 6.59 3.37 -12.17
P OMG A 5 -8.62 -2.72 -2.58
OP1 OMG A 5 -9.84 -3.43 -2.15
OP2 OMG A 5 -8.49 -1.27 -2.34
O5' OMG A 5 -7.35 -3.44 -1.91
C5' OMG A 5 -7.16 -3.39 -0.50
C4' OMG A 5 -6.26 -4.53 -0.05
O4' OMG A 5 -5.10 -4.56 -0.92
C3' OMG A 5 -5.73 -4.41 1.36
O3' OMG A 5 -6.58 -5.02 2.31
C2' OMG A 5 -4.38 -5.13 1.27
O2' OMG A 5 -4.54 -6.53 1.27
CM2 OMG A 5 -3.37 -7.26 1.36
C1' OMG A 5 -3.92 -4.69 -0.13
N9 OMG A 5 -3.21 -3.43 -0.15
C8 OMG A 5 -3.62 -2.25 -0.73
N7 OMG A 5 -2.77 -1.27 -0.57
C5 OMG A 5 -1.72 -1.84 0.15
C6 OMG A 5 -0.52 -1.27 0.62
O6 OMG A 5 -0.11 -0.11 0.49
N1 OMG A 5 0.26 -2.20 1.31
C2 OMG A 5 -0.10 -3.51 1.52
N2 OMG A 5 0.78 -4.26 2.21
N3 OMG A 5 -1.22 -4.05 1.10
C4 OMG A 5 -1.99 -3.17 0.42
H5' OMG A 5 -8.12 -3.47 0.02
H5'' OMG A 5 -6.68 -2.44 -0.22
H4' OMG A 5 -6.86 -5.44 -0.09
H3' OMG A 5 -5.62 -3.37 1.67
H2' OMG A 5 -3.70 -4.77 2.04
HM21 OMG A 5 -3.55 -8.26 1.76
HM22 OMG A 5 -2.64 -6.78 2.01
HM23 OMG A 5 -2.90 -7.37 0.38
H1' OMG A 5 -3.30 -5.44 -0.61
H8 OMG A 5 -4.55 -2.15 -1.26
HN1 OMG A 5 1.14 -1.89 1.69
HN21 OMG A 5 1.64 -3.84 2.54
HN22 OMG A 5 0.58 -5.23 2.40
P OMG A 6 -6.63 -4.47 3.82
OP1 OMG A 6 -7.45 -5.40 4.64
OP2 OMG A 6 -7.00 -3.04 3.76
O5' OMG A 6 -5.12 -4.57 4.32
C5' OMG A 6 -4.47 -5.83 4.43
C4' OMG A 6 -3.06 -5.65 4.92
O4' OMG A 6 -2.26 -5.01 3.90
C3' OMG A 6 -2.89 -4.74 6.13
O3' OMG A 6 -3.17 -5.41 7.35
C2' OMG A 6 -1.44 -4.30 6.02
O2' OMG A 6 -0.58 -5.29 6.55
CM2 OMG A 6 0.79 -5.05 6.41
C1' OMG A 6 -1.24 -4.23 4.51
N9 OMG A 6 -1.32 -2.88 3.97
C8 OMG A 6 -2.40 -2.27 3.38
N7 OMG A 6 -2.15 -1.04 3.00
C5 OMG A 6 -0.82 -0.84 3.34
C6 OMG A 6 0.01 0.30 3.18
O6 OMG A 6 -0.28 1.39 2.66
N1 OMG A 6 1.29 0.08 3.67
C2 OMG A 6 1.72 -1.09 4.26
N2 OMG A 6 2.99 -1.11 4.67
N3 OMG A 6 0.95 -2.15 4.42
C4 OMG A 6 -0.29 -1.96 3.95
H5' OMG A 6 -4.44 -6.32 3.45
H5'' OMG A 6 -5.02 -6.47 5.12
H4' OMG A 6 -2.68 -6.63 5.22
H3' OMG A 6 -3.60 -3.89 6.09
H2' OMG A 6 -1.29 -3.31 6.49
HM21 OMG A 6 1.34 -5.39 7.29
HM22 OMG A 6 1.19 -5.59 5.55
HM23 OMG A 6 0.99 -3.99 6.27
H1' OMG A 6 -0.29 -4.66 4.20
H8 OMG A 6 -3.36 -2.75 3.26
HN1 OMG A 6 1.96 0.83 3.60
HN21 OMG A 6 3.58 -0.29 4.54
HN22 OMG A 6 3.37 -1.93 5.11
N1 PSU A 9 -2.25 5.31 10.20
C2 PSU A 9 -2.11 6.20 9.17
N3 PSU A 9 -1.24 7.24 9.42
C4 PSU A 9 -0.52 7.46 10.57
C5 PSU A 9 -0.73 6.48 11.60
C6 PSU A 9 -1.56 5.46 11.38
O2 PSU A 9 -2.71 6.09 8.11
O4 PSU A 9 0.22 8.43 10.64
C1' PSU A 9 0.01 6.65 12.90
C2' PSU A 9 -0.18 8.05 13.52
O2' PSU A 9 1.03 8.43 14.14
C3' PSU A 9 -1.27 7.79 14.54
C4' PSU A 9 -0.91 6.41 15.05
O3' PSU A 9 -1.29 8.74 15.59
O4' PSU A 9 -0.48 5.71 13.85
C5' PSU A 9 -2.04 5.64 15.70
O5' PSU A 9 -1.83 4.23 15.54
P PSU A 9 -1.55 3.31 16.81
OP1 PSU A 9 -0.83 4.11 17.83
OP2 PSU A 9 -2.81 2.63 17.17
HN1 PSU A 9 -2.89 4.52 10.10
HN3 PSU A 9 -1.11 7.91 8.67
H6 PSU A 9 -1.69 4.72 12.17
H1' PSU A 9 1.06 6.42 12.75
H2' PSU A 9 -0.52 8.77 12.77
HO2' PSU A 9 0.86 8.47 15.08
H3' PSU A 9 -2.27 7.81 14.10
H4' PSU A 9 -0.13 6.53 15.79
H5' PSU A 9 -2.08 5.89 16.75
H5'' PSU A 9 -2.97 5.92 15.22
P OMG A 13 -2.64 10.42 3.19
OP1 OMG A 13 -2.95 11.41 2.12
OP2 OMG A 13 -2.25 9.03 2.80
O5' OMG A 13 -1.50 11.01 4.11
C5' OMG A 13 -0.71 12.13 3.70
C4' OMG A 13 0.65 12.07 4.33
O4' OMG A 13 0.51 11.59 5.70
C3' OMG A 13 1.63 11.11 3.67
O3' OMG A 13 2.41 11.75 2.66
C2' OMG A 13 2.49 10.65 4.84
O2' OMG A 13 3.43 11.64 5.20
CM2 OMG A 13 4.15 11.43 6.37
C1' OMG A 13 1.44 10.55 5.94
N9 OMG A 13 0.73 9.28 5.97
C8 OMG A 13 -0.23 8.83 5.09
N7 OMG A 13 -0.69 7.65 5.37
C5 OMG A 13 0.01 7.29 6.52
C6 OMG A 13 -0.06 6.11 7.30
O6 OMG A 13 -0.78 5.11 7.13
N1 OMG A 13 0.82 6.15 8.38
C2 OMG A 13 1.66 7.20 8.67
N2 OMG A 13 2.43 7.05 9.76
N3 OMG A 13 1.73 8.30 7.95
C4 OMG A 13 0.88 8.28 6.89
H5' OMG A 13 -1.21 13.05 4.00
H5'' OMG A 13 -0.60 12.12 2.61
H4' OMG A 13 1.10 13.06 4.26
H3' OMG A 13 1.12 10.28 3.18
H2' OMG A 13 2.95 9.68 4.63
HM21 OMG A 13 5.17 11.82 6.28
HM22 OMG A 13 4.22 10.37 6.60
HM23 OMG A 13 3.68 11.93 7.22
H1' OMG A 13 1.85 10.73 6.94
H8 OMG A 13 -0.57 9.41 4.24
HN1 OMG A 13 0.84 5.35 9.00
HN21 OMG A 13 2.37 6.21 10.30
HN22 OMG A 13 3.07 7.79 10.01
P OMG A 19 4.94 -11.75 -8.83
OP1 OMG A 19 5.59 -13.08 -8.88
OP2 OMG A 19 5.77 -10.52 -8.72
O5' OMG A 19 4.01 -11.61 -10.10
C5' OMG A 19 3.20 -12.70 -10.56
C4' OMG A 19 2.18 -12.21 -11.56
O4' OMG A 19 1.41 -11.13 -10.95
C3' OMG A 19 2.76 -11.62 -12.84
O3' OMG A 19 2.97 -12.62 -13.83
C2' OMG A 19 1.69 -10.62 -13.25
O2' OMG A 19 0.59 -11.26 -13.87
CM2 OMG A 19 -0.52 -10.47 -14.15
C1' OMG A 19 1.24 -10.09 -11.89
N9 OMG A 19 2.02 -8.93 -11.43
C8 OMG A 19 3.11 -8.95 -10.59
N7 OMG A 19 3.58 -7.76 -10.35
C5 OMG A 19 2.76 -6.91 -11.08
C6 OMG A 19 2.79 -5.49 -11.21
O6 OMG A 19 3.57 -4.69 -10.69
N1 OMG A 19 1.78 -5.04 -12.04
C2 OMG A 19 0.85 -5.84 -12.67
N2 OMG A 19 -0.06 -5.21 -13.44
N3 OMG A 19 0.82 -7.15 -12.56
C4 OMG A 19 1.79 -7.62 -11.75
H5' OMG A 19 2.69 -13.15 -9.71
H5'' OMG A 19 3.84 -13.44 -11.03
H4' OMG A 19 1.58 -13.08 -11.85
H3' OMG A 19 3.73 -11.15 -12.67
H2' OMG A 19 2.11 -9.82 -13.87
HM21 OMG A 19 -1.26 -10.54 -13.36
HM22 OMG A 19 -0.23 -9.43 -14.27
HM23 OMG A 19 -0.99 -10.79 -15.08
H1' OMG A 19 0.19 -9.81 -11.87
H8 OMG A 19 3.52 -9.86 -10.18
HN1 OMG A 19 1.71 -4.04 -12.21
HN21 OMG A 19 -0.02 -4.20 -13.53
HN22 OMG A 19 -0.76 -5.73 -13.93
N1 PSU A 1 8.83 -2.50 -12.83
C2 PSU A 1 8.18 -3.69 -13.07
N3 PSU A 1 7.17 -3.63 -13.98
C4 PSU A 1 6.74 -2.50 -14.67
C5 PSU A 1 7.47 -1.31 -14.37
C6 PSU A 1 8.46 -1.34 -13.47
O2 PSU A 1 8.49 -4.73 -12.51
O4 PSU A 1 5.81 -2.60 -15.46
C1' PSU A 1 7.07 -0.03 -15.08
C2' PSU A 1 6.00 0.77 -14.33
O2' PSU A 1 5.21 1.45 -15.29
C3' PSU A 1 6.84 1.74 -13.52
C4' PSU A 1 8.01 2.03 -14.44
O3' PSU A 1 6.12 2.92 -13.19
O4' PSU A 1 8.21 0.80 -15.20
C5' PSU A 1 9.30 2.38 -13.74
O5' PSU A 1 9.57 1.47 -12.68
HN1 PSU A 1 9.60 -2.47 -12.16
HN3 PSU A 1 6.67 -4.48 -14.17
H6 PSU A 1 9.00 -0.41 -13.24
H1' PSU A 1 6.76 -0.28 -16.09
H2' PSU A 1 5.40 0.13 -13.68
HO2' PSU A 1 5.69 1.44 -16.12
H3' PSU A 1 7.17 1.32 -12.57
H4' PSU A 1 7.72 2.89 -15.06
H5' PSU A 1 10.12 2.36 -14.46
H5'' PSU A 1 9.22 3.40 -13.35
HO5' PSU A 1 10.22 0.85 -12.99
P OMG A 5 -7.70 -1.20 -4.01
OP1 OMG A 5 -7.82 -2.22 -5.09
OP2 OMG A 5 -8.93 -0.69 -3.34
O5' OMG A 5 -6.74 -1.78 -2.88
C5' OMG A 5 -7.26 -2.21 -1.63
C4' OMG A 5 -6.49 -3.40 -1.13
O4' OMG A 5 -5.27 -3.53 -1.92
C3' OMG A 5 -6.02 -3.31 0.32
O3' OMG A 5 -6.97 -3.90 1.21
C2' OMG A 5 -4.71 -4.07 0.31
O2' OMG A 5 -4.92 -5.48 0.31
CM2 OMG A 5 -3.79 -6.24 0.58
C1' OMG A 5 -4.16 -3.67 -1.05
N9 OMG A 5 -3.42 -2.41 -1.04
C8 OMG A 5 -3.80 -1.23 -1.62
N7 OMG A 5 -2.94 -0.26 -1.42
C5 OMG A 5 -1.94 -0.85 -0.67
C6 OMG A 5 -0.73 -0.30 -0.16
O6 OMG A 5 -0.30 0.86 -0.27
N1 OMG A 5 -0.01 -1.23 0.57
C2 OMG A 5 -0.38 -2.54 0.75
N2 OMG A 5 0.47 -3.30 1.48
N3 OMG A 5 -1.50 -3.07 0.28
C4 OMG A 5 -2.22 -2.17 -0.42
H5' OMG A 5 -8.31 -2.48 -1.74
H5'' OMG A 5 -7.19 -1.40 -0.90
H4' OMG A 5 -7.15 -4.27 -1.20
H3' OMG A 5 -5.91 -2.28 0.65
H2' OMG A 5 -4.06 -3.75 1.12
HM21 OMG A 5 -2.89 -5.77 0.18
HM22 OMG A 5 -3.88 -7.24 0.14
HM23 OMG A 5 -3.65 -6.37 1.66
H1' OMG A 5 -3.51 -4.44 -1.48
H8 OMG A 5 -4.71 -1.10 -2.19
HN1 OMG A 5 0.87 -0.93 0.98
HN21 OMG A 5 1.31 -2.89 1.84
HN22 OMG A 5 0.25 -4.27 1.66
P OMG A 6 -7.13 -3.34 2.71
OP1 OMG A 6 -8.05 -4.23 3.46
OP2 OMG A 6 -7.42 -1.88 2.60
O5' OMG A 6 -5.66 -3.50 3.33
C5' OMG A 6 -5.29 -4.68 4.02
C4' OMG A 6 -3.80 -4.70 4.28
O4' OMG A 6 -3.12 -4.16 3.12
C3' OMG A 6 -3.33 -3.81 5.43
O3' OMG A 6 -3.46 -4.48 6.68
C2' OMG A 6 -1.88 -3.55 5.06
O2' OMG A 6 -1.06 -4.65 5.38
CM2 OMG A 6 0.30 -4.46 5.19
C1' OMG A 6 -1.97 -3.44 3.53
N9 OMG A 6 -2.07 -2.07 3.05
C8 OMG A 6 -3.19 -1.46 2.52
N7 OMG A 6 -2.97 -0.22 2.18
C5 OMG A 6 -1.64 0.00 2.50
C6 OMG A 6 -0.84 1.17 2.36
O6 OMG A 6 -1.16 2.27 1.90
N1 OMG A 6 0.45 0.96 2.83
C2 OMG A 6 0.93 -0.22 3.35
N2 OMG A 6 2.20 -0.22 3.73
N3 OMG A 6 0.19 -1.31 3.49
C4 OMG A 6 -1.07 -1.12 3.04
H5' OMG A 6 -5.56 -5.55 3.41
H5'' OMG A 6 -5.81 -4.74 4.97
H4' OMG A 6 -3.52 -5.71 4.52
H3' OMG A 6 -3.92 -2.90 5.51
H2' OMG A 6 -1.53 -2.62 5.51
HM21 OMG A 6 0.89 -5.08 5.87
HM22 OMG A 6 0.60 -4.70 4.17
HM23 OMG A 6 0.58 -3.42 5.37
H1' OMG A 6 -1.11 -3.90 3.04
H8 OMG A 6 -4.14 -1.96 2.40
HN1 OMG A 6 1.10 1.73 2.76
HN21 OMG A 6 2.77 0.62 3.64
HN22 OMG A 6 2.61 -1.06 4.13
N1 PSU A 9 -1.22 5.79 12.62
C2 PSU A 9 -1.92 6.46 11.63
N3 PSU A 9 -1.34 7.60 11.17
C4 PSU A 9 -0.14 8.15 11.58
C5 PSU A 9 0.53 7.41 12.61
C6 PSU A 9 -0.02 6.28 13.08
O2 PSU A 9 -2.99 6.05 11.20
O4 PSU A 9 0.26 9.19 11.08
C1' PSU A 9 1.85 7.93 13.13
C2' PSU A 9 1.70 8.71 14.45
O2' PSU A 9 2.57 9.82 14.42
C3' PSU A 9 2.16 7.67 15.47
C4' PSU A 9 3.26 6.95 14.72
O3' PSU A 9 2.65 8.26 16.67
O4' PSU A 9 2.74 6.85 13.37
C5' PSU A 9 3.60 5.57 15.23
O5' PSU A 9 2.40 4.80 15.41
P PSU A 9 2.38 3.54 16.37
OP1 PSU A 9 3.55 3.62 17.29
OP2 PSU A 9 1.02 3.41 16.95
HN1 PSU A 9 -1.59 4.93 13.00
HN3 PSU A 9 -1.84 8.12 10.46
H6 PSU A 9 0.51 5.72 13.86
H1' PSU A 9 2.31 8.55 12.36
H2' PSU A 9 0.66 8.98 14.63
HO2' PSU A 9 3.31 9.59 13.86
H3' PSU A 9 1.36 6.99 15.76
H4' PSU A 9 4.15 7.56 14.80
H5' PSU A 9 4.24 5.06 14.51
H5'' PSU A 9 4.12 5.65 16.18
P OMG A 13 -4.31 12.20 3.47
OP1 OMG A 13 -5.14 13.34 3.97
OP2 OMG A 13 -4.09 12.03 2.02
O5' OMG A 13 -2.89 12.27 4.19
C5' OMG A 13 -2.13 13.48 4.18
C4' OMG A 13 -0.75 13.23 4.75
O4' OMG A 13 -0.88 12.81 6.13
C3' OMG A 13 0.04 12.11 4.06
O3' OMG A 13 0.82 12.62 2.98
C2' OMG A 13 0.89 11.57 5.19
O2' OMG A 13 2.01 12.40 5.44
CM2 OMG A 13 2.79 12.09 6.54
C1' OMG A 13 -0.07 11.67 6.37
N9 OMG A 13 -0.94 10.51 6.53
C8 OMG A 13 -2.20 10.34 6.05
N7 OMG A 13 -2.73 9.18 6.36
C5 OMG A 13 -1.73 8.56 7.10
C6 OMG A 13 -1.71 7.27 7.70
O6 OMG A 13 -2.59 6.41 7.72
N1 OMG A 13 -0.49 7.04 8.34
C2 OMG A 13 0.56 7.91 8.39
N2 OMG A 13 1.65 7.49 9.06
N3 OMG A 13 0.55 9.10 7.83
C4 OMG A 13 -0.62 9.36 7.20
H5' OMG A 13 -2.63 14.23 4.78
H5'' OMG A 13 -2.03 13.85 3.16
H4' OMG A 13 -0.17 14.14 4.62
H3' OMG A 13 -0.62 11.36 3.63
H2' OMG A 13 1.18 10.53 4.99
HM21 OMG A 13 2.48 12.66 7.42
HM22 OMG A 13 3.84 12.30 6.36
HM23 OMG A 13 2.70 11.03 6.79
H1' OMG A 13 0.45 11.84 7.32
H8 OMG A 13 -2.73 11.09 5.48
HN1 OMG A 13 -0.37 6.15 8.81
HN21 OMG A 13 1.66 6.58 9.49
HN22 OMG A 13 2.45 8.09 9.13
P OMG A 19 3.42 -12.41 -8.02
OP1 OMG A 19 3.85 -13.82 -8.10
OP2 OMG A 19 4.42 -11.32 -8.09
O5' OMG A 19 2.34 -12.15 -9.17
C5' OMG A 19 1.26 -13.06 -9.37
C4' OMG A 19 0.26 -12.46 -10.33
O4' OMG A 19 -0.16 -11.16 -9.82
C3' OMG A 19 0.80 -12.19 -11.74
O3' OMG A 19 0.55 -13.29 -12.60
C2' OMG A 19 0.02 -10.95 -12.17
O2' OMG A 19 -1.28 -11.28 -12.60
CM2 OMG A 19 -2.10 -10.22 -12.97
C1' OMG A 19 -0.08 -10.19 -10.85
N9 OMG A 19 1.06 -9.32 -10.57
C8 OMG A 19 2.12 -9.59 -9.74
N7 OMG A 19 2.99 -8.62 -9.68
C5 OMG A 19 2.46 -7.64 -10.52
C6 OMG A 19 2.95 -6.35 -10.86
O6 OMG A 19 3.99 -5.81 -10.47
N1 OMG A 19 2.11 -5.70 -11.74
C2 OMG A 19 0.93 -6.21 -12.24
N2 OMG A 19 0.25 -5.42 -13.08
N3 OMG A 19 0.45 -7.40 -11.93
C4 OMG A 19 1.27 -8.06 -11.08
H5' OMG A 19 0.76 -13.26 -8.42
H5'' OMG A 19 1.63 -13.99 -9.78
H4' OMG A 19 -0.56 -13.18 -10.44
H3' OMG A 19 1.87 -12.04 -11.73
H2' OMG A 19 0.58 -10.38 -12.91
HM21 OMG A 19 -1.50 -9.37 -13.32
HM22 OMG A 19 -2.78 -10.50 -13.78
HM23 OMG A 19 -2.70 -9.88 -12.13
H1' OMG A 19 -0.99 -9.59 -10.78
H8 OMG A 19 2.23 -10.52 -9.20
HN1 OMG A 19 2.37 -4.77 -12.04
HN21 OMG A 19 0.61 -4.50 -13.31
HN22 OMG A 19 -0.62 -5.74 -13.48
N1 PSU A 1 7.97 -1.40 -11.76
C2 PSU A 1 7.60 -2.71 -12.00
N3 PSU A 1 6.76 -2.89 -13.08
C4 PSU A 1 6.27 -1.90 -13.91
C5 PSU A 1 6.72 -0.58 -13.59
C6 PSU A 1 7.52 -0.37 -12.55
O2 PSU A 1 7.98 -3.65 -11.32
O4 PSU A 1 5.53 -2.21 -14.84
C1' PSU A 1 6.22 0.57 -14.46
C2' PSU A 1 5.10 1.37 -13.80
O2' PSU A 1 4.23 1.85 -14.82
C3' PSU A 1 5.88 2.53 -13.18
C4' PSU A 1 7.00 2.77 -14.18
O3' PSU A 1 5.07 3.69 -13.01
O4' PSU A 1 7.30 1.46 -14.71
C5' PSU A 1 8.27 3.35 -13.59
O5' PSU A 1 8.67 2.63 -12.43
HN1 PSU A 1 8.58 -1.20 -10.98
HN3 PSU A 1 6.47 -3.83 -13.28
H6 PSU A 1 7.85 0.64 -12.32
H1' PSU A 1 5.91 0.17 -15.42
H2' PSU A 1 4.59 0.79 -13.04
HO2' PSU A 1 4.16 1.15 -15.47
H3' PSU A 1 6.27 2.28 -12.19
H4' PSU A 1 6.62 3.46 -14.92
H5' PSU A 1 9.05 3.31 -14.34
H5'' PSU A 1 8.08 4.39 -13.33
HO5' PSU A 1 7.97 2.71 -11.77
P OMG A 5 -8.74 -1.94 -3.70
OP1 OMG A 5 -10.10 -2.45 -3.42
OP2 OMG A 5 -8.41 -0.54 -3.32
O5' OMG A 5 -7.68 -2.90 -3.01
C5' OMG A 5 -7.54 -2.93 -1.59
C4' OMG A 5 -6.69 -4.12 -1.19
O4' OMG A 5 -5.49 -4.15 -2.02
C3' OMG A 5 -6.20 -4.10 0.25
O3' OMG A 5 -7.10 -4.76 1.13
C2' OMG A 5 -4.86 -4.82 0.15
O2' OMG A 5 -5.03 -6.22 0.08
CM2 OMG A 5 -3.86 -6.97 0.13
C1' OMG A 5 -4.36 -4.32 -1.19
N9 OMG A 5 -3.65 -3.04 -1.11
C8 OMG A 5 -4.05 -1.84 -1.66
N7 OMG A 5 -3.22 -0.87 -1.42
C5 OMG A 5 -2.21 -1.46 -0.67
C6 OMG A 5 -1.03 -0.90 -0.12
O6 OMG A 5 -0.62 0.27 -0.18
N1 OMG A 5 -0.28 -1.86 0.57
C2 OMG A 5 -0.62 -3.18 0.69
N2 OMG A 5 0.23 -3.94 1.39
N3 OMG A 5 -1.72 -3.71 0.19
C4 OMG A 5 -2.46 -2.80 -0.48
H5' OMG A 5 -8.52 -3.01 -1.13
H5'' OMG A 5 -7.04 -2.03 -1.25
H4' OMG A 5 -7.32 -5.02 -1.30
H3' OMG A 5 -6.10 -3.09 0.62
H2' OMG A 5 -4.20 -4.52 0.97
HM21 OMG A 5 -3.12 -6.49 0.76
HM22 OMG A 5 -3.42 -7.06 -0.87
HM23 OMG A 5 -4.04 -7.97 0.51
H1' OMG A 5 -3.70 -5.03 -1.69
H8 OMG A 5 -4.95 -1.72 -2.24
HN1 OMG A 5 0.59 -1.55 0.99
HN21 OMG A 5 1.08 -3.54 1.77
HN22 OMG A 5 0.04 -4.92 1.52
P OMG A 6 -7.20 -4.29 2.66
OP1 OMG A 6 -8.06 -5.26 3.39
OP2 OMG A 6 -7.56 -2.85 2.67
O5' OMG A 6 -5.72 -4.43 3.21
C5' OMG A 6 -5.29 -5.62 3.86
C4' OMG A 6 -3.83 -5.54 4.22
O4' OMG A 6 -3.09 -4.96 3.09
C3' OMG A 6 -3.48 -4.62 5.38
O3' OMG A 6 -3.66 -5.26 6.63
C2' OMG A 6 -2.02 -4.27 5.10
O2' OMG A 6 -1.16 -5.32 5.49
CM2 OMG A 6 0.19 -5.06 5.37
C1' OMG A 6 -2.02 -4.18 3.58
N9 OMG A 6 -2.18 -2.82 3.08
C8 OMG A 6 -3.30 -2.27 2.50
N7 OMG A 6 -3.14 -1.02 2.15
C5 OMG A 6 -1.83 -0.73 2.52
C6 OMG A 6 -1.09 0.48 2.40
O6 OMG A 6 -1.44 1.56 1.92
N1 OMG A 6 0.20 0.33 2.91
C2 OMG A 6 0.70 -0.81 3.47
N2 OMG A 6 1.97 -0.76 3.89
N3 OMG A 6 0.03 -1.94 3.58
C4 OMG A 6 -1.23 -1.82 3.09
H5' OMG A 6 -5.45 -6.48 3.21
H5'' OMG A 6 -5.86 -5.77 4.78
H4' OMG A 6 -3.48 -6.53 4.49
H3' OMG A 6 -4.13 -3.73 5.40
H2' OMG A 6 -1.76 -3.31 5.56
HM21 OMG A 6 0.56 -5.33 4.38
HM22 OMG A 6 0.40 -4.00 5.52
HM23 OMG A 6 0.77 -5.63 6.10
H1' OMG A 6 -1.10 -4.59 3.15
H8 OMG A 6 -4.22 -2.81 2.35
HN1 OMG A 6 0.82 1.13 2.87
HN21 OMG A 6 2.50 0.10 3.80
HN22 OMG A 6 2.41 -1.57 4.31
N1 PSU A 9 -2.68 4.40 12.93
C2 PSU A 9 -3.66 4.79 12.04
N3 PSU A 9 -3.56 6.08 11.60
C4 PSU A 9 -2.61 7.01 11.96
C5 PSU A 9 -1.63 6.53 12.89
C6 PSU A 9 -1.70 5.27 13.33
O2 PSU A 9 -4.54 4.03 11.66
O4 PSU A 9 -2.66 8.15 11.47
C1' PSU A 9 -0.55 7.49 13.34
C2' PSU A 9 -0.79 8.04 14.75
O2' PSU A 9 -0.36 9.38 14.80
C3' PSU A 9 0.12 7.15 15.58
C4' PSU A 9 1.31 6.95 14.65
O3' PSU A 9 0.50 7.75 16.82
O4' PSU A 9 0.70 6.82 13.36
C5' PSU A 9 2.16 5.74 14.94
O5' PSU A 9 1.35 4.67 15.41
P PSU A 9 1.99 3.47 16.26
OP1 PSU A 9 3.44 3.44 16.00
OP2 PSU A 9 1.49 3.60 17.66
HN1 PSU A 9 -2.69 3.46 13.30
HN3 PSU A 9 -4.27 6.39 10.95
H6 PSU A 9 -0.94 4.93 14.05
H1' PSU A 9 -0.47 8.29 12.61
H2' PSU A 9 -1.83 7.92 15.06
HO2' PSU A 9 0.56 9.40 14.55
H3' PSU A 9 -0.35 6.19 15.84
H4' PSU A 9 1.94 7.83 14.76
H5' PSU A 9 2.68 5.44 14.02
H5'' PSU A 9 2.90 5.99 15.70
P OMG A 13 -4.93 12.22 3.69
OP1 OMG A 13 -4.75 12.86 2.37
OP2 OMG A 13 -5.45 10.83 3.77
O5' OMG A 13 -3.54 12.30 4.46
C5' OMG A 13 -2.53 13.22 4.05
C4' OMG A 13 -1.21 12.86 4.68
O4' OMG A 13 -1.45 12.45 6.05
C3' OMG A 13 -0.47 11.68 4.04
O3' OMG A 13 0.39 12.12 2.99
C2' OMG A 13 0.31 11.11 5.21
O2' OMG A 13 1.45 11.89 5.51
CM2 OMG A 13 2.13 11.58 6.68
C1' OMG A 13 -0.72 11.27 6.34
N9 OMG A 13 -1.65 10.16 6.44
C8 OMG A 13 -2.89 10.05 5.87
N7 OMG A 13 -3.49 8.92 6.16
C5 OMG A 13 -2.59 8.25 6.96
C6 OMG A 13 -2.69 6.98 7.59
O6 OMG A 13 -3.61 6.17 7.55
N1 OMG A 13 -1.53 6.69 8.32
C2 OMG A 13 -0.44 7.51 8.44
N2 OMG A 13 0.56 7.05 9.20
N3 OMG A 13 -0.34 8.69 7.87
C4 OMG A 13 -1.45 9.00 7.15
H5' OMG A 13 -2.81 14.23 4.34
H5'' OMG A 13 -2.42 13.17 2.96
H4' OMG A 13 -0.56 13.72 4.60
H3' OMG A 13 -1.15 10.97 3.59
H2' OMG A 13 0.54 10.06 5.04
HM21 OMG A 13 3.20 11.73 6.56
HM22 OMG A 13 1.98 10.52 6.95
HM23 OMG A 13 1.81 12.19 7.51
H1' OMG A 13 -0.24 11.41 7.31
H8 OMG A 13 -3.32 10.82 5.25
HN1 OMG A 13 -1.50 5.81 8.81
HN21 OMG A 13 0.49 6.14 9.64
HN22 OMG A 13 1.39 7.61 9.32
P OMG A 19 4.83 -12.11 -8.37
OP1 OMG A 19 5.47 -13.46 -8.44
OP2 OMG A 19 5.69 -10.90 -8.27
O5' OMG A 19 3.89 -11.96 -9.65
C5' OMG A 19 3.07 -13.03 -10.09
C4' OMG A 19 2.03 -12.53 -11.06
O4' OMG A 19 1.29 -11.46 -10.42
C3' OMG A 19 2.58 -11.93 -12.34
O3' OMG A 19 2.72 -12.90 -13.37
C2' OMG A 19 1.53 -10.87 -12.69
O2' OMG A 19 0.38 -11.46 -13.26
CM2 OMG A 19 -0.65 -10.60 -13.62
C1' OMG A 19 1.17 -10.36 -11.31
N9 OMG A 19 2.05 -9.29 -10.83
C8 OMG A 19 3.07 -9.40 -9.92
N7 OMG A 19 3.68 -8.25 -9.69
C5 OMG A 19 3.02 -7.35 -10.51
C6 OMG A 19 3.23 -5.96 -10.70
O6 OMG A 19 4.07 -5.23 -10.16
N1 OMG A 19 2.33 -5.43 -11.62
C2 OMG A 19 1.36 -6.14 -12.28
N2 OMG A 19 0.60 -5.44 -13.14
N3 OMG A 19 1.15 -7.43 -12.11
C4 OMG A 19 2.01 -7.98 -11.22
H5' OMG A 19 2.58 -13.50 -9.24
H5'' OMG A 19 3.69 -13.79 -10.60
H4' OMG A 19 1.41 -13.37 -11.35
H3' OMG A 19 3.57 -11.49 -12.21
H2' OMG A 19 1.96 -10.08 -13.32
HM21 OMG A 19 -1.21 -10.98 -14.47
HM22 OMG A 19 -1.35 -10.47 -12.79
HM23 OMG A 19 -0.25 -9.62 -13.88
H1' OMG A 19 0.15 -10.01 -11.24
H8 OMG A 19 3.34 -10.31 -9.43
HN1 OMG A 19 2.40 -4.44 -11.83
HN21 OMG A 19 0.75 -4.46 -13.27
HN22 OMG A 19 -0.13 -5.90 -13.66
N1 PSU A 1 7.21 0.72 -9.97
C2 PSU A 1 6.59 -0.42 -10.43
N3 PSU A 1 5.70 -0.24 -11.46
C4 PSU A 1 5.37 0.96 -12.07
C5 PSU A 1 6.06 2.10 -11.52
C6 PSU A 1 6.92 1.95 -10.52
O2 PSU A 1 6.82 -1.54 -9.97
O4 PSU A 1 4.55 0.97 -12.98
C1' PSU A 1 5.75 3.46 -12.13
C2' PSU A 1 4.31 3.90 -11.93
O2' PSU A 1 3.95 4.75 -13.00
C3' PSU A 1 4.40 4.68 -10.62
C4' PSU A 1 5.76 5.35 -10.72
O3' PSU A 1 3.36 5.64 -10.50
O4' PSU A 1 6.58 4.43 -11.51
C5' PSU A 1 6.45 5.61 -9.41
O5' PSU A 1 6.66 4.37 -8.70
HN1 PSU A 1 7.87 0.66 -9.21
HN3 PSU A 1 5.24 -1.06 -11.82
H6 PSU A 1 7.42 2.83 -10.12
H1' PSU A 1 6.03 3.44 -13.18
H2' PSU A 1 3.63 3.04 -11.82
HO2' PSU A 1 3.80 5.62 -12.65
H3' PSU A 1 4.33 4.04 -9.74
H4' PSU A 1 5.60 6.31 -11.21
H5' PSU A 1 7.41 6.09 -9.59
H5'' PSU A 1 5.83 6.27 -8.80
HO5' PSU A 1 6.63 4.58 -7.76
P OMG A 5 -7.94 -1.71 -1.59
OP1 OMG A 5 -8.07 -2.74 -2.65
OP2 OMG A 5 -9.13 -1.33 -0.80
O5' OMG A 5 -6.81 -2.17 -0.57
C5' OMG A 5 -7.15 -2.82 0.65
C4' OMG A 5 -6.42 -4.14 0.78
O4' OMG A 5 -5.37 -4.18 -0.23
C3' OMG A 5 -5.70 -4.36 2.10
O3' OMG A 5 -6.56 -5.00 3.05
C2' OMG A 5 -4.52 -5.24 1.71
O2' OMG A 5 -4.92 -6.59 1.54
CM2 OMG A 5 -3.89 -7.51 1.44
C1' OMG A 5 -4.16 -4.66 0.34
N9 OMG A 5 -3.22 -3.55 0.42
C8 OMG A 5 -3.46 -2.23 0.19
N7 OMG A 5 -2.41 -1.47 0.32
C5 OMG A 5 -1.39 -2.36 0.65
C6 OMG A 5 -0.02 -2.13 0.92
O6 OMG A 5 0.60 -1.05 0.91
N1 OMG A 5 0.65 -3.31 1.21
C2 OMG A 5 0.08 -4.55 1.26
N2 OMG A 5 0.88 -5.57 1.56
N3 OMG A 5 -1.21 -4.79 1.00
C4 OMG A 5 -1.88 -3.65 0.71
H5' OMG A 5 -8.22 -3.01 0.68
H5'' OMG A 5 -6.88 -2.19 1.50
H4' OMG A 5 -7.15 -4.94 0.67
H3' OMG A 5 -5.39 -3.42 2.56
H2' OMG A 5 -3.71 -5.14 2.42
HM21 OMG A 5 -3.50 -7.56 0.43
HM22 OMG A 5 -4.23 -8.51 1.73
HM23 OMG A 5 -3.07 -7.24 2.10
H1' OMG A 5 -3.77 -5.41 -0.33
H8 OMG A 5 -4.44 -1.84 -0.06
HN1 OMG A 5 1.64 -3.25 1.43
HN21 OMG A 5 1.87 -5.41 1.75
HN22 OMG A 5 0.53 -6.51 1.60
P OMG A 6 -6.34 -4.73 4.63
OP1 OMG A 6 -7.07 -5.78 5.38
OP2 OMG A 6 -6.66 -3.29 4.87
O5' OMG A 6 -4.78 -4.93 4.84
C5' OMG A 6 -4.21 -6.24 4.86
C4' OMG A 6 -2.77 -6.16 5.30
O4' OMG A 6 -1.97 -5.61 4.22
C3' OMG A 6 -2.48 -5.25 6.47
O3' OMG A 6 -2.72 -5.90 7.72
C2' OMG A 6 -1.01 -4.91 6.29
O2' OMG A 6 -0.18 -5.95 6.74
CM2 OMG A 6 1.18 -5.66 6.75
C1' OMG A 6 -0.91 -4.84 4.75
N9 OMG A 6 -0.99 -3.49 4.23
C8 OMG A 6 -2.11 -2.85 3.73
N7 OMG A 6 -1.88 -1.64 3.33
C5 OMG A 6 -0.51 -1.46 3.56
C6 OMG A 6 0.32 -0.34 3.31
O6 OMG A 6 0.01 0.76 2.83
N1 OMG A 6 1.63 -0.58 3.70
C2 OMG A 6 2.09 -1.75 4.25
N2 OMG A 6 3.39 -1.80 4.55
N3 OMG A 6 1.32 -2.81 4.48
C4 OMG A 6 0.04 -2.59 4.12
H5' OMG A 6 -4.27 -6.68 3.88
H5'' OMG A 6 -4.76 -6.86 5.57
H4' OMG A 6 -2.46 -7.17 5.59
H3' OMG A 6 -3.12 -4.36 6.47
H2' OMG A 6 -0.77 -3.95 6.74
HM21 OMG A 6 1.63 -5.85 5.78
HM22 OMG A 6 1.36 -4.62 7.00
HM23 OMG A 6 1.71 -6.28 7.49
H1' OMG A 6 0.02 -5.29 4.39
H8 OMG A 6 -3.09 -3.32 3.70
HN1 OMG A 6 2.31 0.16 3.57
HN21 OMG A 6 3.98 -1.00 4.38
HN22 OMG A 6 3.79 -2.63 4.97
N1 PSU A 9 -2.23 5.00 9.65
C2 PSU A 9 -2.22 5.82 8.54
N3 PSU A 9 -1.39 6.91 8.63
C4 PSU A 9 -0.58 7.25 9.70
C5 PSU A 9 -0.63 6.35 10.81
C6 PSU A 9 -1.43 5.27 10.75
O2 PSU A 9 -2.90 5.60 7.56
O4 PSU A 9 0.12 8.26 9.63
C1' PSU A 9 0.20 6.66 12.03
C2' PSU A 9 -0.05 8.06 12.58
O2' PSU A 9 1.17 8.57 13.10
C3' PSU A 9 -1.04 7.78 13.69
C4' PSU A 9 -0.52 6.47 14.25
O3' PSU A 9 -1.08 8.81 14.67
O4' PSU A 9 -0.11 5.74 13.06
C5' PSU A 9 -1.51 5.66 15.05
O5' PSU A 9 -1.18 4.28 14.98
P PSU A 9 -0.66 3.49 16.26
OP1 PSU A 9 0.12 4.43 17.11
OP2 PSU A 9 -1.81 2.76 16.85
HN1 PSU A 9 -2.82 4.19 9.67
HN3 PSU A 9 -1.37 7.53 7.83
H6 PSU A 9 -1.46 4.59 11.60
H1' PSU A 9 1.26 6.51 11.78
H2' PSU A 9 -0.48 8.73 11.82
HO2' PSU A 9 1.36 9.39 12.63
H3' PSU A 9 -2.06 7.67 13.32
H4' PSU A 9 0.31 6.72 14.92
H5' PSU A 9 -1.48 5.98 16.09
H5'' PSU A 9 -2.50 5.81 14.65
P OMG A 13 -2.79 10.24 1.72
OP1 OMG A 13 -3.70 11.39 1.44
OP2 OMG A 13 -2.17 9.50 0.59
O5' OMG A 13 -1.64 10.73 2.70
C5' OMG A 13 -0.73 11.76 2.30
C4' OMG A 13 0.61 11.56 2.97
O4' OMG A 13 0.38 11.13 4.34
C3' OMG A 13 1.48 10.48 2.36
O3' OMG A 13 2.30 10.99 1.31
C2' OMG A 13 2.30 9.99 3.55
O2' OMG A 13 3.33 10.93 3.85
CM2 OMG A 13 4.02 10.72 5.04
C1' OMG A 13 1.24 10.04 4.65
N9 OMG A 13 0.44 8.83 4.74
C8 OMG A 13 -0.58 8.43 3.90
N7 OMG A 13 -1.12 7.30 4.24
C5 OMG A 13 -0.40 6.91 5.38
C6 OMG A 13 -0.53 5.76 6.19
O6 OMG A 13 -1.32 4.82 6.08
N1 OMG A 13 0.39 5.77 7.24
C2 OMG A 13 1.31 6.76 7.46
N2 OMG A 13 2.12 6.58 8.52
N3 OMG A 13 1.45 7.84 6.71
C4 OMG A 13 0.56 7.85 5.69
H5' OMG A 13 -1.13 12.74 2.58
H5'' OMG A 13 -0.59 11.73 1.22
H4' OMG A 13 1.15 12.49 2.89
H3' OMG A 13 0.89 9.69 1.91
H2' OMG A 13 2.68 8.98 3.37
HM21 OMG A 13 3.59 11.30 5.85
HM22 OMG A 13 5.06 11.00 4.94
HM23 OMG A 13 3.98 9.66 5.33
H1' OMG A 13 1.68 10.23 5.63
H8 OMG A 13 -0.90 9.01 3.04
HN1 OMG A 13 0.39 5.00 7.88
HN21 OMG A 13 2.02 5.76 9.10
HN22 OMG A 13 2.83 7.28 8.74
P OMG A 19 3.39 -12.06 -8.27
OP1 OMG A 19 3.53 -13.54 -8.43
OP2 OMG A 19 4.62 -11.22 -8.15
O5' OMG A 19 2.53 -11.51 -9.49
C5' OMG A 19 1.43 -12.25 -9.99
C4' OMG A 19 0.59 -11.38 -10.90
O4' OMG A 19 0.21 -10.17 -10.18
C3' OMG A 19 1.29 -10.86 -12.13
O3' OMG A 19 1.25 -11.80 -13.19
C2' OMG A 19 0.51 -9.59 -12.47
O2' OMG A 19 -0.70 -9.90 -13.13
CM2 OMG A 19 -1.57 -8.85 -13.37
C1' OMG A 19 0.18 -9.07 -11.06
N9 OMG A 19 1.12 -8.07 -10.58
C8 OMG A 19 2.19 -8.26 -9.76
N7 OMG A 19 2.85 -7.17 -9.49
C5 OMG A 19 2.16 -6.18 -10.19
C6 OMG A 19 2.39 -4.79 -10.28
O6 OMG A 19 3.30 -4.12 -9.75
N1 OMG A 19 1.45 -4.16 -11.09
C2 OMG A 19 0.42 -4.79 -11.72
N2 OMG A 19 -0.39 -4.01 -12.46
N3 OMG A 19 0.19 -6.09 -11.64
C4 OMG A 19 1.09 -6.72 -10.87
H5' OMG A 19 0.81 -12.60 -9.15
H5'' OMG A 19 1.78 -13.10 -10.56
H4' OMG A 19 -0.26 -11.97 -11.23
H3' OMG A 19 2.35 -10.66 -11.95
H2' OMG A 19 1.12 -8.89 -13.02
HM21 OMG A 19 -2.08 -8.96 -14.33
HM22 OMG A 19 -2.34 -8.80 -12.60
HM23 OMG A 19 -1.05 -7.90 -13.39
H1' OMG A 19 -0.83 -8.65 -11.01
H8 OMG A 19 2.47 -9.23 -9.37
HN1 OMG A 19 1.54 -3.16 -11.21
HN21 OMG A 19 -0.21 -3.02 -12.53
HN22 OMG A 19 -1.17 -4.42 -12.95
N1 PSU A 1 6.51 -0.57 -10.43
C2 PSU A 1 5.94 -1.69 -11.00
N3 PSU A 1 5.38 -1.49 -12.24
C4 PSU A 1 5.33 -0.32 -12.95
C5 PSU A 1 5.94 0.80 -12.29
C6 PSU A 1 6.50 0.64 -11.09
O2 PSU A 1 5.94 -2.78 -10.45
O4 PSU A 1 4.78 -0.29 -14.05
C1' PSU A 1 5.93 2.14 -13.00
C2' PSU A 1 4.53 2.67 -13.28
O2' PSU A 1 4.59 3.54 -14.40
C3' PSU A 1 4.24 3.43 -12.00
C4' PSU A 1 5.59 4.04 -11.64
O3' PSU A 1 3.26 4.46 -12.20
O4' PSU A 1 6.57 3.11 -12.18
C5' PSU A 1 5.85 4.20 -10.16
O5' PSU A 1 5.64 2.97 -9.48
HN1 PSU A 1 6.95 -0.63 -9.52
HN3 PSU A 1 4.96 -2.30 -12.68
H6 PSU A 1 6.96 1.51 -10.61
H1' PSU A 1 6.53 2.06 -13.91
H2' PSU A 1 3.81 1.85 -13.42
HO2' PSU A 1 3.71 3.61 -14.74
H3' PSU A 1 3.85 2.80 -11.20
H4' PSU A 1 5.64 5.02 -12.09
H5' PSU A 1 6.88 4.53 -10.01
H5'' PSU A 1 5.17 4.96 -9.77
HO5' PSU A 1 5.21 3.17 -8.64
P OMG A 5 -7.99 -2.13 -3.11
OP1 OMG A 5 -8.23 -3.31 -4.00
OP2 OMG A 5 -9.10 -1.62 -2.28
O5' OMG A 5 -6.78 -2.48 -2.15
C5' OMG A 5 -7.00 -2.88 -0.80
C4' OMG A 5 -6.23 -4.13 -0.49
O4' OMG A 5 -5.10 -4.23 -1.41
C3' OMG A 5 -5.60 -4.18 0.91
O3' OMG A 5 -6.49 -4.77 1.85
C2' OMG A 5 -4.35 -5.00 0.68
O2' OMG A 5 -4.65 -6.39 0.60
CM2 OMG A 5 -3.55 -7.23 0.58
C1' OMG A 5 -3.92 -4.52 -0.69
N9 OMG A 5 -3.10 -3.31 -0.64
C8 OMG A 5 -3.43 -2.06 -1.14
N7 OMG A 5 -2.49 -1.18 -0.95
C5 OMG A 5 -1.49 -1.87 -0.30
C6 OMG A 5 -0.21 -1.43 0.16
O6 OMG A 5 0.28 -0.30 0.09
N1 OMG A 5 0.49 -2.46 0.78
C2 OMG A 5 0.04 -3.75 0.92
N2 OMG A 5 0.86 -4.60 1.54
N3 OMG A 5 -1.14 -4.17 0.49
C4 OMG A 5 -1.85 -3.19 -0.10
H5' OMG A 5 -8.06 -3.07 -0.65
H5'' OMG A 5 -6.68 -2.09 -0.12
H4' OMG A 5 -6.92 -4.97 -0.55
H3' OMG A 5 -5.39 -3.17 1.28
H2' OMG A 5 -3.60 -4.79 1.45
HM21 OMG A 5 -3.16 -7.36 -0.44
HM22 OMG A 5 -3.81 -8.22 0.96
HM23 OMG A 5 -2.74 -6.83 1.19
H1' OMG A 5 -3.38 -5.28 -1.25
H8 OMG A 5 -4.36 -1.85 -1.64
HN1 OMG A 5 1.40 -2.25 1.15
HN21 OMG A 5 1.77 -4.28 1.87
HN22 OMG A 5 0.59 -5.57 1.68
P OMG A 6 -6.50 -4.23 3.37
OP1 OMG A 6 -7.42 -5.09 4.16
OP2 OMG A 6 -6.73 -2.76 3.32
O5' OMG A 6 -5.01 -4.49 3.88
C5' OMG A 6 -4.47 -5.80 3.91
C4' OMG A 6 -3.04 -5.76 4.40
O4' OMG A 6 -2.19 -5.22 3.35
C3' OMG A 6 -2.77 -4.85 5.59
O3' OMG A 6 -3.07 -5.48 6.83
C2' OMG A 6 -1.28 -4.55 5.44
O2' OMG A 6 -0.49 -5.64 5.90
CM2 OMG A 6 0.87 -5.41 5.92
C1' OMG A 6 -1.14 -4.47 3.92
N9 OMG A 6 -1.22 -3.10 3.41
C8 OMG A 6 -2.29 -2.49 2.81
N7 OMG A 6 -2.06 -1.26 2.46
C5 OMG A 6 -0.75 -1.03 2.86
C6 OMG A 6 0.06 0.12 2.74
O6 OMG A 6 -0.23 1.23 2.25
N1 OMG A 6 1.33 -0.08 3.29
C2 OMG A 6 1.76 -1.25 3.86
N2 OMG A 6 3.02 -1.24 4.32
N3 OMG A 6 1.01 -2.34 3.97
C4 OMG A 6 -0.21 -2.16 3.45
H5' OMG A 6 -4.50 -6.23 2.92
H5'' OMG A 6 -5.05 -6.43 4.59
H4' OMG A 6 -2.76 -6.76 4.71
H3' OMG A 6 -3.38 -3.94 5.55
H2' OMG A 6 -1.02 -3.61 5.92
HM21 OMG A 6 1.09 -4.36 6.13
HM22 OMG A 6 1.36 -6.02 6.68
HM23 OMG A 6 1.32 -5.66 4.96
H1' OMG A 6 -0.20 -4.90 3.57
H8 OMG A 6 -3.23 -3.00 2.63
HN1 OMG A 6 1.98 0.70 3.26
HN21 OMG A 6 3.59 -0.42 4.24
HN22 OMG A 6 3.40 -2.08 4.76
N1 PSU A 9 -2.69 4.67 12.45
C2 PSU A 9 -3.48 5.14 11.42
N3 PSU A 9 -3.16 6.40 10.97
C4 PSU A 9 -2.18 7.22 11.45
C5 PSU A 9 -1.41 6.66 12.53
C6 PSU A 9 -1.68 5.44 12.98
O2 PSU A 9 -4.38 4.48 10.91
O4 PSU A 9 -2.02 8.34 10.96
C1' PSU A 9 -0.31 7.51 13.12
C2' PSU A 9 -0.71 8.20 14.43
O2' PSU A 9 -0.09 9.46 14.49
C3' PSU A 9 -0.13 7.24 15.47
C4' PSU A 9 1.17 6.84 14.82
O3' PSU A 9 0.08 7.86 16.73
O4' PSU A 9 0.82 6.69 13.42
C5' PSU A 9 1.77 5.54 15.32
O5' PSU A 9 0.75 4.58 15.52
P PSU A 9 0.90 3.44 16.64
OP1 PSU A 9 2.04 3.80 17.52
OP2 PSU A 9 -0.44 3.20 17.23
HN1 PSU A 9 -2.86 3.75 12.82
HN3 PSU A 9 -3.73 6.77 10.22
H6 PSU A 9 -1.09 5.03 13.79
H1' PSU A 9 0.03 8.24 12.37
H2' PSU A 9 -1.80 8.26 14.53
HO2' PSU A 9 0.05 9.67 15.42
H3' PSU A 9 -0.77 6.38 15.65
H4' PSU A 9 1.89 7.64 15.00
H5' PSU A 9 2.50 5.17 14.59
H5'' PSU A 9 2.28 5.74 16.26
P OMG A 13 -4.05 11.22 3.19
OP1 OMG A 13 -4.29 12.33 2.25
OP2 OMG A 13 -3.87 9.83 2.67
O5' OMG A 13 -2.76 11.56 4.07
C5' OMG A 13 -1.78 12.48 3.59
C4' OMG A 13 -0.45 12.23 4.27
O4' OMG A 13 -0.71 11.88 5.66
C3' OMG A 13 0.34 11.05 3.72
O3' OMG A 13 1.22 11.45 2.67
C2' OMG A 13 1.11 10.57 4.94
O2' OMG A 13 2.21 11.41 5.22
CM2 OMG A 13 2.89 11.17 6.41
C1' OMG A 13 0.06 10.75 6.03
N9 OMG A 13 -0.84 9.62 6.19
C8 OMG A 13 -2.03 9.40 5.57
N7 OMG A 13 -2.61 8.28 5.92
C5 OMG A 13 -1.73 7.73 6.83
C6 OMG A 13 -1.81 6.52 7.58
O6 OMG A 13 -2.69 5.66 7.56
N1 OMG A 13 -0.68 6.34 8.38
C2 OMG A 13 0.36 7.22 8.49
N2 OMG A 13 1.35 6.88 9.32
N3 OMG A 13 0.45 8.35 7.81
C4 OMG A 13 -0.63 8.54 7.01
H5' OMG A 13 -2.10 13.50 3.80
H5'' OMG A 13 -1.66 12.36 2.51
H4' OMG A 13 0.16 13.11 4.14
H3' OMG A 13 -0.30 10.28 3.30
H2' OMG A 13 1.40 9.51 4.83
HM21 OMG A 13 2.77 10.15 6.74
HM22 OMG A 13 2.52 11.82 7.21
HM23 OMG A 13 3.96 11.36 6.30
H1' OMG A 13 0.50 10.98 7.00
H8 OMG A 13 -2.46 10.09 4.84
HN1 OMG A 13 -0.64 5.52 8.96
HN21 OMG A 13 1.29 6.00 9.84
HN22 OMG A 13 2.15 7.47 9.44
P OMG A 19 4.20 -12.04 -8.43
OP1 OMG A 19 4.73 -13.42 -8.57
OP2 OMG A 19 5.15 -10.90 -8.26
O5' OMG A 19 3.26 -11.74 -9.68
C5' OMG A 19 2.36 -12.72 -10.16
C4' OMG A 19 1.38 -12.10 -11.13
O4' OMG A 19 0.73 -10.97 -10.47
C3' OMG A 19 1.98 -11.51 -12.39
O3' OMG A 19 2.12 -12.48 -13.42
C2' OMG A 19 0.99 -10.42 -12.76
O2' OMG A 19 -0.16 -10.96 -13.37
CM2 OMG A 19 -1.20 -10.08 -13.63
C1' OMG A 19 0.61 -9.89 -11.38
N9 OMG A 19 1.47 -8.80 -10.91
C8 OMG A 19 2.47 -8.88 -9.98
N7 OMG A 19 3.06 -7.73 -9.76
C5 OMG A 19 2.42 -6.85 -10.62
C6 OMG A 19 2.62 -5.46 -10.84
O6 OMG A 19 3.45 -4.71 -10.30
N1 OMG A 19 1.74 -4.95 -11.79
C2 OMG A 19 0.80 -5.69 -12.45
N2 OMG A 19 0.04 -5.02 -13.34
N3 OMG A 19 0.58 -6.98 -12.26
C4 OMG A 19 1.44 -7.50 -11.34
H5' OMG A 19 1.81 -13.16 -9.33
H5'' OMG A 19 2.91 -13.51 -10.68
H4' OMG A 19 0.68 -12.88 -11.44
H3' OMG A 19 2.99 -11.12 -12.20
H2' OMG A 19 1.47 -9.65 -13.37
HM21 OMG A 19 -0.83 -9.06 -13.74
HM22 OMG A 19 -1.71 -10.34 -14.56
HM23 OMG A 19 -1.93 -10.08 -12.83
H1' OMG A 19 -0.42 -9.55 -11.33
H8 OMG A 19 2.74 -9.78 -9.46
HN1 OMG A 19 1.81 -3.97 -12.01
HN21 OMG A 19 0.19 -4.03 -13.49
HN22 OMG A 19 -0.68 -5.50 -13.86
N1 PSU A 1 7.24 -0.67 -9.56
C2 PSU A 1 6.73 -1.84 -10.06
N3 PSU A 1 5.95 -1.70 -11.19
C4 PSU A 1 5.65 -0.53 -11.85
C5 PSU A 1 6.22 0.65 -11.27
C6 PSU A 1 6.98 0.55 -10.17
O2 PSU A 1 6.94 -2.93 -9.55
O4 PSU A 1 4.94 -0.56 -12.86
C1' PSU A 1 5.95 1.98 -11.93
C2' PSU A 1 4.70 2.68 -11.36
O2' PSU A 1 4.12 3.45 -12.39
C3' PSU A 1 5.33 3.57 -10.29
C4' PSU A 1 6.65 3.99 -10.93
O3' PSU A 1 4.51 4.71 -10.00
O4' PSU A 1 7.05 2.84 -11.72
C5' PSU A 1 7.75 4.32 -9.96
O5' PSU A 1 7.97 3.24 -9.06
HN1 PSU A 1 7.82 -0.68 -8.73
HN3 PSU A 1 5.57 -2.55 -11.59
H6 PSU A 1 7.40 1.45 -9.74
H1' PSU A 1 5.85 1.83 -13.00
H2' PSU A 1 4.01 1.97 -10.91
HO2' PSU A 1 3.68 2.84 -12.98
H3' PSU A 1 5.48 3.06 -9.35
H4' PSU A 1 6.45 4.88 -11.52
H5' PSU A 1 8.66 4.54 -10.51
H5'' PSU A 1 7.47 5.21 -9.40
HO5' PSU A 1 8.52 3.57 -8.34
P OMG A 5 -7.44 -0.81 -1.06
OP1 OMG A 5 -8.69 -0.44 -0.35
OP2 OMG A 5 -6.19 -0.06 -0.80
O5' OMG A 5 -7.15 -2.36 -0.79
C5' OMG A 5 -7.12 -2.87 0.55
C4' OMG A 5 -6.38 -4.18 0.57
O4' OMG A 5 -5.40 -4.19 -0.50
C3' OMG A 5 -5.58 -4.45 1.84
O3' OMG A 5 -6.34 -5.14 2.82
C2' OMG A 5 -4.40 -5.28 1.34
O2' OMG A 5 -4.78 -6.63 1.12
CM2 OMG A 5 -3.74 -7.49 0.82
C1' OMG A 5 -4.15 -4.63 -0.02
N9 OMG A 5 -3.25 -3.48 0.03
C8 OMG A 5 -3.56 -2.17 -0.22
N7 OMG A 5 -2.54 -1.36 -0.09
C5 OMG A 5 -1.49 -2.19 0.28
C6 OMG A 5 -0.14 -1.88 0.56
O6 OMG A 5 0.42 -0.79 0.55
N1 OMG A 5 0.59 -3.02 0.90
C2 OMG A 5 0.07 -4.30 0.95
N2 OMG A 5 0.92 -5.27 1.30
N3 OMG A 5 -1.19 -4.59 0.69
C4 OMG A 5 -1.91 -3.50 0.36
H5' OMG A 5 -8.14 -3.02 0.90
H5'' OMG A 5 -6.61 -2.16 1.19
H4' OMG A 5 -7.11 -4.99 0.49
H3' OMG A 5 -5.25 -3.52 2.31
H2' OMG A 5 -3.54 -5.18 2.00
HM21 OMG A 5 -3.53 -7.49 -0.25
HM22 OMG A 5 -3.99 -8.51 1.10
HM23 OMG A 5 -2.83 -7.21 1.34
H1' OMG A 5 -3.75 -5.34 -0.75
H8 OMG A 5 -4.55 -1.84 -0.50
HN1 OMG A 5 1.56 -2.91 1.13
HN21 OMG A 5 1.89 -5.05 1.50
HN22 OMG A 5 0.61 -6.23 1.35
P OMG A 6 -5.93 -5.04 4.37
OP1 OMG A 6 -6.53 -6.21 5.08
OP2 OMG A 6 -6.25 -3.67 4.82
O5' OMG A 6 -4.36 -5.21 4.36
C5' OMG A 6 -3.76 -6.51 4.35
C4' OMG A 6 -2.34 -6.43 4.84
O4' OMG A 6 -1.51 -5.84 3.80
C3' OMG A 6 -2.11 -5.53 6.05
O3' OMG A 6 -2.35 -6.21 7.26
C2' OMG A 6 -0.64 -5.13 5.89
O2' OMG A 6 0.21 -6.17 6.33
CM2 OMG A 6 1.57 -5.87 6.33
C1' OMG A 6 -0.52 -5.01 4.38
N9 OMG A 6 -0.73 -3.65 3.90
C8 OMG A 6 -1.89 -3.09 3.44
N7 OMG A 6 -1.76 -1.85 3.07
C5 OMG A 6 -0.42 -1.56 3.30
C6 OMG A 6 0.31 -0.37 3.09
O6 OMG A 6 -0.08 0.72 2.64
N1 OMG A 6 1.65 -0.51 3.46
C2 OMG A 6 2.20 -1.66 3.96
N2 OMG A 6 3.51 -1.62 4.26
N3 OMG A 6 1.52 -2.79 4.16
C4 OMG A 6 0.23 -2.66 3.81
H5' OMG A 6 -3.77 -6.90 3.33
H5'' OMG A 6 -4.32 -7.18 5.00
H4' OMG A 6 -2.02 -7.43 5.13
H3' OMG A 6 -2.78 -4.67 6.04
H2' OMG A 6 -0.45 -4.19 6.40
HM21 OMG A 6 1.73 -4.80 6.53
HM22 OMG A 6 2.10 -6.43 7.09
HM23 OMG A 6 2.02 -6.09 5.36
H1' OMG A 6 0.44 -5.35 4.02
H8 OMG A 6 -2.84 -3.63 3.39
HN1 OMG A 6 2.26 0.28 3.35
HN21 OMG A 6 4.03 -0.76 4.10
HN22 OMG A 6 3.97 -2.43 4.63
N1 PSU A 9 -1.81 4.72 10.57
C2 PSU A 9 -3.10 5.12 10.29
N3 PSU A 9 -3.40 6.40 10.68
C4 PSU A 9 -2.57 7.29 11.33
C5 PSU A 9 -1.25 6.79 11.58
C6 PSU A 9 -0.92 5.56 11.19
O2 PSU A 9 -3.90 4.40 9.73
O4 PSU A 9 -2.98 8.41 11.62
C1' PSU A 9 -0.26 7.70 12.28
C2' PSU A 9 -0.86 8.43 13.48
O2' PSU A 9 -0.19 9.65 13.65
C3' PSU A 9 -0.55 7.46 14.61
C4' PSU A 9 0.85 7.00 14.24
O3' PSU A 9 -0.58 8.08 15.89
O4' PSU A 9 0.82 6.90 12.79
C5' PSU A 9 1.25 5.66 14.83
O5' PSU A 9 0.18 4.72 14.72
P PSU A 9 -0.15 3.71 15.90
OP1 PSU A 9 0.50 4.20 17.13
OP2 PSU A 9 -1.63 3.47 15.89
HN1 PSU A 9 -1.52 3.78 10.33
HN3 PSU A 9 -4.34 6.70 10.48
H6 PSU A 9 0.09 5.20 11.38
H1' PSU A 9 0.18 8.38 11.56
H2' PSU A 9 -1.94 8.56 13.37
HO2' PSU A 9 0.66 9.46 14.07
H3' PSU A 9 -1.25 6.62 14.65
H4' PSU A 9 1.54 7.74 14.63
H5' PSU A 9 2.13 5.28 14.29
H5'' PSU A 9 1.52 5.80 15.87
P OMG A 13 -4.56 9.75 2.45
OP1 OMG A 13 -5.03 9.51 1.07
OP2 OMG A 13 -5.06 8.89 3.56
O5' OMG A 13 -2.98 9.71 2.46
C5' OMG A 13 -2.21 10.89 2.22
C4' OMG A 13 -0.90 10.81 2.96
O4' OMG A 13 -1.15 10.35 4.31
C3' OMG A 13 0.10 9.82 2.37
O3' OMG A 13 0.96 10.43 1.42
C2' OMG A 13 0.87 9.34 3.60
O2' OMG A 13 1.83 10.30 4.01
CM2 OMG A 13 2.49 10.03 5.21
C1' OMG A 13 -0.26 9.30 4.64
N9 OMG A 13 -1.01 8.04 4.64
C8 OMG A 13 -1.99 7.65 3.77
N7 OMG A 13 -2.48 6.48 4.03
C5 OMG A 13 -1.78 6.06 5.16
C6 OMG A 13 -1.86 4.87 5.91
O6 OMG A 13 -2.61 3.89 5.73
N1 OMG A 13 -0.96 4.85 6.97
C2 OMG A 13 -0.09 5.87 7.27
N2 OMG A 13 0.70 5.68 8.33
N3 OMG A 13 0.01 6.99 6.58
C4 OMG A 13 -0.86 7.02 5.54
H5' OMG A 13 -2.76 11.77 2.57
H5'' OMG A 13 -2.01 10.99 1.16
H4' OMG A 13 -0.43 11.80 2.91
H3' OMG A 13 -0.39 9.01 1.84
H2' OMG A 13 1.29 8.36 3.43
HM21 OMG A 13 2.00 10.54 6.05
HM22 OMG A 13 3.52 10.37 5.17
HM23 OMG A 13 2.50 8.96 5.43
H1' OMG A 13 0.11 9.48 5.65
H8 OMG A 13 -2.32 8.26 2.93
HN1 OMG A 13 -0.95 4.05 7.57
HN21 OMG A 13 0.63 4.82 8.86
HN22 OMG A 13 1.37 6.39 8.61
P OMG A 19 3.67 -11.99 -8.16
OP1 OMG A 19 3.98 -13.43 -8.32
OP2 OMG A 19 4.77 -11.03 -7.84
O5' OMG A 19 2.92 -11.48 -9.47
C5' OMG A 19 1.99 -12.30 -10.15
C4' OMG A 19 1.17 -11.47 -11.11
O4' OMG A 19 0.54 -10.39 -10.38
C3' OMG A 19 1.96 -10.79 -12.22
O3' OMG A 19 2.14 -11.64 -13.34
C2' OMG A 19 1.08 -9.59 -12.54
O2' OMG A 19 -0.03 -9.96 -13.34
CM2 OMG A 19 -0.97 -8.98 -13.59
C1' OMG A 19 0.58 -9.20 -11.15
N9 OMG A 19 1.44 -8.24 -10.46
C8 OMG A 19 2.42 -8.51 -9.55
N7 OMG A 19 3.02 -7.43 -9.11
C5 OMG A 19 2.39 -6.40 -9.77
C6 OMG A 19 2.61 -5.00 -9.71
O6 OMG A 19 3.43 -4.38 -9.02
N1 OMG A 19 1.75 -4.30 -10.54
C2 OMG A 19 0.80 -4.88 -11.35
N2 OMG A 19 0.07 -4.04 -12.10
N3 OMG A 19 0.59 -6.18 -11.43
C4 OMG A 19 1.41 -6.87 -10.62
H5' OMG A 19 1.32 -12.77 -9.42
H5'' OMG A 19 2.51 -13.08 -10.71
H4' OMG A 19 0.45 -12.15 -11.60
H3' OMG A 19 2.95 -10.51 -11.89
H2' OMG A 19 1.67 -8.79 -12.99
HM21 OMG A 19 -1.39 -9.08 -14.59
HM22 OMG A 19 -1.79 -9.03 -12.88
HM23 OMG A 19 -0.53 -7.98 -13.51
H1' OMG A 19 -0.43 -8.80 -11.17
H8 OMG A 19 2.68 -9.51 -9.23
HN1 OMG A 19 1.82 -3.29 -10.57
HN21 OMG A 19 0.23 -3.04 -12.04
HN22 OMG A 19 -0.65 -4.40 -12.72
N1 PSU A 1 6.28 1.75 -9.94
C2 PSU A 1 5.86 0.53 -10.42
N3 PSU A 1 4.96 0.59 -11.46
C4 PSU A 1 4.44 1.73 -12.03
C5 PSU A 1 4.93 2.95 -11.47
C6 PSU A 1 5.81 2.93 -10.47
O2 PSU A 1 6.26 -0.53 -9.98
O4 PSU A 1 3.63 1.63 -12.96
C1' PSU A 1 4.41 4.26 -12.05
C2' PSU A 1 2.92 4.49 -11.82
O2' PSU A 1 2.42 5.31 -12.85
C3' PSU A 1 2.93 5.22 -10.48
C4' PSU A 1 4.18 6.09 -10.58
O3' PSU A 1 1.77 6.02 -10.30
O4' PSU A 1 5.09 5.34 -11.45
C5' PSU A 1 4.88 6.36 -9.27
O5' PSU A 1 5.05 5.15 -8.53
HN1 PSU A 1 6.94 1.79 -9.17
HN3 PSU A 1 4.64 -0.29 -11.83
H6 PSU A 1 6.15 3.88 -10.05
H1' PSU A 1 4.65 4.29 -13.11
H2' PSU A 1 2.38 3.54 -11.73
HO2' PSU A 1 1.66 4.87 -13.23
H3' PSU A 1 2.97 4.55 -9.63
H4' PSU A 1 3.88 7.04 -11.00
H5' PSU A 1 5.86 6.80 -9.47
H5'' PSU A 1 4.29 7.06 -8.70
HO5' PSU A 1 4.83 5.34 -7.61
P OMG A 5 -8.68 -1.80 -0.96
OP1 OMG A 5 -10.08 -1.74 -0.44
OP2 OMG A 5 -7.74 -0.69 -0.68
O5' OMG A 5 -8.01 -3.15 -0.43
C5' OMG A 5 -7.16 -3.14 0.71
C4' OMG A 5 -6.33 -4.40 0.75
O4' OMG A 5 -5.32 -4.31 -0.29
C3' OMG A 5 -5.54 -4.62 2.04
O3' OMG A 5 -6.30 -5.35 2.99
C2' OMG A 5 -4.32 -5.39 1.57
O2' OMG A 5 -4.62 -6.75 1.34
CM2 OMG A 5 -3.54 -7.57 1.06
C1' OMG A 5 -4.06 -4.72 0.22
N9 OMG A 5 -3.20 -3.55 0.31
C8 OMG A 5 -3.54 -2.24 0.05
N7 OMG A 5 -2.56 -1.40 0.22
C5 OMG A 5 -1.49 -2.21 0.61
C6 OMG A 5 -0.16 -1.87 0.95
O6 OMG A 5 0.38 -0.75 0.95
N1 OMG A 5 0.59 -2.99 1.29
C2 OMG A 5 0.11 -4.28 1.32
N2 OMG A 5 0.98 -5.23 1.69
N3 OMG A 5 -1.13 -4.61 1.01
C4 OMG A 5 -1.87 -3.53 0.67
H5' OMG A 5 -7.76 -3.09 1.62
H5'' OMG A 5 -6.51 -2.27 0.68
H4' OMG A 5 -7.00 -5.25 0.64
H3' OMG A 5 -5.28 -3.67 2.52
H2' OMG A 5 -3.49 -5.25 2.25
HM21 OMG A 5 -2.66 -7.26 1.64
HM22 OMG A 5 -3.28 -7.53 0.00
HM23 OMG A 5 -3.75 -8.61 1.32
H1' OMG A 5 -3.63 -5.41 -0.51
H8 OMG A 5 -4.54 -1.94 -0.25
HN1 OMG A 5 1.56 -2.86 1.55
HN21 OMG A 5 1.93 -4.98 1.92
HN22 OMG A 5 0.69 -6.19 1.72
P OMG A 6 -5.94 -5.24 4.56
OP1 OMG A 6 -6.46 -6.45 5.24
OP2 OMG A 6 -6.35 -3.90 5.01
O5' OMG A 6 -4.34 -5.31 4.59
C5' OMG A 6 -3.66 -6.55 4.61
C4' OMG A 6 -2.26 -6.37 5.13
O4' OMG A 6 -1.45 -5.69 4.14
C3' OMG A 6 -2.12 -5.47 6.36
O3' OMG A 6 -2.42 -6.17 7.57
C2' OMG A 6 -0.67 -5.03 6.29
O2' OMG A 6 0.19 -6.03 6.80
CM2 OMG A 6 1.56 -5.78 6.70
C1' OMG A 6 -0.44 -4.93 4.78
N9 OMG A 6 -0.50 -3.57 4.27
C8 OMG A 6 -1.59 -2.92 3.74
N7 OMG A 6 -1.33 -1.70 3.38
C5 OMG A 6 0.01 -1.52 3.68
C6 OMG A 6 0.86 -0.40 3.51
O6 OMG A 6 0.60 0.71 3.04
N1 OMG A 6 2.16 -0.66 3.95
C2 OMG A 6 2.58 -1.86 4.49
N2 OMG A 6 3.87 -1.91 4.86
N3 OMG A 6 1.80 -2.91 4.66
C4 OMG A 6 0.55 -2.67 4.23
H5' OMG A 6 -3.61 -6.97 3.61
H5'' OMG A 6 -4.19 -7.25 5.26
H4' OMG A 6 -1.87 -7.35 5.42
H3' OMG A 6 -2.82 -4.63 6.32
H2' OMG A 6 -0.54 -4.06 6.78
HM21 OMG A 6 1.76 -4.72 6.59
HM22 OMG A 6 2.09 -6.14 7.58
HM23 OMG A 6 1.98 -6.29 5.83
H1' OMG A 6 0.52 -5.36 4.48
H8 OMG A 6 -2.57 -3.37 3.65
HN1 OMG A 6 2.85 0.07 3.88
HN21 OMG A 6 4.46 -1.11 4.74
HN22 OMG A 6 4.23 -2.77 5.27
N1 PSU A 9 -2.00 4.76 9.88
C2 PSU A 9 -1.88 5.65 8.83
N3 PSU A 9 -1.04 6.71 9.07
C4 PSU A 9 -0.34 6.97 10.23
C5 PSU A 9 -0.53 6.01 11.27
C6 PSU A 9 -1.34 4.96 11.06
O2 PSU A 9 -2.46 5.51 7.76
O4 PSU A 9 0.37 7.98 10.30
C1' PSU A 9 0.18 6.24 12.58
C2' PSU A 9 -0.07 7.62 13.17
O2' PSU A 9 1.10 8.07 13.82
C3' PSU A 9 -1.17 7.32 14.18
C4' PSU A 9 -0.74 5.97 14.72
O3' PSU A 9 -1.26 8.30 15.21
O4' PSU A 9 -0.27 5.28 13.54
C5' PSU A 9 -1.83 5.16 15.39
O5' PSU A 9 -1.51 3.77 15.36
P PSU A 9 -0.79 3.09 16.60
OP1 PSU A 9 0.38 3.91 16.99
OP2 PSU A 9 -1.82 2.77 17.62
HN1 PSU A 9 -2.62 3.98 9.78
HN3 PSU A 9 -0.93 7.38 8.32
H6 PSU A 9 -1.45 4.22 11.85
H1' PSU A 9 1.25 6.05 12.44
H2' PSU A 9 -0.42 8.32 12.41
HO2' PSU A 9 1.34 8.91 13.45
H3' PSU A 9 -2.16 7.28 13.72
H4' PSU A 9 0.03 6.16 15.46
H5' PSU A 9 -1.95 5.49 16.42
H5'' PSU A 9 -2.77 5.32 14.87
P OMG A 13 -1.51 10.47 1.71
OP1 OMG A 13 -1.77 11.72 0.96
OP2 OMG A 13 -1.02 9.27 0.99
O5' OMG A 13 -0.47 10.79 2.88
C5' OMG A 13 0.58 11.73 2.70
C4' OMG A 13 1.77 11.35 3.53
O4' OMG A 13 1.31 10.85 4.82
C3' OMG A 13 2.64 10.22 2.97
O3' OMG A 13 3.63 10.71 2.10
C2' OMG A 13 3.22 9.60 4.23
O2' OMG A 13 4.28 10.40 4.74
CM2 OMG A 13 4.78 10.05 5.99
C1' OMG A 13 2.03 9.69 5.18
N9 OMG A 13 1.14 8.54 5.11
C8 OMG A 13 0.19 8.27 4.15
N7 OMG A 13 -0.46 7.16 4.37
C5 OMG A 13 0.09 6.67 5.55
C6 OMG A 13 -0.22 5.51 6.29
O6 OMG A 13 -1.06 4.63 6.04
N1 OMG A 13 0.58 5.40 7.43
C2 OMG A 13 1.54 6.30 7.81
N2 OMG A 13 2.20 6.01 8.94
N3 OMG A 13 1.83 7.39 7.13
C4 OMG A 13 1.07 7.51 6.02
H5' OMG A 13 0.24 12.73 3.00
H5'' OMG A 13 0.87 11.76 1.65
H4' OMG A 13 2.42 12.22 3.62
H3' OMG A 13 2.03 9.52 2.40
H2' OMG A 13 3.52 8.57 4.04
HM21 OMG A 13 5.86 10.23 6.04
HM22 OMG A 13 4.61 9.00 6.20
HM23 OMG A 13 4.30 10.64 6.77
H1' OMG A 13 2.34 9.81 6.23
H8 OMG A 13 0.03 8.90 3.30
HN1 OMG A 13 0.43 4.60 8.03
HN21 OMG A 13 1.97 5.18 9.46
HN22 OMG A 13 2.92 6.64 9.27
P OMG A 19 3.96 -11.67 -8.23
OP1 OMG A 19 4.29 -13.10 -8.47
OP2 OMG A 19 5.05 -10.69 -8.01
O5' OMG A 19 3.08 -11.15 -9.46
C5' OMG A 19 2.08 -11.97 -10.05
C4' OMG A 19 1.21 -11.16 -10.98
O4' OMG A 19 0.70 -10.01 -10.27
C3' OMG A 19 1.94 -10.56 -12.18
O3' OMG A 19 2.05 -11.50 -13.24
C2' OMG A 19 1.04 -9.38 -12.55
O2' OMG A 19 -0.10 -9.81 -13.28
CM2 OMG A 19 -1.06 -8.86 -13.55
C1' OMG A 19 0.58 -8.92 -11.16
N9 OMG A 19 1.36 -7.81 -10.64
C8 OMG A 19 2.43 -7.87 -9.77
N7 OMG A 19 2.93 -6.71 -9.48
C5 OMG A 19 2.15 -5.81 -10.18
C6 OMG A 19 2.21 -4.39 -10.26
O6 OMG A 19 2.99 -3.63 -9.69
N1 OMG A 19 1.22 -3.88 -11.09
C2 OMG A 19 0.29 -4.63 -11.76
N2 OMG A 19 -0.57 -3.95 -12.53
N3 OMG A 19 0.22 -5.96 -11.71
C4 OMG A 19 1.17 -6.47 -10.90
H5' OMG A 19 1.45 -12.40 -9.26
H5'' OMG A 19 2.54 -12.78 -10.60
H4' OMG A 19 0.44 -11.83 -11.37
H3' OMG A 19 2.95 -10.26 -11.93
H2' OMG A 19 1.60 -8.62 -13.06
HM21 OMG A 19 -1.87 -8.90 -12.82
HM22 OMG A 19 -0.64 -7.85 -13.52
HM23 OMG A 19 -1.49 -9.01 -14.54
H1' OMG A 19 -0.47 -8.61 -11.15
H8 OMG A 19 2.83 -8.81 -9.39
HN1 OMG A 19 1.18 -2.88 -11.21
HN21 OMG A 19 -0.53 -2.95 -12.57
HN22 OMG A 19 -1.29 -4.44 -13.05
#